data_8GHC
#
_entry.id   8GHC
#
_cell.length_a   1.00
_cell.length_b   1.00
_cell.length_c   1.00
_cell.angle_alpha   90.00
_cell.angle_beta   90.00
_cell.angle_gamma   90.00
#
_symmetry.space_group_name_H-M   'P 1'
#
loop_
_entity.id
_entity.type
_entity.pdbx_description
1 polymer 'Polyunsaturated fatty acid lipoxygenase ALOX12'
2 non-polymer 'FE (II) ION'
#
_entity_poly.entity_id   1
_entity_poly.type   'polypeptide(L)'
_entity_poly.pdbx_seq_one_letter_code
;MHHHHHHGRYRIRVATGAWLFSGSYNRVQLWLVGTRGEAELELQLRPARGEEEEFDHDVAEDLGLLQFVRLRKHHWLVDD
AWFCDRITVQGPGACAEVAFPCYRWVQGEDILSLPEGTARLPGDNALDMFQKHREKELKDRQQIYCWATWKEGLPLTIAA
DRKDDLPPNMRFHEEKRLDFEWTLKAGALEMALKRVYTLLSSWNCLEDFDQIFWGQKSALAEKVRQCWQDDELFSYQFLN
GANPMLLRRSTSLPSRLVLPSGMEELQAQLEKELQNGSLFEADFILLDGIPANVIRGEKQYLAAPLVMLKMEPNGKLQPM
VIQIQPPSPSSPTPTLFLPSDPPLAWLLAKSWVRNSDFQLHEIQYHLLNTHLVAEVIAVATMRCLPGLHPIFKFLIPHIR
YTMEINTRARTQLISDGGIFDKAVSTGGGGHVQLLRRAAAQLTYCSLCPPDDLADRGLLGLPGALYAHDALRLWEIIARY
VEGIVHLFYQRDDIVKGDPELQAWCREITEVGLCQAQDRGFPVSFQSQSQLCHFLTMCVFTCTAQHAAINQGQLDWYAWV
PNAPCTMRMPPPTTKEDVTMATVMGSLPDVRQACLQMAISWHLSRRQPDMVPLGHHKEKYFSGPKPKAVLNQFRTDLEKL
EKEITARNEQLDWPYEYLKPSCIENSVTI
;
_entity_poly.pdbx_strand_id   A,B
#
loop_
_chem_comp.id
_chem_comp.type
_chem_comp.name
_chem_comp.formula
FE2 non-polymer 'FE (II) ION' 'Fe 2'
#
# COMPACT_ATOMS: atom_id res chain seq x y z
N GLY A 8 -32.34 -0.42 60.95
CA GLY A 8 -30.95 -0.17 60.62
C GLY A 8 -30.47 -0.97 59.43
N ARG A 9 -31.35 -1.16 58.45
CA ARG A 9 -31.02 -1.91 57.26
C ARG A 9 -30.27 -1.02 56.28
N TYR A 10 -29.05 -1.41 55.92
CA TYR A 10 -28.22 -0.68 54.97
C TYR A 10 -28.07 -1.49 53.70
N ARG A 11 -28.34 -0.83 52.58
CA ARG A 11 -28.27 -1.39 51.24
C ARG A 11 -26.92 -1.00 50.65
N ILE A 12 -26.08 -1.98 50.32
CA ILE A 12 -24.75 -1.70 49.81
C ILE A 12 -24.64 -2.28 48.40
N ARG A 13 -24.54 -1.42 47.41
CA ARG A 13 -24.33 -1.84 46.04
C ARG A 13 -22.88 -1.59 45.68
N VAL A 14 -22.12 -2.67 45.57
CA VAL A 14 -20.72 -2.60 45.22
C VAL A 14 -20.61 -2.76 43.70
N ALA A 15 -20.29 -1.68 43.00
CA ALA A 15 -20.08 -1.71 41.57
C ALA A 15 -18.59 -1.94 41.34
N THR A 16 -18.29 -3.01 40.60
CA THR A 16 -16.94 -3.48 40.33
C THR A 16 -16.56 -3.16 38.90
N GLY A 17 -15.44 -2.44 38.73
CA GLY A 17 -14.95 -2.18 37.39
C GLY A 17 -14.30 -3.39 36.76
N ALA A 18 -13.40 -4.04 37.48
CA ALA A 18 -12.69 -5.18 36.93
C ALA A 18 -12.29 -6.11 38.05
N TRP A 19 -12.01 -7.35 37.70
CA TRP A 19 -11.52 -8.30 38.69
C TRP A 19 -10.78 -9.42 37.98
N LEU A 20 -9.75 -9.92 38.65
CA LEU A 20 -9.06 -11.14 38.25
C LEU A 20 -9.02 -11.99 39.51
N PHE A 21 -9.94 -12.95 39.59
CA PHE A 21 -10.09 -13.80 40.76
C PHE A 21 -9.65 -15.21 40.39
N SER A 22 -8.64 -15.71 41.09
CA SER A 22 -8.19 -17.08 40.85
C SER A 22 -9.20 -18.09 41.39
N GLY A 23 -9.81 -17.79 42.53
CA GLY A 23 -10.86 -18.60 43.08
C GLY A 23 -12.22 -17.94 42.95
N SER A 24 -13.20 -18.51 43.65
CA SER A 24 -14.54 -17.97 43.68
C SER A 24 -14.93 -17.51 45.07
N TYR A 25 -13.98 -17.40 45.99
CA TYR A 25 -14.23 -17.02 47.37
C TYR A 25 -13.27 -15.90 47.74
N ASN A 26 -13.67 -14.67 47.48
CA ASN A 26 -12.90 -13.48 47.84
C ASN A 26 -13.75 -12.58 48.71
N ARG A 27 -13.24 -12.23 49.87
CA ARG A 27 -14.00 -11.50 50.87
C ARG A 27 -13.38 -10.13 51.11
N VAL A 28 -14.24 -9.16 51.35
CA VAL A 28 -13.85 -7.78 51.61
C VAL A 28 -14.47 -7.36 52.93
N GLN A 29 -13.63 -6.94 53.86
CA GLN A 29 -14.14 -6.27 55.05
C GLN A 29 -14.47 -4.84 54.68
N LEU A 30 -15.66 -4.41 55.06
CA LEU A 30 -16.15 -3.08 54.77
C LEU A 30 -16.51 -2.39 56.08
N TRP A 31 -16.30 -1.09 56.11
CA TRP A 31 -16.64 -0.26 57.26
C TRP A 31 -17.50 0.87 56.78
N LEU A 32 -18.68 1.02 57.40
CA LEU A 32 -19.60 2.11 57.08
C LEU A 32 -19.40 3.23 58.10
N VAL A 33 -18.36 4.04 57.86
CA VAL A 33 -17.96 5.07 58.80
C VAL A 33 -18.91 6.25 58.65
N GLY A 34 -19.69 6.52 59.70
CA GLY A 34 -20.56 7.67 59.75
C GLY A 34 -20.03 8.74 60.69
N THR A 35 -20.92 9.68 61.01
CA THR A 35 -20.54 10.74 61.93
C THR A 35 -20.47 10.26 63.37
N ARG A 36 -21.30 9.30 63.75
CA ARG A 36 -21.40 8.84 65.12
C ARG A 36 -20.74 7.49 65.37
N GLY A 37 -20.23 6.83 64.33
CA GLY A 37 -19.60 5.55 64.52
C GLY A 37 -19.41 4.85 63.19
N GLU A 38 -18.97 3.60 63.27
CA GLU A 38 -18.76 2.78 62.10
C GLU A 38 -19.29 1.38 62.37
N ALA A 39 -19.55 0.64 61.29
CA ALA A 39 -20.06 -0.72 61.38
C ALA A 39 -19.15 -1.65 60.61
N GLU A 40 -18.77 -2.76 61.24
CA GLU A 40 -17.93 -3.78 60.62
C GLU A 40 -18.80 -4.76 59.85
N LEU A 41 -18.57 -4.88 58.56
CA LEU A 41 -19.35 -5.76 57.70
C LEU A 41 -18.40 -6.62 56.87
N GLU A 42 -18.89 -7.78 56.46
CA GLU A 42 -18.13 -8.70 55.63
C GLU A 42 -18.91 -8.99 54.36
N LEU A 43 -18.28 -8.76 53.21
CA LEU A 43 -18.91 -9.01 51.93
C LEU A 43 -18.13 -10.08 51.18
N GLN A 44 -18.85 -10.84 50.36
CA GLN A 44 -18.24 -11.86 49.52
C GLN A 44 -18.41 -11.43 48.07
N LEU A 45 -17.29 -11.10 47.42
CA LEU A 45 -17.34 -10.53 46.09
C LEU A 45 -17.55 -11.61 45.04
N ARG A 46 -18.66 -11.50 44.31
CA ARG A 46 -18.93 -12.34 43.14
C ARG A 46 -19.30 -11.40 42.01
N PRO A 47 -18.31 -10.80 41.35
CA PRO A 47 -18.61 -9.78 40.34
C PRO A 47 -19.13 -10.39 39.06
N ALA A 48 -20.03 -9.64 38.41
CA ALA A 48 -20.57 -10.01 37.12
C ALA A 48 -20.37 -8.86 36.14
N ARG A 49 -20.24 -9.20 34.87
CA ARG A 49 -20.06 -8.20 33.84
C ARG A 49 -21.39 -7.49 33.57
N GLY A 50 -21.37 -6.16 33.66
CA GLY A 50 -22.58 -5.40 33.44
C GLY A 50 -23.54 -5.34 34.60
N GLU A 51 -23.16 -5.89 35.76
CA GLU A 51 -24.03 -5.90 36.92
C GLU A 51 -23.21 -5.56 38.15
N GLU A 52 -23.88 -5.09 39.18
CA GLU A 52 -23.23 -4.67 40.41
C GLU A 52 -23.84 -5.41 41.59
N GLU A 53 -23.00 -5.68 42.59
CA GLU A 53 -23.39 -6.61 43.63
C GLU A 53 -24.24 -5.91 44.68
N GLU A 54 -25.13 -6.69 45.29
CA GLU A 54 -26.20 -6.18 46.13
C GLU A 54 -25.99 -6.78 47.51
N PHE A 55 -26.04 -5.96 48.55
CA PHE A 55 -25.86 -6.44 49.91
C PHE A 55 -26.81 -5.74 50.85
N ASP A 56 -27.13 -6.40 51.94
CA ASP A 56 -27.95 -5.85 52.99
C ASP A 56 -27.31 -6.18 54.32
N HIS A 57 -27.25 -5.20 55.20
CA HIS A 57 -26.74 -5.46 56.54
C HIS A 57 -27.49 -4.65 57.57
N ASP A 58 -27.85 -5.31 58.67
CA ASP A 58 -28.51 -4.63 59.77
C ASP A 58 -27.46 -4.22 60.80
N VAL A 59 -27.49 -2.96 61.19
CA VAL A 59 -26.58 -2.44 62.19
C VAL A 59 -27.39 -2.15 63.46
N ALA A 60 -26.68 -1.95 64.56
CA ALA A 60 -27.29 -1.59 65.83
C ALA A 60 -26.95 -0.18 66.26
N GLU A 61 -25.71 0.24 66.03
CA GLU A 61 -25.29 1.59 66.36
C GLU A 61 -25.78 2.55 65.29
N ASP A 62 -26.33 3.69 65.72
CA ASP A 62 -26.77 4.71 64.79
C ASP A 62 -25.54 5.41 64.23
N LEU A 63 -25.23 5.14 62.96
CA LEU A 63 -24.03 5.69 62.34
C LEU A 63 -24.19 7.16 61.97
N GLY A 64 -25.43 7.64 61.88
CA GLY A 64 -25.64 9.02 61.46
C GLY A 64 -25.41 9.19 59.98
N LEU A 65 -24.92 10.37 59.61
CA LEU A 65 -24.62 10.65 58.22
C LEU A 65 -23.35 9.93 57.80
N LEU A 66 -23.44 9.11 56.76
CA LEU A 66 -22.28 8.34 56.32
C LEU A 66 -21.27 9.23 55.63
N GLN A 67 -20.02 9.01 55.94
CA GLN A 67 -18.93 9.80 55.42
C GLN A 67 -17.90 8.98 54.69
N PHE A 68 -17.61 7.78 55.17
CA PHE A 68 -16.57 6.96 54.58
C PHE A 68 -17.06 5.54 54.44
N VAL A 69 -16.48 4.84 53.47
CA VAL A 69 -16.56 3.40 53.34
C VAL A 69 -15.12 2.90 53.29
N ARG A 70 -14.75 2.06 54.22
CA ARG A 70 -13.39 1.54 54.27
C ARG A 70 -13.39 0.09 53.80
N LEU A 71 -12.38 -0.29 53.03
CA LEU A 71 -12.29 -1.60 52.40
C LEU A 71 -10.97 -2.25 52.73
N ARG A 72 -11.00 -3.52 53.10
CA ARG A 72 -9.80 -4.34 53.13
C ARG A 72 -10.11 -5.67 52.47
N LYS A 73 -9.12 -6.22 51.80
CA LYS A 73 -9.26 -7.52 51.16
C LYS A 73 -8.83 -8.59 52.16
N HIS A 74 -9.80 -9.35 52.67
CA HIS A 74 -9.56 -10.30 53.75
C HIS A 74 -8.97 -11.58 53.17
N HIS A 75 -7.66 -11.74 53.32
CA HIS A 75 -6.91 -12.96 52.99
C HIS A 75 -7.09 -13.34 51.51
N TRP A 76 -6.68 -12.42 50.65
CA TRP A 76 -6.75 -12.64 49.22
C TRP A 76 -5.45 -13.27 48.72
N LEU A 77 -5.52 -13.84 47.53
CA LEU A 77 -4.35 -14.42 46.92
C LEU A 77 -3.45 -13.33 46.37
N VAL A 78 -2.22 -13.71 46.03
CA VAL A 78 -1.24 -12.72 45.56
C VAL A 78 -1.61 -12.19 44.18
N ASP A 79 -2.12 -13.06 43.30
CA ASP A 79 -2.43 -12.66 41.93
C ASP A 79 -3.82 -12.09 41.76
N ASP A 80 -4.69 -12.16 42.78
CA ASP A 80 -6.05 -11.67 42.63
C ASP A 80 -6.06 -10.15 42.68
N ALA A 81 -6.84 -9.56 41.78
CA ALA A 81 -6.92 -8.11 41.65
C ALA A 81 -8.38 -7.69 41.59
N TRP A 82 -8.67 -6.54 42.20
CA TRP A 82 -10.01 -6.00 42.21
C TRP A 82 -9.93 -4.52 41.86
N PHE A 83 -10.72 -4.10 40.91
CA PHE A 83 -10.88 -2.70 40.53
C PHE A 83 -12.29 -2.34 40.91
N CYS A 84 -12.43 -1.64 42.03
CA CYS A 84 -13.73 -1.22 42.50
C CYS A 84 -14.12 0.07 41.80
N ASP A 85 -15.34 0.10 41.27
CA ASP A 85 -15.85 1.32 40.66
C ASP A 85 -16.39 2.26 41.73
N ARG A 86 -17.43 1.83 42.42
CA ARG A 86 -18.04 2.68 43.43
C ARG A 86 -18.80 1.81 44.40
N ILE A 87 -19.16 2.38 45.53
CA ILE A 87 -19.98 1.71 46.53
C ILE A 87 -21.08 2.67 46.93
N THR A 88 -22.32 2.26 46.75
CA THR A 88 -23.44 3.12 47.12
C THR A 88 -24.20 2.48 48.28
N VAL A 89 -24.41 3.26 49.33
CA VAL A 89 -25.05 2.78 50.55
C VAL A 89 -26.34 3.56 50.73
N GLN A 90 -27.42 2.84 51.00
CA GLN A 90 -28.71 3.44 51.31
C GLN A 90 -29.06 3.12 52.74
N GLY A 91 -29.43 4.15 53.51
CA GLY A 91 -29.67 3.98 54.92
C GLY A 91 -31.04 3.39 55.21
N PRO A 92 -31.34 3.31 56.50
CA PRO A 92 -32.61 2.67 56.90
C PRO A 92 -33.84 3.52 56.61
N GLY A 93 -33.71 4.83 56.56
CA GLY A 93 -34.84 5.73 56.35
C GLY A 93 -35.15 5.94 54.89
N ALA A 94 -35.85 7.05 54.62
CA ALA A 94 -36.21 7.41 53.27
C ALA A 94 -35.20 8.34 52.62
N CYS A 95 -33.95 8.31 53.09
CA CYS A 95 -32.89 9.13 52.52
C CYS A 95 -32.42 8.54 51.19
N ALA A 96 -31.71 9.37 50.44
CA ALA A 96 -31.20 8.95 49.14
C ALA A 96 -29.97 8.06 49.30
N GLU A 97 -29.57 7.44 48.19
CA GLU A 97 -28.36 6.63 48.20
C GLU A 97 -27.13 7.53 48.28
N VAL A 98 -26.12 7.05 48.96
CA VAL A 98 -24.90 7.76 49.26
C VAL A 98 -23.77 7.10 48.48
N ALA A 99 -23.09 7.87 47.64
CA ALA A 99 -22.09 7.31 46.73
C ALA A 99 -20.70 7.46 47.31
N PHE A 100 -19.88 6.43 47.10
CA PHE A 100 -18.49 6.40 47.53
C PHE A 100 -17.70 5.95 46.31
N PRO A 101 -17.26 6.88 45.47
CA PRO A 101 -16.51 6.49 44.27
C PRO A 101 -15.12 6.01 44.62
N CYS A 102 -14.74 4.87 44.06
CA CYS A 102 -13.39 4.38 44.20
C CYS A 102 -12.64 4.47 42.88
N TYR A 103 -13.16 3.80 41.85
CA TYR A 103 -12.56 3.67 40.51
C TYR A 103 -11.07 3.44 40.59
N ARG A 104 -10.70 2.44 41.37
CA ARG A 104 -9.30 2.18 41.68
C ARG A 104 -9.10 0.71 41.98
N TRP A 105 -7.87 0.26 41.77
CA TRP A 105 -7.48 -1.08 42.15
C TRP A 105 -7.29 -1.11 43.66
N VAL A 106 -8.04 -1.98 44.33
CA VAL A 106 -7.86 -2.21 45.74
C VAL A 106 -6.74 -3.25 45.87
N GLN A 107 -5.63 -2.85 46.47
CA GLN A 107 -4.44 -3.67 46.48
C GLN A 107 -3.81 -3.64 47.86
N GLY A 108 -3.03 -4.69 48.14
CA GLY A 108 -2.33 -4.79 49.40
C GLY A 108 -3.24 -5.18 50.54
N GLU A 109 -2.64 -5.25 51.73
CA GLU A 109 -3.36 -5.55 52.95
C GLU A 109 -3.79 -4.30 53.70
N ASP A 110 -3.52 -3.12 53.17
CA ASP A 110 -3.91 -1.90 53.86
C ASP A 110 -5.38 -1.61 53.64
N ILE A 111 -5.93 -0.76 54.50
CA ILE A 111 -7.32 -0.34 54.42
C ILE A 111 -7.40 0.83 53.45
N LEU A 112 -8.29 0.73 52.48
CA LEU A 112 -8.57 1.80 51.54
C LEU A 112 -9.82 2.54 51.99
N SER A 113 -9.70 3.84 52.21
CA SER A 113 -10.80 4.65 52.68
C SER A 113 -11.37 5.43 51.51
N LEU A 114 -12.67 5.29 51.28
CA LEU A 114 -13.36 5.99 50.24
C LEU A 114 -14.29 7.01 50.88
N PRO A 115 -14.09 8.29 50.71
CA PRO A 115 -15.00 9.27 51.28
C PRO A 115 -16.29 9.33 50.51
N GLU A 116 -17.24 10.02 51.11
CA GLU A 116 -18.52 10.28 50.47
C GLU A 116 -18.32 11.14 49.23
N GLY A 117 -19.14 10.87 48.21
CA GLY A 117 -18.88 11.34 46.86
C GLY A 117 -19.05 12.82 46.63
N THR A 118 -19.63 13.55 47.57
CA THR A 118 -19.78 15.00 47.41
C THR A 118 -18.42 15.66 47.38
N ALA A 119 -18.18 16.45 46.34
CA ALA A 119 -16.91 17.10 46.16
C ALA A 119 -16.72 18.19 47.18
N ARG A 120 -15.59 18.18 47.87
CA ARG A 120 -15.32 19.10 48.95
C ARG A 120 -14.01 19.82 48.72
N LEU A 121 -14.02 21.10 48.98
CA LEU A 121 -12.80 21.89 48.99
C LEU A 121 -12.06 21.67 50.30
N PRO A 122 -10.74 21.84 50.30
CA PRO A 122 -10.00 21.81 51.57
C PRO A 122 -10.41 22.96 52.46
N GLY A 123 -10.37 22.72 53.77
CA GLY A 123 -10.81 23.69 54.74
C GLY A 123 -9.75 23.91 55.81
N ASP A 124 -10.03 24.88 56.68
CA ASP A 124 -9.12 25.21 57.76
C ASP A 124 -9.30 24.33 58.99
N ASN A 125 -10.33 23.50 59.02
CA ASN A 125 -10.58 22.60 60.14
C ASN A 125 -9.65 21.41 60.00
N ALA A 126 -8.58 21.38 60.79
CA ALA A 126 -7.62 20.29 60.71
C ALA A 126 -8.14 19.01 61.34
N LEU A 127 -9.15 19.11 62.21
CA LEU A 127 -9.74 17.94 62.84
C LEU A 127 -10.88 17.35 62.03
N ASP A 128 -11.17 17.90 60.87
CA ASP A 128 -12.20 17.34 60.00
C ASP A 128 -11.71 16.03 59.43
N MET A 129 -12.62 15.05 59.35
CA MET A 129 -12.25 13.72 58.86
C MET A 129 -11.89 13.75 57.39
N PHE A 130 -12.63 14.53 56.60
CA PHE A 130 -12.33 14.66 55.17
C PHE A 130 -11.02 15.39 54.96
N GLN A 131 -10.72 16.39 55.80
CA GLN A 131 -9.47 17.13 55.68
C GLN A 131 -8.26 16.24 56.00
N LYS A 132 -8.36 15.45 57.07
CA LYS A 132 -7.30 14.50 57.40
C LYS A 132 -7.15 13.45 56.33
N HIS A 133 -8.28 12.99 55.78
CA HIS A 133 -8.25 11.99 54.72
C HIS A 133 -7.59 12.53 53.45
N ARG A 134 -7.91 13.77 53.06
CA ARG A 134 -7.30 14.31 51.86
C ARG A 134 -5.83 14.66 52.07
N GLU A 135 -5.45 14.98 53.31
CA GLU A 135 -4.04 15.20 53.61
C GLU A 135 -3.23 13.92 53.48
N LYS A 136 -3.73 12.82 54.08
CA LYS A 136 -2.98 11.56 53.96
C LYS A 136 -3.07 10.99 52.56
N GLU A 137 -4.16 11.29 51.84
CA GLU A 137 -4.29 10.88 50.45
C GLU A 137 -3.26 11.57 49.57
N LEU A 138 -3.07 12.88 49.77
CA LEU A 138 -2.05 13.60 49.01
C LEU A 138 -0.65 13.15 49.37
N LYS A 139 -0.42 12.80 50.64
CA LYS A 139 0.89 12.28 51.03
C LYS A 139 1.18 10.93 50.38
N ASP A 140 0.17 10.08 50.22
CA ASP A 140 0.40 8.81 49.52
C ASP A 140 0.57 9.01 48.02
N ARG A 141 -0.20 9.93 47.44
CA ARG A 141 -0.16 10.15 46.00
C ARG A 141 1.11 10.85 45.58
N GLN A 142 1.70 11.65 46.45
CA GLN A 142 2.98 12.28 46.15
C GLN A 142 4.15 11.33 46.31
N GLN A 143 3.90 10.10 46.75
CA GLN A 143 4.91 9.05 46.74
C GLN A 143 4.66 8.04 45.65
N ILE A 144 3.42 7.95 45.18
CA ILE A 144 3.08 7.09 44.05
C ILE A 144 3.33 7.80 42.72
N TYR A 145 2.98 9.07 42.63
CA TYR A 145 3.09 9.85 41.41
C TYR A 145 4.28 10.80 41.57
N CYS A 146 5.38 10.45 40.94
CA CYS A 146 6.58 11.26 41.04
C CYS A 146 6.94 11.83 39.66
N TRP A 147 7.59 12.98 39.68
CA TRP A 147 8.07 13.58 38.45
C TRP A 147 9.39 12.96 38.02
N ALA A 148 9.62 12.95 36.71
CA ALA A 148 10.88 12.50 36.16
C ALA A 148 11.30 13.45 35.05
N THR A 149 12.61 13.64 34.95
CA THR A 149 13.19 14.40 33.86
C THR A 149 13.58 13.41 32.79
N TRP A 150 12.73 13.26 31.78
CA TRP A 150 13.07 12.37 30.66
C TRP A 150 14.23 12.93 29.86
N LYS A 151 14.14 14.19 29.47
CA LYS A 151 15.23 14.92 28.86
C LYS A 151 15.27 16.30 29.49
N GLU A 152 16.45 16.89 29.56
CA GLU A 152 16.57 18.22 30.14
C GLU A 152 15.96 19.26 29.22
N GLY A 153 15.30 20.24 29.81
CA GLY A 153 14.63 21.27 29.05
C GLY A 153 13.23 20.93 28.60
N LEU A 154 12.77 19.73 28.84
CA LEU A 154 11.43 19.30 28.48
C LEU A 154 10.51 19.29 29.68
N PRO A 155 9.19 19.33 29.47
CA PRO A 155 8.27 19.13 30.58
C PRO A 155 8.45 17.76 31.21
N LEU A 156 8.28 17.72 32.53
CA LEU A 156 8.58 16.53 33.29
C LEU A 156 7.51 15.47 33.06
N THR A 157 7.91 14.24 33.22
CA THR A 157 7.08 13.08 32.96
C THR A 157 6.77 12.37 34.27
N ILE A 158 5.96 11.31 34.17
CA ILE A 158 5.74 10.45 35.32
C ILE A 158 7.00 9.62 35.53
N ALA A 159 7.36 9.40 36.79
CA ALA A 159 8.55 8.62 37.09
C ALA A 159 8.33 7.14 36.85
N ALA A 160 8.55 6.70 35.62
CA ALA A 160 8.41 5.28 35.28
C ALA A 160 9.36 5.00 34.13
N ASP A 161 10.39 4.19 34.39
CA ASP A 161 11.36 3.85 33.36
C ASP A 161 10.72 3.00 32.27
N ARG A 162 9.86 2.07 32.66
CA ARG A 162 9.13 1.22 31.74
C ARG A 162 7.66 1.36 32.11
N LYS A 163 6.77 0.69 31.39
CA LYS A 163 5.34 0.80 31.66
C LYS A 163 4.90 0.03 32.88
N ASP A 164 5.69 -0.95 33.33
CA ASP A 164 5.33 -1.71 34.52
C ASP A 164 5.72 -0.98 35.81
N ASP A 165 6.54 0.06 35.71
CA ASP A 165 6.88 0.91 36.83
C ASP A 165 5.86 2.00 37.08
N LEU A 166 4.82 2.06 36.26
CA LEU A 166 3.77 3.04 36.43
C LEU A 166 2.92 2.72 37.65
N PRO A 167 2.20 3.71 38.17
CA PRO A 167 1.17 3.42 39.17
C PRO A 167 0.10 2.51 38.58
N PRO A 168 -0.44 1.58 39.37
CA PRO A 168 -1.39 0.62 38.82
C PRO A 168 -2.72 1.21 38.42
N ASN A 169 -3.10 2.37 38.96
CA ASN A 169 -4.33 3.01 38.55
C ASN A 169 -4.20 3.71 37.21
N MET A 170 -2.98 4.06 36.82
CA MET A 170 -2.71 4.66 35.52
C MET A 170 -2.44 3.63 34.45
N ARG A 171 -2.50 2.34 34.78
CA ARG A 171 -2.29 1.32 33.78
C ARG A 171 -3.51 1.19 32.87
N PHE A 172 -3.29 0.58 31.71
CA PHE A 172 -4.39 0.26 30.82
C PHE A 172 -5.27 -0.80 31.45
N HIS A 173 -6.56 -0.75 31.14
CA HIS A 173 -7.39 -1.88 31.49
C HIS A 173 -7.23 -2.96 30.44
N GLU A 174 -7.98 -4.05 30.57
CA GLU A 174 -7.76 -5.23 29.77
C GLU A 174 -8.09 -5.01 28.30
N GLU A 175 -9.21 -4.33 28.02
CA GLU A 175 -9.61 -4.09 26.64
C GLU A 175 -8.63 -3.16 25.92
N LYS A 176 -8.15 -2.12 26.60
CA LYS A 176 -7.21 -1.19 25.99
C LYS A 176 -5.85 -1.84 25.77
N ARG A 177 -5.36 -2.60 26.76
CA ARG A 177 -4.07 -3.27 26.63
C ARG A 177 -4.10 -4.35 25.57
N LEU A 178 -5.19 -5.13 25.51
CA LEU A 178 -5.31 -6.17 24.51
C LEU A 178 -5.44 -5.58 23.12
N ASP A 179 -6.16 -4.45 23.00
CA ASP A 179 -6.27 -3.77 21.72
C ASP A 179 -4.93 -3.19 21.29
N PHE A 180 -4.14 -2.67 22.24
CA PHE A 180 -2.82 -2.14 21.92
C PHE A 180 -1.88 -3.24 21.44
N GLU A 181 -1.91 -4.40 22.10
CA GLU A 181 -1.06 -5.50 21.67
C GLU A 181 -1.50 -6.06 20.33
N TRP A 182 -2.82 -6.13 20.11
CA TRP A 182 -3.32 -6.59 18.82
C TRP A 182 -2.97 -5.60 17.71
N THR A 183 -2.99 -4.31 18.04
CA THR A 183 -2.61 -3.27 17.08
C THR A 183 -1.12 -3.36 16.74
N LEU A 184 -0.28 -3.63 17.75
CA LEU A 184 1.14 -3.79 17.52
C LEU A 184 1.43 -4.99 16.62
N LYS A 185 0.78 -6.12 16.89
CA LYS A 185 1.02 -7.29 16.06
C LYS A 185 0.40 -7.15 14.67
N ALA A 186 -0.72 -6.44 14.54
CA ALA A 186 -1.30 -6.22 13.22
C ALA A 186 -0.44 -5.30 12.38
N GLY A 187 0.09 -4.23 13.00
CA GLY A 187 1.00 -3.37 12.28
C GLY A 187 2.31 -4.06 11.92
N ALA A 188 2.83 -4.89 12.82
CA ALA A 188 4.05 -5.64 12.55
C ALA A 188 3.86 -6.63 11.41
N LEU A 189 2.73 -7.34 11.40
CA LEU A 189 2.44 -8.27 10.33
C LEU A 189 2.24 -7.55 9.00
N GLU A 190 1.55 -6.40 9.02
CA GLU A 190 1.35 -5.63 7.79
C GLU A 190 2.67 -5.11 7.24
N MET A 191 3.57 -4.65 8.12
CA MET A 191 4.89 -4.21 7.69
C MET A 191 5.72 -5.35 7.15
N ALA A 192 5.66 -6.52 7.78
CA ALA A 192 6.41 -7.67 7.30
C ALA A 192 5.91 -8.14 5.94
N LEU A 193 4.59 -8.13 5.75
CA LEU A 193 4.02 -8.46 4.45
C LEU A 193 4.41 -7.46 3.39
N LYS A 194 4.42 -6.18 3.75
CA LYS A 194 4.85 -5.14 2.81
C LYS A 194 6.32 -5.30 2.45
N ARG A 195 7.15 -5.67 3.44
CA ARG A 195 8.57 -5.91 3.21
C ARG A 195 8.78 -7.04 2.23
N VAL A 196 8.06 -8.15 2.43
CA VAL A 196 8.18 -9.31 1.55
C VAL A 196 7.67 -8.98 0.16
N TYR A 197 6.54 -8.29 0.07
CA TYR A 197 5.85 -8.12 -1.20
C TYR A 197 6.45 -7.01 -2.04
N THR A 198 7.13 -6.05 -1.42
CA THR A 198 7.77 -4.96 -2.15
C THR A 198 9.28 -5.02 -2.04
N LEU A 199 9.85 -6.13 -1.57
CA LEU A 199 11.30 -6.26 -1.59
C LEU A 199 11.81 -6.47 -3.01
N LEU A 200 11.08 -7.23 -3.83
CA LEU A 200 11.49 -7.44 -5.21
C LEU A 200 11.02 -6.34 -6.15
N SER A 201 10.10 -5.49 -5.73
CA SER A 201 9.56 -4.46 -6.61
C SER A 201 10.53 -3.29 -6.77
N SER A 202 10.41 -2.60 -7.89
CA SER A 202 11.20 -1.41 -8.16
C SER A 202 10.60 -0.20 -7.45
N TRP A 203 11.46 0.79 -7.19
CA TRP A 203 11.08 2.02 -6.49
C TRP A 203 11.62 3.20 -7.32
N ASN A 204 10.86 3.61 -8.34
CA ASN A 204 11.34 4.66 -9.22
C ASN A 204 10.29 5.68 -9.65
N CYS A 205 9.06 5.60 -9.14
CA CYS A 205 8.03 6.56 -9.51
C CYS A 205 7.04 6.65 -8.35
N LEU A 206 6.21 7.69 -8.38
CA LEU A 206 5.25 7.91 -7.29
C LEU A 206 4.20 6.82 -7.20
N GLU A 207 3.87 6.19 -8.33
CA GLU A 207 2.90 5.11 -8.34
C GLU A 207 3.41 3.87 -7.62
N ASP A 208 4.73 3.75 -7.42
CA ASP A 208 5.26 2.69 -6.56
C ASP A 208 4.81 2.85 -5.12
N PHE A 209 4.52 4.07 -4.69
CA PHE A 209 3.93 4.27 -3.38
C PHE A 209 2.51 3.70 -3.29
N ASP A 210 1.85 3.45 -4.44
CA ASP A 210 0.62 2.67 -4.43
C ASP A 210 0.83 1.26 -3.93
N GLN A 211 2.03 0.70 -4.13
CA GLN A 211 2.32 -0.69 -3.82
C GLN A 211 2.23 -0.99 -2.33
N ILE A 212 2.23 0.02 -1.47
CA ILE A 212 2.13 -0.14 -0.03
C ILE A 212 0.90 0.55 0.54
N PHE A 213 0.06 1.14 -0.30
CA PHE A 213 -1.05 1.95 0.16
C PHE A 213 -2.37 1.17 0.21
N TRP A 214 -2.44 -0.03 -0.35
CA TRP A 214 -3.66 -0.82 -0.24
C TRP A 214 -3.93 -1.27 1.19
N GLY A 215 -5.22 -1.28 1.56
CA GLY A 215 -5.65 -1.71 2.88
C GLY A 215 -6.02 -0.63 3.87
N GLN A 216 -6.09 0.65 3.46
CA GLN A 216 -6.37 1.74 4.40
C GLN A 216 -7.77 1.66 4.97
N LYS A 217 -8.78 1.65 4.10
CA LYS A 217 -10.24 1.68 4.32
C LYS A 217 -10.66 3.09 4.70
N SER A 218 -9.74 4.06 4.73
CA SER A 218 -10.04 5.44 5.04
C SER A 218 -10.32 6.19 3.75
N ALA A 219 -11.57 6.64 3.59
CA ALA A 219 -12.02 7.30 2.37
C ALA A 219 -11.21 8.55 2.06
N LEU A 220 -11.00 9.39 3.09
CA LEU A 220 -10.28 10.65 2.89
C LEU A 220 -8.84 10.38 2.50
N ALA A 221 -8.26 9.26 2.93
CA ALA A 221 -6.89 8.92 2.54
C ALA A 221 -6.83 8.54 1.07
N GLU A 222 -7.88 7.92 0.55
CA GLU A 222 -7.97 7.62 -0.88
C GLU A 222 -8.12 8.91 -1.67
N LYS A 223 -8.95 9.83 -1.20
CA LYS A 223 -9.03 11.16 -1.81
C LYS A 223 -7.70 11.89 -1.78
N VAL A 224 -6.94 11.75 -0.69
CA VAL A 224 -5.59 12.30 -0.61
C VAL A 224 -4.70 11.67 -1.67
N ARG A 225 -4.80 10.35 -1.85
CA ARG A 225 -4.11 9.67 -2.95
C ARG A 225 -4.50 10.24 -4.31
N GLN A 226 -5.77 10.59 -4.48
CA GLN A 226 -6.18 11.13 -5.76
C GLN A 226 -5.71 12.57 -5.97
N CYS A 227 -5.56 13.35 -4.90
CA CYS A 227 -5.41 14.80 -5.08
C CYS A 227 -4.24 15.40 -4.33
N TRP A 228 -3.19 14.62 -4.03
CA TRP A 228 -2.10 15.15 -3.21
C TRP A 228 -1.20 16.10 -3.98
N GLN A 229 -1.08 15.96 -5.30
CA GLN A 229 -0.30 16.93 -6.06
C GLN A 229 -1.05 18.23 -6.28
N ASP A 230 -2.34 18.28 -5.99
CA ASP A 230 -3.10 19.51 -6.12
C ASP A 230 -2.60 20.51 -5.09
N ASP A 231 -2.39 21.73 -5.54
CA ASP A 231 -1.94 22.79 -4.64
C ASP A 231 -3.04 23.20 -3.69
N GLU A 232 -4.29 23.04 -4.10
CA GLU A 232 -5.43 23.34 -3.23
C GLU A 232 -5.47 22.41 -2.04
N LEU A 233 -5.20 21.12 -2.24
CA LEU A 233 -5.16 20.18 -1.12
C LEU A 233 -3.96 20.43 -0.22
N PHE A 234 -2.82 20.78 -0.82
CA PHE A 234 -1.60 21.08 -0.08
C PHE A 234 -1.81 22.27 0.83
N SER A 235 -2.51 23.28 0.36
CA SER A 235 -2.83 24.45 1.17
C SER A 235 -4.02 24.21 2.08
N TYR A 236 -4.89 23.26 1.75
CA TYR A 236 -6.00 22.91 2.62
C TYR A 236 -5.51 22.21 3.87
N GLN A 237 -4.37 21.53 3.77
CA GLN A 237 -3.82 20.83 4.92
C GLN A 237 -3.33 21.76 6.03
N PHE A 238 -3.02 23.01 5.73
CA PHE A 238 -2.62 23.95 6.77
C PHE A 238 -3.79 24.41 7.60
N LEU A 239 -5.00 24.39 7.03
CA LEU A 239 -6.19 24.80 7.77
C LEU A 239 -6.95 23.64 8.37
N ASN A 240 -7.11 22.53 7.63
CA ASN A 240 -7.99 21.46 8.05
C ASN A 240 -7.36 20.08 7.90
N GLY A 241 -6.04 20.00 7.83
CA GLY A 241 -5.34 18.73 7.73
C GLY A 241 -5.02 18.15 9.08
N ALA A 242 -3.97 17.34 9.12
CA ALA A 242 -3.55 16.72 10.37
C ALA A 242 -2.90 17.73 11.31
N ASN A 243 -2.29 18.77 10.76
CA ASN A 243 -1.62 19.81 11.54
C ASN A 243 -2.18 21.16 11.16
N PRO A 244 -3.27 21.58 11.81
CA PRO A 244 -3.81 22.93 11.57
C PRO A 244 -3.29 23.97 12.54
N MET A 245 -2.25 23.65 13.30
CA MET A 245 -1.77 24.47 14.39
C MET A 245 -0.57 25.33 14.05
N LEU A 246 -0.14 25.36 12.80
CA LEU A 246 1.05 26.14 12.46
C LEU A 246 0.75 27.36 11.59
N LEU A 247 -0.25 27.27 10.72
CA LEU A 247 -0.56 28.33 9.77
C LEU A 247 -1.03 29.59 10.49
N ARG A 248 -0.42 30.71 10.19
CA ARG A 248 -0.83 31.97 10.76
C ARG A 248 -0.94 33.03 9.67
N ARG A 249 -1.82 33.99 9.90
CA ARG A 249 -1.98 35.09 8.96
C ARG A 249 -0.79 36.03 9.08
N SER A 250 -0.25 36.43 7.94
CA SER A 250 0.92 37.30 7.94
C SER A 250 0.47 38.74 8.16
N THR A 251 0.93 39.33 9.25
CA THR A 251 0.78 40.77 9.44
C THR A 251 1.89 41.55 8.76
N SER A 252 2.96 40.86 8.34
CA SER A 252 4.07 41.45 7.61
C SER A 252 4.75 40.31 6.86
N LEU A 253 5.60 40.68 5.90
CA LEU A 253 6.39 39.68 5.21
C LEU A 253 7.47 39.14 6.15
N PRO A 254 7.73 37.84 6.13
CA PRO A 254 8.80 37.29 6.97
C PRO A 254 10.17 37.78 6.54
N SER A 255 11.05 37.93 7.52
CA SER A 255 12.39 38.43 7.23
C SER A 255 13.25 37.40 6.52
N ARG A 256 12.95 36.12 6.70
CA ARG A 256 13.66 35.07 5.99
C ARG A 256 13.24 34.97 4.54
N LEU A 257 12.11 35.54 4.18
CA LEU A 257 11.63 35.50 2.80
C LEU A 257 12.42 36.53 1.99
N VAL A 258 13.59 36.12 1.53
CA VAL A 258 14.49 36.95 0.76
C VAL A 258 14.27 36.64 -0.71
N LEU A 259 13.80 37.59 -1.43
CA LEU A 259 13.52 37.44 -2.85
C LEU A 259 14.70 37.93 -3.66
N PRO A 260 15.23 37.13 -4.59
CA PRO A 260 16.36 37.56 -5.39
C PRO A 260 15.92 38.56 -6.46
N SER A 261 16.90 39.01 -7.26
CA SER A 261 16.62 39.98 -8.30
C SER A 261 15.82 39.34 -9.43
N GLY A 262 14.97 40.14 -10.06
CA GLY A 262 14.14 39.68 -11.14
C GLY A 262 12.87 38.99 -10.74
N MET A 263 12.55 38.94 -9.45
CA MET A 263 11.36 38.25 -8.97
C MET A 263 10.43 39.27 -8.31
N GLU A 264 10.30 40.43 -8.96
CA GLU A 264 9.49 41.52 -8.44
C GLU A 264 8.00 41.25 -8.53
N GLU A 265 7.58 40.37 -9.45
CA GLU A 265 6.16 40.04 -9.54
C GLU A 265 5.69 39.28 -8.31
N LEU A 266 6.52 38.36 -7.80
CA LEU A 266 6.20 37.68 -6.55
C LEU A 266 6.20 38.65 -5.38
N GLN A 267 7.10 39.64 -5.39
CA GLN A 267 7.10 40.67 -4.37
C GLN A 267 5.82 41.49 -4.40
N ALA A 268 5.34 41.82 -5.60
CA ALA A 268 4.09 42.56 -5.75
C ALA A 268 2.91 41.73 -5.29
N GLN A 269 2.88 40.43 -5.62
CA GLN A 269 1.79 39.57 -5.18
C GLN A 269 1.79 39.39 -3.66
N LEU A 270 2.96 39.24 -3.06
CA LEU A 270 3.07 39.11 -1.62
C LEU A 270 2.62 40.39 -0.93
N GLU A 271 3.02 41.54 -1.45
CA GLU A 271 2.61 42.81 -0.87
C GLU A 271 1.12 43.06 -1.06
N LYS A 272 0.55 42.63 -2.19
CA LYS A 272 -0.88 42.78 -2.42
C LYS A 272 -1.70 41.90 -1.49
N GLU A 273 -1.27 40.65 -1.28
CA GLU A 273 -1.97 39.78 -0.36
C GLU A 273 -1.76 40.21 1.08
N LEU A 274 -0.63 40.86 1.37
CA LEU A 274 -0.40 41.39 2.71
C LEU A 274 -1.29 42.58 2.99
N GLN A 275 -1.44 43.48 2.02
CA GLN A 275 -2.31 44.63 2.22
C GLN A 275 -3.77 44.23 2.19
N ASN A 276 -4.11 43.15 1.48
CA ASN A 276 -5.48 42.66 1.52
C ASN A 276 -5.79 41.94 2.82
N GLY A 277 -4.76 41.53 3.57
CA GLY A 277 -4.96 40.76 4.77
C GLY A 277 -5.14 39.28 4.53
N SER A 278 -5.03 38.83 3.29
CA SER A 278 -5.23 37.44 2.93
C SER A 278 -3.93 36.68 2.79
N LEU A 279 -2.82 37.25 3.22
CA LEU A 279 -1.55 36.54 3.18
C LEU A 279 -1.39 35.73 4.45
N PHE A 280 -1.07 34.45 4.27
CA PHE A 280 -0.90 33.52 5.36
C PHE A 280 0.47 32.89 5.24
N GLU A 281 1.03 32.48 6.36
CA GLU A 281 2.34 31.87 6.36
C GLU A 281 2.32 30.60 7.20
N ALA A 282 3.14 29.65 6.78
CA ALA A 282 3.45 28.48 7.59
C ALA A 282 4.96 28.39 7.60
N ASP A 283 5.55 28.73 8.74
CA ASP A 283 6.99 28.82 8.88
C ASP A 283 7.45 27.66 9.74
N PHE A 284 8.45 26.95 9.26
CA PHE A 284 8.98 25.76 9.93
C PHE A 284 10.37 26.02 10.47
N ILE A 285 10.63 27.26 10.90
CA ILE A 285 11.94 27.71 11.32
C ILE A 285 12.36 27.08 12.65
N LEU A 286 11.43 26.44 13.35
CA LEU A 286 11.76 25.73 14.57
C LEU A 286 12.63 24.51 14.27
N LEU A 287 12.61 24.03 13.02
CA LEU A 287 13.43 22.94 12.54
C LEU A 287 14.77 23.39 11.97
N ASP A 288 15.09 24.67 12.05
CA ASP A 288 16.34 25.16 11.48
C ASP A 288 17.52 24.75 12.35
N GLY A 289 18.46 24.01 11.79
CA GLY A 289 19.61 23.59 12.52
C GLY A 289 19.43 22.32 13.32
N ILE A 290 18.27 21.70 13.24
CA ILE A 290 18.07 20.41 13.91
C ILE A 290 18.87 19.34 13.19
N PRO A 291 19.71 18.57 13.87
CA PRO A 291 20.50 17.55 13.18
C PRO A 291 19.61 16.41 12.69
N ALA A 292 19.78 16.06 11.43
CA ALA A 292 18.93 15.04 10.85
C ALA A 292 19.40 13.65 11.26
N ASN A 293 18.49 12.69 11.09
CA ASN A 293 18.74 11.31 11.44
C ASN A 293 19.71 10.68 10.46
N VAL A 294 20.37 9.62 10.91
CA VAL A 294 21.11 8.72 10.04
C VAL A 294 20.47 7.36 10.23
N ILE A 295 19.66 6.93 9.27
CA ILE A 295 18.89 5.70 9.38
C ILE A 295 19.58 4.63 8.56
N ARG A 296 20.04 3.58 9.24
CA ARG A 296 20.71 2.41 8.64
C ARG A 296 21.96 2.81 7.87
N GLY A 297 22.67 3.80 8.40
CA GLY A 297 23.85 4.34 7.76
C GLY A 297 23.58 5.35 6.67
N GLU A 298 22.33 5.61 6.34
CA GLU A 298 21.96 6.55 5.29
C GLU A 298 21.54 7.86 5.95
N LYS A 299 22.20 8.94 5.56
CA LYS A 299 21.93 10.25 6.16
C LYS A 299 20.59 10.76 5.69
N GLN A 300 19.71 11.06 6.65
CA GLN A 300 18.51 11.78 6.31
C GLN A 300 18.81 13.27 6.22
N TYR A 301 17.84 14.03 5.75
CA TYR A 301 18.02 15.45 5.56
C TYR A 301 16.79 16.19 6.02
N LEU A 302 17.00 17.33 6.66
CA LEU A 302 15.97 18.18 7.18
C LEU A 302 16.04 19.56 6.55
N ALA A 303 14.96 20.31 6.74
CA ALA A 303 14.90 21.67 6.28
C ALA A 303 13.93 22.45 7.17
N ALA A 304 13.99 23.77 7.06
CA ALA A 304 13.08 24.65 7.78
C ALA A 304 12.40 25.56 6.76
N PRO A 305 11.37 25.07 6.08
CA PRO A 305 10.75 25.85 5.02
C PRO A 305 9.84 26.95 5.54
N LEU A 306 9.37 27.72 4.59
CA LEU A 306 8.35 28.73 4.80
C LEU A 306 7.50 28.72 3.55
N VAL A 307 6.22 28.50 3.72
CA VAL A 307 5.28 28.52 2.60
C VAL A 307 4.31 29.67 2.81
N MET A 308 4.17 30.49 1.79
CA MET A 308 3.27 31.62 1.82
C MET A 308 2.01 31.24 1.06
N LEU A 309 0.87 31.67 1.58
CA LEU A 309 -0.43 31.21 1.13
C LEU A 309 -1.31 32.43 0.94
N LYS A 310 -2.30 32.32 0.07
CA LYS A 310 -3.26 33.40 -0.11
C LYS A 310 -4.67 32.85 -0.04
N MET A 311 -5.53 33.50 0.72
CA MET A 311 -6.96 33.23 0.65
C MET A 311 -7.55 33.84 -0.60
N GLU A 312 -8.10 32.99 -1.45
CA GLU A 312 -8.89 33.45 -2.56
C GLU A 312 -10.25 33.94 -2.07
N PRO A 313 -10.95 34.76 -2.85
CA PRO A 313 -12.31 35.17 -2.47
C PRO A 313 -13.31 34.01 -2.39
N ASN A 314 -13.03 32.88 -3.04
CA ASN A 314 -13.89 31.70 -2.91
C ASN A 314 -13.77 31.04 -1.54
N GLY A 315 -12.71 31.34 -0.79
CA GLY A 315 -12.52 30.77 0.52
C GLY A 315 -11.47 29.70 0.63
N LYS A 316 -10.66 29.49 -0.40
CA LYS A 316 -9.66 28.43 -0.41
C LYS A 316 -8.26 29.03 -0.42
N LEU A 317 -7.35 28.42 0.32
CA LEU A 317 -5.96 28.84 0.33
C LEU A 317 -5.25 28.32 -0.91
N GLN A 318 -4.34 29.13 -1.44
CA GLN A 318 -3.52 28.71 -2.56
C GLN A 318 -2.08 29.06 -2.25
N PRO A 319 -1.13 28.22 -2.64
CA PRO A 319 0.27 28.51 -2.28
C PRO A 319 0.85 29.56 -3.19
N MET A 320 1.81 30.28 -2.65
CA MET A 320 2.47 31.35 -3.39
C MET A 320 3.94 31.07 -3.59
N VAL A 321 4.66 30.75 -2.52
CA VAL A 321 6.10 30.53 -2.62
C VAL A 321 6.52 29.63 -1.48
N ILE A 322 7.47 28.75 -1.75
CA ILE A 322 8.07 27.88 -0.77
C ILE A 322 9.55 28.20 -0.72
N GLN A 323 10.06 28.46 0.48
CA GLN A 323 11.49 28.58 0.71
C GLN A 323 11.85 27.39 1.58
N ILE A 324 12.49 26.39 1.00
CA ILE A 324 12.77 25.16 1.74
C ILE A 324 13.82 25.41 2.81
N GLN A 325 14.83 26.14 2.50
CA GLN A 325 15.82 26.41 3.51
C GLN A 325 15.78 27.88 3.90
N PRO A 326 16.02 28.22 5.15
CA PRO A 326 16.16 29.63 5.53
C PRO A 326 17.47 30.19 5.02
N PRO A 327 17.59 31.52 4.93
CA PRO A 327 18.87 32.12 4.51
C PRO A 327 20.01 31.82 5.47
N SER A 328 21.19 31.66 4.91
CA SER A 328 22.40 31.28 5.61
C SER A 328 23.50 32.28 5.28
N PRO A 329 24.56 32.35 6.09
CA PRO A 329 25.75 33.09 5.64
C PRO A 329 26.37 32.51 4.38
N SER A 330 26.32 31.20 4.20
CA SER A 330 26.82 30.58 2.98
C SER A 330 25.86 30.79 1.81
N SER A 331 24.56 30.73 2.06
CA SER A 331 23.52 30.89 1.05
C SER A 331 22.60 32.02 1.49
N PRO A 332 22.89 33.27 1.10
CA PRO A 332 22.06 34.38 1.57
C PRO A 332 20.67 34.43 0.98
N THR A 333 20.50 33.97 -0.26
CA THR A 333 19.18 33.91 -0.89
C THR A 333 18.92 32.49 -1.33
N PRO A 334 18.16 31.71 -0.58
CA PRO A 334 17.83 30.34 -1.01
C PRO A 334 16.81 30.37 -2.14
N THR A 335 16.65 29.20 -2.75
CA THR A 335 15.76 29.07 -3.89
C THR A 335 14.31 29.20 -3.47
N LEU A 336 13.57 30.04 -4.19
CA LEU A 336 12.17 30.25 -3.95
C LEU A 336 11.39 29.47 -4.99
N PHE A 337 10.59 28.52 -4.54
CA PHE A 337 9.86 27.63 -5.41
C PHE A 337 8.43 28.11 -5.57
N LEU A 338 7.97 28.19 -6.80
CA LEU A 338 6.70 28.79 -7.16
C LEU A 338 5.78 27.72 -7.73
N PRO A 339 4.46 27.90 -7.67
CA PRO A 339 3.54 26.98 -8.35
C PRO A 339 3.76 26.84 -9.85
N SER A 340 4.43 27.81 -10.47
CA SER A 340 4.73 27.81 -11.89
C SER A 340 6.24 27.66 -12.00
N ASP A 341 6.70 26.44 -11.84
CA ASP A 341 8.07 25.96 -11.86
C ASP A 341 8.07 24.68 -12.66
N PRO A 342 9.24 24.16 -13.05
CA PRO A 342 9.33 22.74 -13.41
C PRO A 342 8.58 21.90 -12.39
N PRO A 343 7.53 21.19 -12.82
CA PRO A 343 6.58 20.55 -11.89
C PRO A 343 7.18 19.69 -10.80
N LEU A 344 8.27 19.00 -11.11
CA LEU A 344 8.89 18.10 -10.15
C LEU A 344 9.63 18.86 -9.06
N ALA A 345 10.22 20.00 -9.40
CA ALA A 345 10.84 20.86 -8.39
C ALA A 345 9.80 21.42 -7.43
N TRP A 346 8.66 21.87 -7.96
CA TRP A 346 7.59 22.37 -7.11
C TRP A 346 6.98 21.26 -6.27
N LEU A 347 6.89 20.05 -6.84
CA LEU A 347 6.43 18.90 -6.09
C LEU A 347 7.41 18.54 -4.98
N LEU A 348 8.71 18.63 -5.25
CA LEU A 348 9.70 18.34 -4.23
C LEU A 348 9.68 19.40 -3.13
N ALA A 349 9.44 20.65 -3.49
CA ALA A 349 9.32 21.71 -2.49
C ALA A 349 8.10 21.53 -1.63
N LYS A 350 6.96 21.16 -2.24
CA LYS A 350 5.77 20.86 -1.46
C LYS A 350 5.99 19.64 -0.58
N SER A 351 6.71 18.63 -1.08
CA SER A 351 7.02 17.45 -0.29
C SER A 351 7.93 17.79 0.89
N TRP A 352 8.86 18.71 0.70
CA TRP A 352 9.73 19.16 1.78
C TRP A 352 8.94 19.93 2.83
N VAL A 353 7.98 20.75 2.40
CA VAL A 353 7.12 21.46 3.34
C VAL A 353 6.28 20.47 4.11
N ARG A 354 5.77 19.45 3.44
CA ARG A 354 4.96 18.45 4.11
C ARG A 354 5.79 17.54 5.01
N ASN A 355 7.06 17.32 4.68
CA ASN A 355 7.96 16.62 5.60
C ASN A 355 8.12 17.42 6.86
N SER A 356 8.35 18.72 6.72
CA SER A 356 8.51 19.58 7.87
C SER A 356 7.21 19.76 8.65
N ASP A 357 6.08 19.67 7.96
CA ASP A 357 4.78 19.67 8.65
C ASP A 357 4.61 18.40 9.45
N PHE A 358 5.07 17.27 8.91
CA PHE A 358 5.10 16.04 9.68
C PHE A 358 6.03 16.15 10.89
N GLN A 359 7.19 16.78 10.71
CA GLN A 359 8.16 16.93 11.78
C GLN A 359 7.61 17.78 12.91
N LEU A 360 7.06 18.95 12.57
CA LEU A 360 6.52 19.83 13.58
C LEU A 360 5.15 19.41 14.05
N HIS A 361 4.50 18.50 13.35
CA HIS A 361 3.22 17.99 13.83
C HIS A 361 3.45 16.90 14.84
N GLU A 362 4.23 15.88 14.49
CA GLU A 362 4.40 14.74 15.37
C GLU A 362 5.29 15.02 16.57
N ILE A 363 5.99 16.14 16.61
CA ILE A 363 6.87 16.47 17.72
C ILE A 363 6.31 17.63 18.54
N GLN A 364 5.99 18.75 17.89
CA GLN A 364 5.58 19.92 18.64
C GLN A 364 4.11 19.84 19.01
N TYR A 365 3.23 19.73 18.02
CA TYR A 365 1.81 19.92 18.27
C TYR A 365 1.09 18.64 18.68
N HIS A 366 1.69 17.48 18.48
CA HIS A 366 1.13 16.24 18.96
C HIS A 366 1.87 15.69 20.17
N LEU A 367 3.18 15.49 20.07
CA LEU A 367 3.92 14.93 21.19
C LEU A 367 4.04 15.91 22.33
N LEU A 368 4.44 17.15 22.03
CA LEU A 368 4.65 18.07 23.13
C LEU A 368 3.36 18.76 23.56
N ASN A 369 2.65 19.37 22.61
CA ASN A 369 1.52 20.24 22.95
C ASN A 369 0.34 19.46 23.47
N THR A 370 0.18 18.20 23.09
CA THR A 370 -0.93 17.42 23.61
C THR A 370 -0.49 16.32 24.56
N HIS A 371 0.45 15.45 24.18
CA HIS A 371 0.80 14.31 25.03
C HIS A 371 1.57 14.75 26.27
N LEU A 372 2.60 15.58 26.10
CA LEU A 372 3.43 15.94 27.24
C LEU A 372 2.71 16.91 28.16
N VAL A 373 1.89 17.81 27.59
CA VAL A 373 1.10 18.72 28.41
C VAL A 373 0.04 17.95 29.20
N ALA A 374 -0.64 16.99 28.56
CA ALA A 374 -1.62 16.19 29.26
C ALA A 374 -0.98 15.28 30.28
N GLU A 375 0.25 14.85 30.05
CA GLU A 375 0.97 14.10 31.06
C GLU A 375 1.30 14.98 32.26
N VAL A 376 1.70 16.23 32.02
CA VAL A 376 1.95 17.16 33.12
C VAL A 376 0.68 17.42 33.90
N ILE A 377 -0.43 17.61 33.20
CA ILE A 377 -1.73 17.81 33.84
C ILE A 377 -2.14 16.58 34.64
N ALA A 378 -1.88 15.39 34.08
CA ALA A 378 -2.23 14.14 34.75
C ALA A 378 -1.41 13.94 36.02
N VAL A 379 -0.09 14.09 35.93
CA VAL A 379 0.78 13.85 37.07
C VAL A 379 0.53 14.90 38.14
N ALA A 380 0.31 16.15 37.74
CA ALA A 380 0.05 17.20 38.71
C ALA A 380 -1.33 17.05 39.36
N THR A 381 -2.32 16.60 38.59
CA THR A 381 -3.64 16.32 39.15
C THR A 381 -3.57 15.16 40.12
N MET A 382 -2.71 14.18 39.85
CA MET A 382 -2.64 13.07 40.77
C MET A 382 -1.74 13.36 41.95
N ARG A 383 -0.88 14.37 41.84
CA ARG A 383 -0.03 14.75 42.96
C ARG A 383 -0.69 15.71 43.91
N CYS A 384 -1.43 16.70 43.40
CA CYS A 384 -1.88 17.78 44.24
C CYS A 384 -3.38 17.85 44.45
N LEU A 385 -4.18 17.09 43.71
CA LEU A 385 -5.61 17.15 43.91
C LEU A 385 -6.09 15.83 44.46
N PRO A 386 -6.63 15.80 45.68
CA PRO A 386 -7.09 14.55 46.27
C PRO A 386 -8.43 14.14 45.68
N GLY A 387 -8.90 12.96 46.07
CA GLY A 387 -10.12 12.42 45.53
C GLY A 387 -11.36 13.20 45.90
N LEU A 388 -11.32 13.93 47.01
CA LEU A 388 -12.46 14.73 47.42
C LEU A 388 -12.57 16.04 46.65
N HIS A 389 -11.51 16.45 46.00
CA HIS A 389 -11.47 17.77 45.40
C HIS A 389 -12.30 17.77 44.11
N PRO A 390 -13.15 18.77 43.91
CA PRO A 390 -13.98 18.82 42.69
C PRO A 390 -13.21 18.91 41.41
N ILE A 391 -12.04 19.56 41.42
CA ILE A 391 -11.26 19.69 40.20
C ILE A 391 -10.62 18.35 39.84
N PHE A 392 -10.26 17.54 40.84
CA PHE A 392 -9.79 16.19 40.54
C PHE A 392 -10.89 15.36 39.90
N LYS A 393 -12.09 15.39 40.49
CA LYS A 393 -13.24 14.65 39.96
C LYS A 393 -13.61 15.14 38.57
N PHE A 394 -13.40 16.42 38.32
CA PHE A 394 -13.57 16.99 37.00
C PHE A 394 -12.52 16.47 36.03
N LEU A 395 -11.27 16.37 36.46
CA LEU A 395 -10.18 16.14 35.54
C LEU A 395 -9.74 14.70 35.42
N ILE A 396 -10.10 13.83 36.35
CA ILE A 396 -9.70 12.43 36.29
C ILE A 396 -10.27 11.67 35.08
N PRO A 397 -11.46 11.95 34.49
CA PRO A 397 -11.76 11.26 33.23
C PRO A 397 -10.95 11.74 32.06
N HIS A 398 -10.41 12.94 32.13
CA HIS A 398 -9.69 13.53 31.03
C HIS A 398 -8.20 13.25 31.07
N ILE A 399 -7.72 12.54 32.10
CA ILE A 399 -6.31 12.19 32.16
C ILE A 399 -6.09 10.69 32.15
N ARG A 400 -7.10 9.90 31.83
CA ARG A 400 -6.94 8.45 31.87
C ARG A 400 -6.14 7.95 30.68
N TYR A 401 -5.22 7.03 30.98
CA TYR A 401 -4.29 6.34 30.09
C TYR A 401 -3.24 7.25 29.50
N THR A 402 -3.12 8.49 29.99
CA THR A 402 -2.14 9.40 29.45
C THR A 402 -0.73 9.04 29.91
N MET A 403 -0.58 8.65 31.16
CA MET A 403 0.73 8.30 31.69
C MET A 403 1.25 7.05 31.04
N GLU A 404 0.38 6.06 30.79
CA GLU A 404 0.87 4.84 30.17
C GLU A 404 1.17 5.03 28.70
N ILE A 405 0.37 5.83 27.99
CA ILE A 405 0.67 6.03 26.58
C ILE A 405 1.93 6.87 26.41
N ASN A 406 2.19 7.79 27.35
CA ASN A 406 3.43 8.55 27.29
C ASN A 406 4.64 7.71 27.69
N THR A 407 4.47 6.78 28.63
CA THR A 407 5.57 5.88 28.97
C THR A 407 5.85 4.91 27.83
N ARG A 408 4.81 4.47 27.14
CA ARG A 408 4.98 3.62 25.97
C ARG A 408 5.64 4.37 24.83
N ALA A 409 5.31 5.66 24.67
CA ALA A 409 6.01 6.49 23.69
C ALA A 409 7.47 6.67 24.05
N ARG A 410 7.76 6.91 25.32
CA ARG A 410 9.13 7.16 25.75
C ARG A 410 9.98 5.90 25.79
N THR A 411 9.37 4.72 25.82
CA THR A 411 10.13 3.48 25.77
C THR A 411 10.24 2.90 24.37
N GLN A 412 9.23 3.07 23.54
CA GLN A 412 9.21 2.47 22.21
C GLN A 412 9.34 3.49 21.11
N LEU A 413 8.55 4.55 21.14
CA LEU A 413 8.50 5.47 20.01
C LEU A 413 9.66 6.46 20.03
N ILE A 414 9.71 7.32 21.05
CA ILE A 414 10.68 8.41 21.07
C ILE A 414 11.89 8.08 21.93
N SER A 415 12.12 6.79 22.20
CA SER A 415 13.29 6.38 22.94
C SER A 415 14.53 6.46 22.06
N ASP A 416 15.69 6.31 22.71
CA ASP A 416 16.96 6.24 21.99
C ASP A 416 17.03 4.91 21.25
N GLY A 417 17.16 4.97 19.93
CA GLY A 417 17.06 3.78 19.14
C GLY A 417 15.66 3.26 18.98
N GLY A 418 14.66 4.11 19.18
CA GLY A 418 13.27 3.71 19.08
C GLY A 418 12.78 3.76 17.65
N ILE A 419 11.44 3.75 17.51
CA ILE A 419 10.82 3.75 16.19
C ILE A 419 11.02 5.09 15.49
N PHE A 420 11.02 6.17 16.26
CA PHE A 420 11.28 7.50 15.73
C PHE A 420 12.70 7.65 15.22
N ASP A 421 13.65 6.92 15.80
CA ASP A 421 15.01 6.91 15.31
C ASP A 421 15.18 5.97 14.12
N LYS A 422 14.14 5.24 13.75
CA LYS A 422 14.20 4.34 12.63
C LYS A 422 13.36 4.79 11.45
N ALA A 423 12.49 5.78 11.62
CA ALA A 423 11.65 6.22 10.51
C ALA A 423 11.78 7.68 10.17
N VAL A 424 11.98 8.54 11.16
CA VAL A 424 11.72 9.96 11.02
C VAL A 424 13.05 10.71 10.93
N SER A 425 13.07 11.79 10.12
CA SER A 425 14.29 12.54 9.87
C SER A 425 14.79 13.29 11.10
N THR A 426 13.92 13.63 12.04
CA THR A 426 14.35 14.28 13.26
C THR A 426 14.79 13.29 14.33
N GLY A 427 14.73 12.00 14.07
CA GLY A 427 15.12 11.02 15.05
C GLY A 427 16.63 10.98 15.22
N GLY A 428 17.05 10.16 16.17
CA GLY A 428 18.46 10.04 16.47
C GLY A 428 19.01 11.11 17.39
N GLY A 429 18.16 11.98 17.92
CA GLY A 429 18.60 12.98 18.85
C GLY A 429 18.08 14.36 18.53
N GLY A 430 17.85 14.63 17.25
CA GLY A 430 17.34 15.92 16.83
C GLY A 430 15.91 16.17 17.22
N HIS A 431 15.14 15.11 17.44
CA HIS A 431 13.78 15.26 17.93
C HIS A 431 13.76 15.77 19.36
N VAL A 432 14.77 15.46 20.16
CA VAL A 432 14.88 16.02 21.51
C VAL A 432 15.17 17.51 21.45
N GLN A 433 16.07 17.93 20.57
CA GLN A 433 16.36 19.35 20.40
C GLN A 433 15.16 20.10 19.84
N LEU A 434 14.43 19.47 18.93
CA LEU A 434 13.20 20.04 18.43
C LEU A 434 12.14 20.14 19.52
N LEU A 435 12.10 19.14 20.41
CA LEU A 435 11.18 19.18 21.53
C LEU A 435 11.53 20.30 22.51
N ARG A 436 12.83 20.50 22.75
CA ARG A 436 13.27 21.59 23.62
C ARG A 436 12.91 22.95 23.04
N ARG A 437 13.15 23.12 21.74
CA ARG A 437 12.79 24.35 21.06
C ARG A 437 11.28 24.57 21.05
N ALA A 438 10.52 23.49 20.88
CA ALA A 438 9.06 23.61 20.91
C ALA A 438 8.54 23.90 22.30
N ALA A 439 9.19 23.36 23.33
CA ALA A 439 8.83 23.67 24.70
C ALA A 439 9.16 25.11 25.05
N ALA A 440 10.15 25.69 24.37
CA ALA A 440 10.36 27.12 24.48
C ALA A 440 9.21 27.92 23.89
N GLN A 441 8.59 27.42 22.82
CA GLN A 441 7.44 28.07 22.23
C GLN A 441 6.11 27.56 22.78
N LEU A 442 6.14 26.63 23.73
CA LEU A 442 4.90 26.13 24.33
C LEU A 442 4.35 27.17 25.28
N THR A 443 3.46 28.02 24.78
CA THR A 443 2.89 29.06 25.60
C THR A 443 1.47 28.68 25.97
N TYR A 444 0.97 29.32 27.03
CA TYR A 444 -0.41 29.11 27.45
C TYR A 444 -1.38 29.67 26.43
N CYS A 445 -0.96 30.68 25.67
CA CYS A 445 -1.76 31.23 24.58
C CYS A 445 -1.95 30.21 23.47
N SER A 446 -0.89 29.44 23.16
CA SER A 446 -0.94 28.48 22.06
C SER A 446 -1.83 27.27 22.38
N LEU A 447 -2.05 26.97 23.64
CA LEU A 447 -2.93 25.86 24.01
C LEU A 447 -4.39 26.27 24.14
N CYS A 448 -4.69 27.56 24.07
CA CYS A 448 -6.06 28.04 24.15
C CYS A 448 -6.52 28.50 22.78
N PRO A 449 -7.43 27.79 22.13
CA PRO A 449 -7.83 28.10 20.74
C PRO A 449 -8.45 29.47 20.52
N PRO A 450 -9.19 30.08 21.47
CA PRO A 450 -9.49 31.51 21.27
C PRO A 450 -8.25 32.36 21.19
N ASP A 451 -7.34 32.22 22.16
CA ASP A 451 -6.11 33.00 22.17
C ASP A 451 -5.17 32.60 21.02
N ASP A 452 -5.08 31.29 20.74
CA ASP A 452 -4.18 30.83 19.69
C ASP A 452 -4.68 31.20 18.30
N LEU A 453 -5.97 31.01 18.04
CA LEU A 453 -6.53 31.35 16.74
C LEU A 453 -6.72 32.85 16.56
N ALA A 454 -6.75 33.62 17.65
CA ALA A 454 -6.66 35.07 17.51
C ALA A 454 -5.23 35.49 17.23
N ASP A 455 -4.27 34.82 17.87
CA ASP A 455 -2.86 35.11 17.67
C ASP A 455 -2.41 34.75 16.26
N ARG A 456 -2.92 33.65 15.72
CA ARG A 456 -2.60 33.25 14.37
C ARG A 456 -3.47 33.93 13.34
N GLY A 457 -4.47 34.68 13.75
CA GLY A 457 -5.28 35.41 12.81
C GLY A 457 -6.21 34.55 12.01
N LEU A 458 -6.55 33.37 12.50
CA LEU A 458 -7.43 32.46 11.81
C LEU A 458 -8.87 32.60 12.22
N LEU A 459 -9.20 33.65 12.98
CA LEU A 459 -10.59 33.87 13.37
C LEU A 459 -11.40 34.38 12.19
N GLY A 460 -12.63 33.90 12.07
CA GLY A 460 -13.52 34.37 11.06
C GLY A 460 -13.32 33.76 9.68
N LEU A 461 -12.37 32.86 9.52
CA LEU A 461 -12.17 32.21 8.23
C LEU A 461 -13.24 31.13 8.08
N PRO A 462 -14.08 31.18 7.04
CA PRO A 462 -15.12 30.15 6.89
C PRO A 462 -14.58 28.79 6.52
N GLY A 463 -13.48 28.73 5.77
CA GLY A 463 -12.88 27.45 5.42
C GLY A 463 -12.05 26.81 6.51
N ALA A 464 -11.77 27.55 7.58
CA ALA A 464 -11.00 27.02 8.71
C ALA A 464 -11.97 26.25 9.61
N LEU A 465 -12.20 25.00 9.22
CA LEU A 465 -13.13 24.15 9.95
C LEU A 465 -12.55 23.69 11.28
N TYR A 466 -11.23 23.49 11.36
CA TYR A 466 -10.61 23.21 12.65
C TYR A 466 -10.82 24.38 13.59
N ALA A 467 -10.68 25.60 13.08
CA ALA A 467 -10.85 26.79 13.91
C ALA A 467 -12.30 26.94 14.36
N HIS A 468 -13.26 26.73 13.47
CA HIS A 468 -14.67 26.86 13.84
C HIS A 468 -15.07 25.80 14.86
N ASP A 469 -14.70 24.55 14.60
CA ASP A 469 -15.01 23.46 15.52
C ASP A 469 -14.25 23.60 16.83
N ALA A 470 -13.04 24.15 16.80
CA ALA A 470 -12.26 24.31 18.02
C ALA A 470 -12.82 25.42 18.89
N LEU A 471 -13.30 26.51 18.29
CA LEU A 471 -13.94 27.55 19.10
C LEU A 471 -15.28 27.08 19.64
N ARG A 472 -16.03 26.30 18.86
CA ARG A 472 -17.30 25.76 19.36
C ARG A 472 -17.05 24.79 20.50
N LEU A 473 -16.06 23.92 20.37
CA LEU A 473 -15.71 23.01 21.45
C LEU A 473 -15.18 23.77 22.64
N TRP A 474 -14.43 24.85 22.42
CA TRP A 474 -13.92 25.64 23.53
C TRP A 474 -15.05 26.27 24.31
N GLU A 475 -16.06 26.82 23.62
CA GLU A 475 -17.13 27.46 24.37
C GLU A 475 -18.01 26.43 25.06
N ILE A 476 -18.16 25.24 24.48
CA ILE A 476 -18.93 24.18 25.11
C ILE A 476 -18.20 23.63 26.33
N ILE A 477 -16.90 23.38 26.19
CA ILE A 477 -16.07 22.90 27.29
C ILE A 477 -15.95 23.96 28.37
N ALA A 478 -15.89 25.24 27.98
CA ALA A 478 -15.84 26.32 28.95
C ALA A 478 -17.15 26.46 29.70
N ARG A 479 -18.28 26.19 29.05
CA ARG A 479 -19.55 26.16 29.77
C ARG A 479 -19.58 25.03 30.78
N TYR A 480 -19.03 23.87 30.40
CA TYR A 480 -18.91 22.72 31.32
C TYR A 480 -18.03 23.04 32.51
N VAL A 481 -16.85 23.64 32.24
CA VAL A 481 -15.91 24.04 33.27
C VAL A 481 -16.53 25.08 34.19
N GLU A 482 -17.25 26.05 33.59
CA GLU A 482 -17.90 27.11 34.34
C GLU A 482 -18.98 26.57 35.24
N GLY A 483 -19.75 25.58 34.76
CA GLY A 483 -20.77 24.97 35.58
C GLY A 483 -20.19 24.26 36.79
N ILE A 484 -19.14 23.47 36.58
CA ILE A 484 -18.52 22.74 37.68
C ILE A 484 -17.85 23.69 38.67
N VAL A 485 -17.08 24.66 38.16
CA VAL A 485 -16.34 25.57 39.01
C VAL A 485 -17.26 26.47 39.81
N HIS A 486 -18.26 27.07 39.15
CA HIS A 486 -19.24 27.88 39.84
C HIS A 486 -20.14 27.08 40.76
N LEU A 487 -20.22 25.77 40.58
CA LEU A 487 -20.80 24.95 41.62
C LEU A 487 -19.90 24.90 42.85
N PHE A 488 -18.60 24.79 42.65
CA PHE A 488 -17.70 24.56 43.78
C PHE A 488 -16.80 25.73 44.09
N TYR A 489 -17.00 26.88 43.45
CA TYR A 489 -16.27 28.10 43.81
C TYR A 489 -17.24 29.23 43.55
N GLN A 490 -17.88 29.71 44.60
CA GLN A 490 -18.86 30.78 44.43
C GLN A 490 -18.18 32.12 44.19
N ARG A 491 -17.05 32.36 44.87
CA ARG A 491 -16.35 33.63 44.82
C ARG A 491 -14.90 33.39 44.43
N ASP A 492 -14.20 34.48 44.13
CA ASP A 492 -12.80 34.40 43.74
C ASP A 492 -11.87 34.11 44.91
N ASP A 493 -12.20 34.57 46.12
CA ASP A 493 -11.34 34.29 47.26
C ASP A 493 -11.35 32.82 47.65
N ILE A 494 -12.44 32.11 47.31
CA ILE A 494 -12.47 30.67 47.48
C ILE A 494 -11.49 30.00 46.53
N VAL A 495 -11.35 30.54 45.32
CA VAL A 495 -10.33 30.08 44.40
C VAL A 495 -8.93 30.39 44.93
N LYS A 496 -8.76 31.59 45.48
CA LYS A 496 -7.47 31.94 46.09
C LYS A 496 -7.20 31.15 47.36
N GLY A 497 -8.23 30.83 48.12
CA GLY A 497 -8.10 30.17 49.40
C GLY A 497 -7.99 28.68 49.35
N ASP A 498 -7.89 28.08 48.16
CA ASP A 498 -7.78 26.65 48.01
C ASP A 498 -6.30 26.30 47.88
N PRO A 499 -5.67 25.73 48.90
CA PRO A 499 -4.23 25.44 48.80
C PRO A 499 -3.92 24.29 47.87
N GLU A 500 -4.81 23.31 47.74
CA GLU A 500 -4.58 22.21 46.81
C GLU A 500 -4.69 22.67 45.37
N LEU A 501 -5.60 23.60 45.09
CA LEU A 501 -5.72 24.16 43.75
C LEU A 501 -4.49 24.99 43.37
N GLN A 502 -3.98 25.81 44.28
CA GLN A 502 -2.78 26.57 44.01
C GLN A 502 -1.56 25.67 43.91
N ALA A 503 -1.52 24.60 44.70
CA ALA A 503 -0.44 23.64 44.61
C ALA A 503 -0.48 22.90 43.27
N TRP A 504 -1.68 22.60 42.79
CA TRP A 504 -1.83 21.98 41.48
C TRP A 504 -1.42 22.92 40.37
N CYS A 505 -1.73 24.21 40.52
CA CYS A 505 -1.31 25.21 39.55
C CYS A 505 0.21 25.33 39.52
N ARG A 506 0.85 25.34 40.69
CA ARG A 506 2.31 25.40 40.74
C ARG A 506 2.95 24.12 40.23
N GLU A 507 2.29 22.99 40.45
CA GLU A 507 2.81 21.71 39.97
C GLU A 507 2.72 21.61 38.45
N ILE A 508 1.71 22.23 37.84
CA ILE A 508 1.67 22.28 36.39
C ILE A 508 2.71 23.26 35.87
N THR A 509 2.66 24.50 36.35
CA THR A 509 3.45 25.57 35.74
C THR A 509 4.91 25.50 36.16
N GLU A 510 5.17 25.59 37.46
CA GLU A 510 6.55 25.69 37.93
C GLU A 510 7.27 24.35 37.87
N VAL A 511 6.57 23.24 38.09
CA VAL A 511 7.25 21.97 38.22
C VAL A 511 7.11 21.14 36.95
N GLY A 512 5.87 20.84 36.58
CA GLY A 512 5.63 19.93 35.47
C GLY A 512 6.06 20.49 34.14
N LEU A 513 5.75 21.76 33.87
CA LEU A 513 6.12 22.39 32.62
C LEU A 513 7.46 23.11 32.71
N CYS A 514 8.19 22.93 33.82
CA CYS A 514 9.53 23.43 34.05
C CYS A 514 9.60 24.95 33.96
N GLN A 515 8.91 25.59 34.92
CA GLN A 515 8.87 27.04 35.13
C GLN A 515 8.36 27.76 33.88
N ALA A 516 7.13 27.44 33.53
CA ALA A 516 6.48 27.99 32.36
C ALA A 516 5.67 29.24 32.66
N GLN A 517 6.01 29.94 33.75
CA GLN A 517 5.35 31.21 34.04
C GLN A 517 5.75 32.27 33.03
N ASP A 518 6.96 32.17 32.47
CA ASP A 518 7.39 33.09 31.43
C ASP A 518 6.69 32.82 30.11
N ARG A 519 6.07 31.65 29.96
CA ARG A 519 5.30 31.30 28.80
C ARG A 519 3.81 31.48 29.02
N GLY A 520 3.42 32.31 29.98
CA GLY A 520 2.04 32.66 30.16
C GLY A 520 1.23 31.75 31.04
N PHE A 521 1.79 30.63 31.47
CA PHE A 521 1.07 29.72 32.34
C PHE A 521 0.99 30.32 33.75
N PRO A 522 -0.17 30.26 34.39
CA PRO A 522 -0.31 30.91 35.70
C PRO A 522 0.41 30.14 36.78
N VAL A 523 0.99 30.87 37.73
CA VAL A 523 1.52 30.24 38.92
C VAL A 523 0.46 30.10 40.00
N SER A 524 -0.66 30.80 39.86
CA SER A 524 -1.72 30.77 40.83
C SER A 524 -3.01 31.16 40.14
N PHE A 525 -4.12 30.91 40.82
CA PHE A 525 -5.43 31.30 40.36
C PHE A 525 -5.97 32.36 41.30
N GLN A 526 -6.32 33.51 40.74
CA GLN A 526 -6.81 34.62 41.54
C GLN A 526 -8.27 34.90 41.31
N SER A 527 -8.92 34.15 40.43
CA SER A 527 -10.32 34.38 40.13
C SER A 527 -10.94 33.08 39.66
N GLN A 528 -12.27 33.07 39.64
CA GLN A 528 -13.01 31.95 39.09
C GLN A 528 -12.73 31.79 37.61
N SER A 529 -12.67 32.90 36.88
CA SER A 529 -12.54 32.84 35.42
C SER A 529 -11.14 32.48 34.99
N GLN A 530 -10.12 32.79 35.80
CA GLN A 530 -8.77 32.34 35.48
C GLN A 530 -8.65 30.83 35.60
N LEU A 531 -9.20 30.27 36.69
CA LEU A 531 -9.27 28.83 36.87
C LEU A 531 -10.15 28.18 35.80
N CYS A 532 -11.23 28.85 35.42
CA CYS A 532 -12.11 28.34 34.38
C CYS A 532 -11.42 28.27 33.03
N HIS A 533 -10.65 29.30 32.70
CA HIS A 533 -9.88 29.31 31.46
C HIS A 533 -8.79 28.25 31.47
N PHE A 534 -8.11 28.09 32.62
CA PHE A 534 -7.06 27.08 32.71
C PHE A 534 -7.61 25.67 32.62
N LEU A 535 -8.74 25.41 33.26
CA LEU A 535 -9.34 24.09 33.20
C LEU A 535 -9.92 23.80 31.84
N THR A 536 -10.46 24.82 31.17
CA THR A 536 -10.88 24.68 29.79
C THR A 536 -9.70 24.35 28.89
N MET A 537 -8.55 24.97 29.16
CA MET A 537 -7.33 24.64 28.43
C MET A 537 -6.92 23.20 28.69
N CYS A 538 -6.99 22.76 29.95
CA CYS A 538 -6.62 21.39 30.30
C CYS A 538 -7.52 20.37 29.61
N VAL A 539 -8.83 20.61 29.63
CA VAL A 539 -9.75 19.67 29.01
C VAL A 539 -9.63 19.70 27.50
N PHE A 540 -9.47 20.89 26.91
CA PHE A 540 -9.30 20.99 25.46
C PHE A 540 -8.02 20.35 24.99
N THR A 541 -6.92 20.54 25.73
CA THR A 541 -5.66 19.92 25.39
C THR A 541 -5.74 18.41 25.49
N CYS A 542 -6.38 17.91 26.55
CA CYS A 542 -6.46 16.48 26.78
C CYS A 542 -7.40 15.81 25.78
N THR A 543 -8.48 16.48 25.38
CA THR A 543 -9.50 15.83 24.59
C THR A 543 -9.58 16.36 23.17
N ALA A 544 -9.88 17.64 22.99
CA ALA A 544 -10.25 18.12 21.67
C ALA A 544 -9.02 18.40 20.82
N GLN A 545 -8.00 19.00 21.41
CA GLN A 545 -6.80 19.33 20.66
C GLN A 545 -6.04 18.08 20.24
N HIS A 546 -6.02 17.08 21.11
CA HIS A 546 -5.39 15.83 20.74
C HIS A 546 -6.19 15.09 19.66
N ALA A 547 -7.51 15.19 19.70
CA ALA A 547 -8.32 14.59 18.65
C ALA A 547 -8.09 15.29 17.31
N ALA A 548 -7.92 16.60 17.34
CA ALA A 548 -7.64 17.34 16.11
C ALA A 548 -6.23 17.05 15.59
N ILE A 549 -5.26 16.90 16.50
CA ILE A 549 -3.88 16.77 16.08
C ILE A 549 -3.51 15.31 15.84
N ASN A 550 -4.37 14.38 16.23
CA ASN A 550 -4.07 12.96 16.19
C ASN A 550 -4.90 12.18 15.19
N GLN A 551 -6.20 12.46 15.08
CA GLN A 551 -7.06 11.64 14.23
C GLN A 551 -6.84 11.85 12.74
N GLY A 552 -6.10 12.86 12.35
CA GLY A 552 -5.79 13.08 10.95
C GLY A 552 -4.54 12.39 10.45
N GLN A 553 -3.94 11.51 11.23
CA GLN A 553 -2.68 10.91 10.79
C GLN A 553 -2.90 9.85 9.72
N LEU A 554 -3.99 9.10 9.78
CA LEU A 554 -4.18 8.12 8.70
C LEU A 554 -4.85 8.73 7.50
N ASP A 555 -5.67 9.75 7.68
CA ASP A 555 -6.29 10.39 6.52
C ASP A 555 -5.28 11.14 5.68
N TRP A 556 -4.33 11.80 6.32
CA TRP A 556 -3.36 12.61 5.60
C TRP A 556 -1.96 12.02 5.56
N TYR A 557 -1.69 10.96 6.30
CA TYR A 557 -0.34 10.43 6.39
C TYR A 557 -0.23 9.03 5.84
N ALA A 558 -1.34 8.41 5.41
CA ALA A 558 -1.24 7.08 4.83
C ALA A 558 -0.61 7.15 3.46
N TRP A 559 -0.95 8.18 2.70
CA TRP A 559 -0.24 8.42 1.46
C TRP A 559 1.04 9.13 1.85
N VAL A 560 2.13 8.36 1.83
CA VAL A 560 3.43 8.89 2.26
C VAL A 560 3.90 10.12 1.49
N PRO A 561 3.77 10.23 0.15
CA PRO A 561 4.17 11.49 -0.49
C PRO A 561 3.34 12.71 -0.07
N ASN A 562 2.15 12.51 0.50
CA ASN A 562 1.43 13.64 1.05
C ASN A 562 2.12 14.22 2.28
N ALA A 563 2.77 13.39 3.07
CA ALA A 563 3.53 13.90 4.21
C ALA A 563 4.62 12.91 4.60
N PRO A 564 5.82 13.06 4.04
CA PRO A 564 6.88 12.08 4.30
C PRO A 564 7.42 12.19 5.71
N CYS A 565 7.79 11.04 6.25
CA CYS A 565 8.41 11.00 7.56
C CYS A 565 9.85 11.47 7.53
N THR A 566 10.53 11.30 6.39
CA THR A 566 11.93 11.65 6.29
C THR A 566 12.26 12.01 4.85
N MET A 567 13.47 12.51 4.66
CA MET A 567 14.02 12.77 3.33
C MET A 567 15.43 12.23 3.25
N ARG A 568 15.71 11.48 2.18
CA ARG A 568 16.99 10.81 2.01
C ARG A 568 17.94 11.56 1.07
N MET A 569 17.54 12.71 0.58
CA MET A 569 18.37 13.56 -0.26
C MET A 569 18.31 14.98 0.27
N PRO A 570 19.34 15.79 0.02
CA PRO A 570 19.28 17.18 0.43
C PRO A 570 18.18 17.92 -0.31
N PRO A 571 17.64 18.99 0.28
CA PRO A 571 16.61 19.76 -0.41
C PRO A 571 17.19 20.45 -1.64
N PRO A 572 16.37 20.62 -2.68
CA PRO A 572 16.92 21.13 -3.94
C PRO A 572 17.29 22.60 -3.88
N THR A 573 18.35 22.95 -4.60
CA THR A 573 18.77 24.32 -4.74
C THR A 573 18.52 24.87 -6.13
N THR A 574 18.47 24.01 -7.15
CA THR A 574 18.10 24.40 -8.50
C THR A 574 16.82 23.66 -8.89
N LYS A 575 15.98 24.33 -9.67
CA LYS A 575 14.71 23.73 -10.07
C LYS A 575 14.82 22.86 -11.31
N GLU A 576 15.76 23.17 -12.21
CA GLU A 576 15.86 22.42 -13.45
C GLU A 576 16.51 21.06 -13.26
N ASP A 577 17.22 20.83 -12.16
CA ASP A 577 17.89 19.57 -11.92
C ASP A 577 17.04 18.58 -11.15
N VAL A 578 15.80 18.94 -10.82
CA VAL A 578 14.91 18.04 -10.08
C VAL A 578 14.22 17.13 -11.06
N THR A 579 14.56 15.86 -11.01
CA THR A 579 13.95 14.83 -11.83
C THR A 579 13.08 13.94 -10.96
N MET A 580 12.52 12.89 -11.56
CA MET A 580 11.79 11.90 -10.80
C MET A 580 12.73 11.11 -9.91
N ALA A 581 13.97 10.91 -10.34
CA ALA A 581 14.96 10.24 -9.51
C ALA A 581 15.26 11.07 -8.26
N THR A 582 15.32 12.39 -8.39
CA THR A 582 15.54 13.24 -7.23
C THR A 582 14.34 13.22 -6.29
N VAL A 583 13.12 13.23 -6.83
CA VAL A 583 11.93 13.18 -6.00
C VAL A 583 11.83 11.84 -5.27
N MET A 584 12.07 10.74 -5.99
CA MET A 584 11.93 9.42 -5.40
C MET A 584 13.07 9.12 -4.43
N GLY A 585 14.29 9.56 -4.75
CA GLY A 585 15.39 9.42 -3.82
C GLY A 585 15.25 10.30 -2.60
N SER A 586 14.62 11.46 -2.76
CA SER A 586 14.36 12.30 -1.60
C SER A 586 13.24 11.73 -0.74
N LEU A 587 12.16 11.27 -1.35
CA LEU A 587 11.05 10.65 -0.63
C LEU A 587 11.53 9.36 0.05
N PRO A 588 10.90 8.97 1.18
CA PRO A 588 11.41 7.81 1.91
C PRO A 588 11.32 6.54 1.10
N ASP A 589 12.22 5.61 1.37
CA ASP A 589 12.15 4.33 0.71
C ASP A 589 11.02 3.51 1.31
N VAL A 590 10.90 2.26 0.86
CA VAL A 590 9.70 1.49 1.16
C VAL A 590 9.64 1.13 2.65
N ARG A 591 10.79 0.97 3.31
CA ARG A 591 10.76 0.57 4.72
C ARG A 591 10.37 1.74 5.62
N GLN A 592 10.92 2.92 5.37
CA GLN A 592 10.55 4.11 6.13
C GLN A 592 9.10 4.50 5.87
N ALA A 593 8.66 4.39 4.62
CA ALA A 593 7.29 4.73 4.26
C ALA A 593 6.30 3.78 4.90
N CYS A 594 6.60 2.47 4.90
CA CYS A 594 5.72 1.50 5.53
C CYS A 594 5.67 1.68 7.03
N LEU A 595 6.81 2.04 7.64
CA LEU A 595 6.79 2.33 9.08
C LEU A 595 5.98 3.58 9.39
N GLN A 596 6.06 4.60 8.54
CA GLN A 596 5.24 5.79 8.73
C GLN A 596 3.76 5.48 8.61
N MET A 597 3.41 4.59 7.67
CA MET A 597 2.02 4.17 7.50
C MET A 597 1.54 3.38 8.70
N ALA A 598 2.40 2.52 9.24
CA ALA A 598 2.05 1.71 10.41
C ALA A 598 1.84 2.55 11.64
N ILE A 599 2.73 3.51 11.90
CA ILE A 599 2.59 4.38 13.07
C ILE A 599 1.38 5.29 12.92
N SER A 600 1.11 5.79 11.71
CA SER A 600 -0.04 6.65 11.48
C SER A 600 -1.34 5.90 11.73
N TRP A 601 -1.43 4.65 11.25
CA TRP A 601 -2.61 3.85 11.51
C TRP A 601 -2.73 3.49 12.99
N HIS A 602 -1.60 3.20 13.65
CA HIS A 602 -1.61 2.86 15.07
C HIS A 602 -2.09 4.01 15.92
N LEU A 603 -1.67 5.23 15.60
CA LEU A 603 -1.96 6.35 16.47
C LEU A 603 -3.30 6.99 16.16
N SER A 604 -3.77 6.89 14.92
CA SER A 604 -4.97 7.61 14.54
C SER A 604 -6.21 6.74 14.40
N ARG A 605 -6.10 5.44 14.64
CA ARG A 605 -7.29 4.59 14.53
C ARG A 605 -8.19 4.82 15.73
N ARG A 606 -9.48 4.56 15.53
CA ARG A 606 -10.42 4.67 16.62
C ARG A 606 -10.24 3.49 17.56
N GLN A 607 -10.05 3.80 18.84
CA GLN A 607 -9.94 2.75 19.82
C GLN A 607 -11.32 2.13 20.05
N PRO A 608 -11.43 0.80 20.14
CA PRO A 608 -12.71 0.21 20.51
C PRO A 608 -13.14 0.53 21.93
N ASP A 609 -12.21 0.89 22.81
CA ASP A 609 -12.52 1.28 24.18
C ASP A 609 -12.61 2.79 24.32
N MET A 610 -12.88 3.50 23.23
CA MET A 610 -12.90 4.96 23.21
C MET A 610 -14.04 5.47 24.07
N VAL A 611 -13.71 6.33 25.01
CA VAL A 611 -14.72 7.10 25.72
C VAL A 611 -14.90 8.39 24.95
N PRO A 612 -16.11 8.71 24.49
CA PRO A 612 -16.34 9.99 23.85
C PRO A 612 -16.22 11.11 24.85
N LEU A 613 -15.98 12.31 24.34
CA LEU A 613 -15.81 13.47 25.18
C LEU A 613 -17.10 13.73 25.95
N GLY A 614 -16.96 13.87 27.26
CA GLY A 614 -18.09 14.05 28.13
C GLY A 614 -18.87 12.82 28.49
N HIS A 615 -18.53 11.66 27.92
CA HIS A 615 -19.30 10.44 28.13
C HIS A 615 -18.52 9.43 28.96
N HIS A 616 -17.82 9.91 29.97
CA HIS A 616 -17.23 9.02 30.95
C HIS A 616 -18.32 8.49 31.87
N LYS A 617 -18.35 7.18 32.05
CA LYS A 617 -19.38 6.57 32.87
C LYS A 617 -19.08 6.61 34.35
N GLU A 618 -17.85 6.94 34.72
CA GLU A 618 -17.47 6.99 36.12
C GLU A 618 -18.15 8.16 36.83
N LYS A 619 -18.77 7.86 37.96
CA LYS A 619 -19.55 8.84 38.71
C LYS A 619 -18.75 9.30 39.92
N TYR A 620 -17.76 10.16 39.67
CA TYR A 620 -17.02 10.73 40.79
C TYR A 620 -17.86 11.74 41.55
N PHE A 621 -18.56 12.61 40.83
CA PHE A 621 -19.44 13.59 41.44
C PHE A 621 -20.73 12.94 41.91
N SER A 622 -21.13 13.22 43.14
CA SER A 622 -22.33 12.59 43.68
C SER A 622 -23.54 13.50 43.65
N GLY A 623 -23.35 14.81 43.52
CA GLY A 623 -24.46 15.73 43.59
C GLY A 623 -25.29 15.74 42.33
N PRO A 624 -26.55 16.17 42.44
CA PRO A 624 -27.38 16.32 41.23
C PRO A 624 -26.88 17.42 40.31
N LYS A 625 -26.31 18.48 40.86
CA LYS A 625 -25.92 19.64 40.06
C LYS A 625 -24.71 19.38 39.16
N PRO A 626 -23.55 18.85 39.65
CA PRO A 626 -22.49 18.48 38.70
C PRO A 626 -22.93 17.53 37.59
N LYS A 627 -23.91 16.65 37.88
CA LYS A 627 -24.36 15.72 36.88
C LYS A 627 -25.24 16.43 35.86
N ALA A 628 -26.08 17.36 36.32
CA ALA A 628 -26.85 18.20 35.40
C ALA A 628 -25.93 19.02 34.50
N VAL A 629 -24.81 19.49 35.06
CA VAL A 629 -23.81 20.21 34.26
C VAL A 629 -23.19 19.29 33.22
N LEU A 630 -22.83 18.06 33.61
CA LEU A 630 -22.32 17.07 32.66
C LEU A 630 -23.36 16.73 31.58
N ASN A 631 -24.62 16.66 31.97
CA ASN A 631 -25.72 16.44 31.03
C ASN A 631 -25.77 17.57 29.99
N GLN A 632 -25.78 18.81 30.47
CA GLN A 632 -25.68 19.98 29.61
C GLN A 632 -24.50 19.88 28.66
N PHE A 633 -23.32 19.50 29.18
CA PHE A 633 -22.13 19.34 28.36
C PHE A 633 -22.37 18.35 27.23
N ARG A 634 -22.98 17.21 27.56
CA ARG A 634 -23.29 16.20 26.56
C ARG A 634 -24.34 16.67 25.56
N THR A 635 -25.34 17.44 26.02
CA THR A 635 -26.35 18.00 25.13
C THR A 635 -25.75 19.01 24.16
N ASP A 636 -24.87 19.87 24.66
CA ASP A 636 -24.18 20.82 23.80
C ASP A 636 -23.24 20.12 22.84
N LEU A 637 -22.61 19.03 23.29
CA LEU A 637 -21.73 18.29 22.41
C LEU A 637 -22.49 17.57 21.32
N GLU A 638 -23.68 17.05 21.62
CA GLU A 638 -24.45 16.42 20.55
C GLU A 638 -25.06 17.46 19.61
N LYS A 639 -25.35 18.66 20.12
CA LYS A 639 -25.75 19.76 19.23
C LYS A 639 -24.61 20.14 18.28
N LEU A 640 -23.38 20.22 18.80
CA LEU A 640 -22.24 20.47 17.94
C LEU A 640 -21.99 19.30 16.99
N GLU A 641 -22.25 18.08 17.42
CA GLU A 641 -22.14 16.91 16.56
C GLU A 641 -23.11 17.00 15.39
N LYS A 642 -24.35 17.40 15.66
CA LYS A 642 -25.33 17.59 14.60
C LYS A 642 -24.92 18.72 13.67
N GLU A 643 -24.38 19.81 14.22
CA GLU A 643 -23.94 20.93 13.40
C GLU A 643 -22.77 20.56 12.50
N ILE A 644 -21.79 19.82 13.03
CA ILE A 644 -20.63 19.42 12.25
C ILE A 644 -21.03 18.38 11.20
N THR A 645 -21.94 17.47 11.53
CA THR A 645 -22.42 16.49 10.55
C THR A 645 -23.20 17.16 9.42
N ALA A 646 -24.07 18.11 9.76
CA ALA A 646 -24.83 18.84 8.73
C ALA A 646 -23.92 19.72 7.89
N ARG A 647 -22.85 20.24 8.47
CA ARG A 647 -21.87 21.00 7.70
C ARG A 647 -21.07 20.08 6.78
N ASN A 648 -20.65 18.93 7.30
CA ASN A 648 -19.79 18.02 6.56
C ASN A 648 -20.53 17.28 5.46
N GLU A 649 -21.87 17.22 5.53
CA GLU A 649 -22.62 16.60 4.46
C GLU A 649 -22.60 17.42 3.17
N GLN A 650 -22.27 18.70 3.25
CA GLN A 650 -22.20 19.58 2.08
C GLN A 650 -20.77 19.94 1.70
N LEU A 651 -19.79 19.16 2.16
CA LEU A 651 -18.38 19.44 1.92
C LEU A 651 -17.73 18.28 1.18
N ASP A 652 -16.92 18.62 0.18
CA ASP A 652 -16.15 17.59 -0.51
C ASP A 652 -15.03 17.05 0.36
N TRP A 653 -14.45 17.91 1.20
CA TRP A 653 -13.35 17.56 2.09
C TRP A 653 -13.81 17.89 3.50
N PRO A 654 -14.55 16.99 4.15
CA PRO A 654 -15.11 17.31 5.45
C PRO A 654 -14.06 17.27 6.55
N TYR A 655 -14.32 18.01 7.61
CA TYR A 655 -13.47 18.01 8.80
C TYR A 655 -14.20 17.25 9.88
N GLU A 656 -13.75 16.03 10.14
CA GLU A 656 -14.42 15.12 11.04
C GLU A 656 -13.67 14.90 12.35
N TYR A 657 -12.54 15.57 12.55
CA TYR A 657 -11.73 15.24 13.72
C TYR A 657 -12.22 15.88 15.00
N LEU A 658 -13.13 16.83 14.92
CA LEU A 658 -13.65 17.49 16.11
C LEU A 658 -15.13 17.21 16.30
N LYS A 659 -15.64 16.14 15.71
CA LYS A 659 -16.94 15.65 16.09
C LYS A 659 -16.86 15.12 17.51
N PRO A 660 -17.71 15.59 18.43
CA PRO A 660 -17.61 15.17 19.83
C PRO A 660 -17.85 13.70 20.07
N SER A 661 -18.53 13.00 19.16
CA SER A 661 -18.63 11.56 19.27
C SER A 661 -17.32 10.87 18.91
N CYS A 662 -16.47 11.51 18.13
CA CYS A 662 -15.18 10.94 17.75
C CYS A 662 -14.02 11.47 18.58
N ILE A 663 -14.27 12.41 19.49
CA ILE A 663 -13.22 12.95 20.32
C ILE A 663 -13.01 12.01 21.49
N GLU A 664 -11.77 11.55 21.67
CA GLU A 664 -11.43 10.71 22.81
C GLU A 664 -11.53 11.56 24.07
N ASN A 665 -12.00 10.97 25.16
CA ASN A 665 -12.19 11.73 26.38
C ASN A 665 -10.88 12.06 27.11
N SER A 666 -9.76 11.54 26.64
CA SER A 666 -8.45 11.80 27.23
C SER A 666 -7.39 11.45 26.19
N VAL A 667 -6.14 11.79 26.48
CA VAL A 667 -5.05 11.33 25.62
C VAL A 667 -4.81 9.86 25.93
N THR A 668 -5.31 8.96 25.09
CA THR A 668 -5.08 7.53 25.29
C THR A 668 -4.18 6.90 24.24
N ILE A 669 -3.97 7.56 23.12
CA ILE A 669 -3.17 7.00 22.05
C ILE A 669 -2.34 8.11 21.43
N GLY B 8 16.26 22.57 -54.33
CA GLY B 8 15.12 21.98 -53.67
C GLY B 8 15.11 22.20 -52.17
N ARG B 9 13.92 22.25 -51.59
CA ARG B 9 13.73 22.45 -50.16
C ARG B 9 13.33 21.14 -49.51
N TYR B 10 14.21 20.59 -48.68
CA TYR B 10 13.96 19.35 -47.96
C TYR B 10 13.66 19.67 -46.51
N ARG B 11 12.52 19.21 -46.04
CA ARG B 11 12.05 19.43 -44.67
C ARG B 11 12.19 18.11 -43.93
N ILE B 12 13.13 18.05 -42.99
CA ILE B 12 13.47 16.84 -42.29
C ILE B 12 12.91 16.97 -40.89
N ARG B 13 11.92 16.15 -40.57
CA ARG B 13 11.35 16.08 -39.24
C ARG B 13 11.90 14.82 -38.57
N VAL B 14 12.68 15.01 -37.52
CA VAL B 14 13.29 13.94 -36.75
C VAL B 14 12.46 13.70 -35.51
N ALA B 15 11.91 12.50 -35.41
CA ALA B 15 11.23 12.05 -34.20
C ALA B 15 12.19 11.18 -33.42
N THR B 16 12.37 11.52 -32.14
CA THR B 16 13.34 10.92 -31.25
C THR B 16 12.61 10.24 -30.10
N GLY B 17 12.93 8.97 -29.86
CA GLY B 17 12.34 8.25 -28.76
C GLY B 17 12.93 8.63 -27.41
N ALA B 18 14.25 8.56 -27.30
CA ALA B 18 14.92 8.84 -26.04
C ALA B 18 16.32 9.36 -26.32
N TRP B 19 16.83 10.16 -25.40
CA TRP B 19 18.14 10.76 -25.57
C TRP B 19 18.78 10.98 -24.20
N LEU B 20 20.08 10.76 -24.12
CA LEU B 20 20.85 10.97 -22.90
C LEU B 20 21.96 11.99 -23.17
N PHE B 21 21.60 13.06 -23.89
CA PHE B 21 22.55 14.10 -24.27
C PHE B 21 23.11 14.82 -23.05
N SER B 22 24.42 14.71 -22.83
CA SER B 22 25.04 15.44 -21.74
C SER B 22 25.10 16.93 -22.06
N GLY B 23 25.48 17.27 -23.29
CA GLY B 23 25.55 18.66 -23.71
C GLY B 23 24.22 19.18 -24.20
N SER B 24 24.20 20.49 -24.50
CA SER B 24 22.98 21.13 -24.97
C SER B 24 22.61 20.68 -26.38
N TYR B 25 23.56 20.71 -27.30
CA TYR B 25 23.33 20.34 -28.69
C TYR B 25 24.36 19.32 -29.14
N ASN B 26 23.91 18.32 -29.90
CA ASN B 26 24.78 17.32 -30.51
C ASN B 26 24.59 17.35 -32.03
N ARG B 27 25.69 17.17 -32.76
CA ARG B 27 25.70 17.28 -34.21
C ARG B 27 25.62 15.88 -34.84
N VAL B 28 24.67 15.70 -35.74
CA VAL B 28 24.52 14.45 -36.48
C VAL B 28 24.55 14.74 -37.99
N GLN B 29 25.48 14.12 -38.70
CA GLN B 29 25.54 14.27 -40.14
C GLN B 29 24.42 13.41 -40.74
N LEU B 30 23.61 14.00 -41.61
CA LEU B 30 22.46 13.37 -42.23
C LEU B 30 22.57 13.37 -43.75
N TRP B 31 23.09 12.29 -44.33
CA TRP B 31 23.10 12.20 -45.79
C TRP B 31 21.72 11.83 -46.29
N LEU B 32 21.19 12.63 -47.22
CA LEU B 32 19.89 12.35 -47.83
C LEU B 32 20.12 11.60 -49.14
N VAL B 33 20.42 10.31 -49.02
CA VAL B 33 20.72 9.50 -50.20
C VAL B 33 19.46 9.30 -51.04
N GLY B 34 19.54 9.68 -52.31
CA GLY B 34 18.46 9.50 -53.26
C GLY B 34 18.94 8.63 -54.40
N THR B 35 18.04 8.41 -55.36
CA THR B 35 18.31 7.55 -56.51
C THR B 35 19.56 7.98 -57.26
N ARG B 36 19.68 9.27 -57.54
CA ARG B 36 20.78 9.78 -58.35
C ARG B 36 21.92 10.36 -57.50
N GLY B 37 21.62 11.15 -56.48
CA GLY B 37 22.64 11.79 -55.69
C GLY B 37 22.25 11.84 -54.22
N GLU B 38 23.26 12.10 -53.38
CA GLU B 38 23.06 12.24 -51.96
C GLU B 38 23.39 13.67 -51.53
N ALA B 39 23.04 14.02 -50.30
CA ALA B 39 23.26 15.37 -49.80
C ALA B 39 23.61 15.33 -48.32
N GLU B 40 24.87 15.64 -48.00
CA GLU B 40 25.33 15.72 -46.62
C GLU B 40 24.74 16.95 -45.94
N LEU B 41 24.03 16.75 -44.82
CA LEU B 41 23.49 17.84 -44.03
C LEU B 41 24.00 17.71 -42.60
N GLU B 42 24.14 18.83 -41.89
CA GLU B 42 24.51 18.77 -40.49
C GLU B 42 23.32 19.18 -39.65
N LEU B 43 22.96 18.36 -38.66
CA LEU B 43 21.80 18.59 -37.83
C LEU B 43 22.21 18.81 -36.39
N GLN B 44 21.87 19.97 -35.83
CA GLN B 44 22.11 20.22 -34.41
C GLN B 44 20.90 19.68 -33.65
N LEU B 45 21.07 18.55 -32.98
CA LEU B 45 19.94 17.90 -32.31
C LEU B 45 19.68 18.54 -30.95
N ARG B 46 18.48 19.09 -30.77
CA ARG B 46 18.03 19.61 -29.48
C ARG B 46 16.70 18.96 -29.10
N PRO B 47 16.70 17.67 -28.76
CA PRO B 47 15.44 16.96 -28.53
C PRO B 47 14.67 17.46 -27.32
N ALA B 48 13.38 17.19 -27.33
CA ALA B 48 12.47 17.50 -26.24
C ALA B 48 11.31 16.52 -26.38
N ARG B 49 10.72 16.14 -25.24
CA ARG B 49 9.65 15.15 -25.22
C ARG B 49 8.49 15.60 -26.11
N GLY B 50 8.14 14.75 -27.08
CA GLY B 50 7.04 15.04 -27.97
C GLY B 50 7.35 16.09 -29.00
N GLU B 51 8.61 16.50 -29.14
CA GLU B 51 9.04 17.48 -30.13
C GLU B 51 9.77 16.75 -31.26
N GLU B 52 9.10 16.65 -32.40
CA GLU B 52 9.69 16.08 -33.61
C GLU B 52 10.42 17.20 -34.33
N GLU B 53 11.70 17.39 -33.95
CA GLU B 53 12.58 18.46 -34.44
C GLU B 53 12.59 18.59 -35.95
N GLU B 54 12.12 19.72 -36.45
CA GLU B 54 12.14 20.03 -37.87
C GLU B 54 13.44 20.75 -38.24
N PHE B 55 13.91 20.50 -39.47
CA PHE B 55 15.11 21.10 -40.02
C PHE B 55 14.84 21.34 -41.49
N ASP B 56 14.97 22.57 -41.94
CA ASP B 56 14.76 22.89 -43.35
C ASP B 56 16.12 23.08 -44.01
N HIS B 57 16.27 22.54 -45.22
CA HIS B 57 17.52 22.74 -45.93
C HIS B 57 17.25 22.96 -47.40
N ASP B 58 17.99 23.89 -48.00
CA ASP B 58 17.94 24.14 -49.43
C ASP B 58 19.14 23.51 -50.10
N VAL B 59 18.89 22.57 -51.00
CA VAL B 59 19.95 21.86 -51.69
C VAL B 59 20.14 22.49 -53.07
N ALA B 60 21.23 22.13 -53.74
CA ALA B 60 21.49 22.57 -55.09
C ALA B 60 21.33 21.47 -56.12
N GLU B 61 21.86 20.28 -55.84
CA GLU B 61 21.67 19.16 -56.74
C GLU B 61 20.29 18.55 -56.52
N ASP B 62 19.80 17.85 -57.53
CA ASP B 62 18.52 17.17 -57.45
C ASP B 62 18.77 15.73 -57.03
N LEU B 63 18.26 15.36 -55.86
CA LEU B 63 18.40 14.01 -55.35
C LEU B 63 17.39 13.05 -55.96
N GLY B 64 16.28 13.56 -56.48
CA GLY B 64 15.25 12.72 -57.04
C GLY B 64 14.41 12.06 -55.98
N LEU B 65 14.02 10.81 -56.20
CA LEU B 65 13.29 10.05 -55.20
C LEU B 65 14.27 9.57 -54.12
N LEU B 66 13.94 9.87 -52.86
CA LEU B 66 14.83 9.49 -51.77
C LEU B 66 14.73 8.01 -51.47
N GLN B 67 15.85 7.42 -51.12
CA GLN B 67 15.92 6.00 -50.81
C GLN B 67 16.50 5.72 -49.44
N PHE B 68 17.47 6.50 -49.00
CA PHE B 68 18.19 6.23 -47.77
C PHE B 68 18.43 7.53 -47.01
N VAL B 69 18.56 7.39 -45.71
CA VAL B 69 19.00 8.45 -44.81
C VAL B 69 20.14 7.91 -43.99
N ARG B 70 21.27 8.58 -43.99
CA ARG B 70 22.45 8.10 -43.29
C ARG B 70 22.77 9.04 -42.15
N LEU B 71 22.95 8.47 -40.97
CA LEU B 71 23.19 9.23 -39.74
C LEU B 71 24.56 8.90 -39.20
N ARG B 72 25.36 9.92 -38.89
CA ARG B 72 26.63 9.70 -38.22
C ARG B 72 26.76 10.72 -37.11
N LYS B 73 26.93 10.24 -35.88
CA LYS B 73 27.04 11.11 -34.71
C LYS B 73 28.39 11.82 -34.74
N HIS B 74 28.40 13.04 -35.26
CA HIS B 74 29.65 13.78 -35.44
C HIS B 74 30.18 14.28 -34.10
N HIS B 75 31.38 13.83 -33.74
CA HIS B 75 32.13 14.19 -32.53
C HIS B 75 31.26 14.27 -31.27
N TRP B 76 30.70 13.13 -30.91
CA TRP B 76 29.81 13.06 -29.77
C TRP B 76 30.57 12.69 -28.50
N LEU B 77 29.86 12.75 -27.38
CA LEU B 77 30.39 12.32 -26.10
C LEU B 77 30.24 10.81 -25.97
N VAL B 78 31.07 10.21 -25.12
CA VAL B 78 31.09 8.76 -24.96
C VAL B 78 29.78 8.26 -24.37
N ASP B 79 29.35 8.86 -23.25
CA ASP B 79 28.14 8.40 -22.57
C ASP B 79 26.85 8.73 -23.32
N ASP B 80 26.89 9.70 -24.25
CA ASP B 80 25.70 10.15 -24.96
C ASP B 80 25.06 9.03 -25.78
N ALA B 81 23.74 9.05 -25.85
CA ALA B 81 22.98 8.05 -26.60
C ALA B 81 21.73 8.72 -27.16
N TRP B 82 21.27 8.23 -28.30
CA TRP B 82 20.12 8.80 -28.97
C TRP B 82 19.30 7.70 -29.62
N PHE B 83 18.09 7.50 -29.11
CA PHE B 83 17.16 6.55 -29.71
C PHE B 83 16.36 7.31 -30.76
N CYS B 84 16.65 7.06 -32.02
CA CYS B 84 15.94 7.73 -33.10
C CYS B 84 14.70 6.91 -33.44
N ASP B 85 13.55 7.57 -33.43
CA ASP B 85 12.32 6.89 -33.83
C ASP B 85 12.18 6.86 -35.34
N ARG B 86 12.08 8.03 -35.96
CA ARG B 86 11.93 8.03 -37.42
C ARG B 86 12.40 9.37 -37.96
N ILE B 87 12.65 9.39 -39.27
CA ILE B 87 13.06 10.59 -39.97
C ILE B 87 12.15 10.77 -41.18
N THR B 88 11.22 11.70 -41.12
CA THR B 88 10.36 11.98 -42.27
C THR B 88 10.92 13.16 -43.05
N VAL B 89 11.12 12.99 -44.34
CA VAL B 89 11.68 14.01 -45.20
C VAL B 89 10.65 14.37 -46.25
N GLN B 90 10.25 15.64 -46.25
CA GLN B 90 9.36 16.19 -47.26
C GLN B 90 10.21 16.86 -48.34
N GLY B 91 10.25 16.22 -49.52
CA GLY B 91 11.03 16.71 -50.62
C GLY B 91 10.38 17.91 -51.30
N PRO B 92 11.06 18.42 -52.33
CA PRO B 92 10.59 19.62 -53.05
C PRO B 92 9.16 19.51 -53.55
N GLY B 93 8.39 20.57 -53.35
CA GLY B 93 7.02 20.57 -53.84
C GLY B 93 6.08 20.04 -52.79
N ALA B 94 4.96 19.46 -53.19
CA ALA B 94 3.96 18.96 -52.26
C ALA B 94 4.05 17.46 -52.06
N CYS B 95 5.17 16.85 -52.50
CA CYS B 95 5.45 15.42 -52.31
C CYS B 95 5.31 15.01 -50.84
N ALA B 96 4.61 13.89 -50.62
CA ALA B 96 4.31 13.36 -49.30
C ALA B 96 5.59 13.10 -48.49
N GLU B 97 5.47 13.22 -47.17
CA GLU B 97 6.61 13.09 -46.27
C GLU B 97 7.09 11.64 -46.25
N VAL B 98 8.11 11.37 -47.07
CA VAL B 98 8.78 10.08 -47.12
C VAL B 98 9.35 9.74 -45.74
N ALA B 99 8.97 8.59 -45.20
CA ALA B 99 9.39 8.22 -43.85
C ALA B 99 10.54 7.23 -43.84
N PHE B 100 11.41 7.39 -42.85
CA PHE B 100 12.61 6.57 -42.67
C PHE B 100 12.64 5.99 -41.26
N PRO B 101 11.85 4.93 -40.99
CA PRO B 101 11.85 4.29 -39.67
C PRO B 101 13.24 3.94 -39.15
N CYS B 102 13.62 4.47 -38.00
CA CYS B 102 14.86 4.03 -37.37
C CYS B 102 14.58 3.18 -36.14
N TYR B 103 13.90 3.77 -35.15
CA TYR B 103 13.41 3.10 -33.94
C TYR B 103 14.49 2.29 -33.23
N ARG B 104 15.68 2.88 -33.15
CA ARG B 104 16.78 2.17 -32.53
C ARG B 104 17.74 3.17 -31.93
N TRP B 105 18.59 2.68 -31.04
CA TRP B 105 19.68 3.48 -30.51
C TRP B 105 20.74 3.66 -31.58
N VAL B 106 20.97 4.89 -32.00
CA VAL B 106 22.07 5.18 -32.90
C VAL B 106 23.35 5.11 -32.08
N GLN B 107 24.13 4.07 -32.28
CA GLN B 107 25.29 3.82 -31.45
C GLN B 107 26.54 3.65 -32.31
N GLY B 108 27.68 4.02 -31.75
CA GLY B 108 28.95 3.94 -32.44
C GLY B 108 29.17 5.10 -33.38
N GLU B 109 30.39 5.18 -33.89
CA GLU B 109 30.75 6.22 -34.84
C GLU B 109 30.55 5.79 -36.28
N ASP B 110 30.06 4.57 -36.50
CA ASP B 110 29.76 4.12 -37.85
C ASP B 110 28.50 4.80 -38.38
N ILE B 111 28.41 4.85 -39.70
CA ILE B 111 27.28 5.48 -40.38
C ILE B 111 26.11 4.51 -40.36
N LEU B 112 24.98 4.96 -39.83
CA LEU B 112 23.76 4.17 -39.79
C LEU B 112 22.89 4.51 -40.99
N SER B 113 22.55 3.51 -41.78
CA SER B 113 21.74 3.72 -42.97
C SER B 113 20.31 3.27 -42.69
N LEU B 114 19.37 4.16 -42.94
CA LEU B 114 17.95 3.88 -42.80
C LEU B 114 17.32 3.89 -44.17
N PRO B 115 16.79 2.77 -44.63
CA PRO B 115 16.20 2.72 -45.96
C PRO B 115 14.80 3.33 -45.96
N GLU B 116 14.20 3.30 -47.14
CA GLU B 116 12.86 3.82 -47.33
C GLU B 116 11.86 2.98 -46.54
N GLY B 117 10.87 3.65 -45.96
CA GLY B 117 9.93 2.99 -45.08
C GLY B 117 8.92 2.11 -45.77
N THR B 118 8.81 2.20 -47.09
CA THR B 118 7.98 1.26 -47.83
C THR B 118 8.61 -0.12 -47.79
N ALA B 119 7.87 -1.08 -47.25
CA ALA B 119 8.39 -2.42 -47.06
C ALA B 119 8.55 -3.15 -48.38
N ARG B 120 9.64 -3.91 -48.50
CA ARG B 120 10.01 -4.55 -49.74
C ARG B 120 10.39 -6.01 -49.53
N LEU B 121 10.24 -6.72 -50.51
CA LEU B 121 10.71 -8.08 -50.60
C LEU B 121 12.03 -8.11 -51.37
N PRO B 122 12.93 -9.01 -51.04
CA PRO B 122 14.19 -9.11 -51.78
C PRO B 122 13.98 -9.60 -53.19
N GLY B 123 14.89 -9.21 -54.08
CA GLY B 123 14.82 -9.60 -55.47
C GLY B 123 16.13 -10.18 -55.95
N ASP B 124 16.16 -10.53 -57.22
CA ASP B 124 17.35 -11.10 -57.83
C ASP B 124 18.39 -10.06 -58.20
N ASN B 125 18.03 -8.77 -58.18
CA ASN B 125 18.94 -7.70 -58.54
C ASN B 125 19.89 -7.46 -57.38
N ALA B 126 21.09 -8.02 -57.48
CA ALA B 126 22.10 -7.85 -56.45
C ALA B 126 22.74 -6.47 -56.48
N LEU B 127 22.60 -5.74 -57.58
CA LEU B 127 23.14 -4.39 -57.69
C LEU B 127 22.15 -3.33 -57.20
N ASP B 128 21.01 -3.74 -56.66
CA ASP B 128 20.02 -2.81 -56.14
C ASP B 128 20.49 -2.27 -54.80
N MET B 129 20.07 -1.05 -54.47
CA MET B 129 20.54 -0.42 -53.25
C MET B 129 19.89 -1.04 -52.03
N PHE B 130 18.57 -1.26 -52.11
CA PHE B 130 17.85 -1.92 -51.03
C PHE B 130 18.28 -3.36 -50.84
N GLN B 131 18.69 -4.03 -51.92
CA GLN B 131 19.13 -5.41 -51.80
C GLN B 131 20.48 -5.51 -51.10
N LYS B 132 21.43 -4.66 -51.49
CA LYS B 132 22.72 -4.63 -50.82
C LYS B 132 22.57 -4.17 -49.37
N HIS B 133 21.67 -3.23 -49.13
CA HIS B 133 21.44 -2.77 -47.76
C HIS B 133 20.84 -3.86 -46.90
N ARG B 134 19.88 -4.63 -47.43
CA ARG B 134 19.27 -5.67 -46.61
C ARG B 134 20.22 -6.85 -46.43
N GLU B 135 21.11 -7.12 -47.40
CA GLU B 135 22.11 -8.15 -47.21
C GLU B 135 23.13 -7.75 -46.14
N LYS B 136 23.58 -6.49 -46.17
CA LYS B 136 24.50 -6.00 -45.14
C LYS B 136 23.85 -5.95 -43.76
N GLU B 137 22.57 -5.56 -43.72
CA GLU B 137 21.83 -5.52 -42.46
C GLU B 137 21.63 -6.90 -41.89
N LEU B 138 21.35 -7.88 -42.74
CA LEU B 138 21.21 -9.25 -42.27
C LEU B 138 22.54 -9.80 -41.78
N LYS B 139 23.63 -9.45 -42.45
CA LYS B 139 24.96 -9.89 -42.02
C LYS B 139 25.31 -9.28 -40.66
N ASP B 140 24.93 -8.03 -40.43
CA ASP B 140 25.19 -7.40 -39.13
C ASP B 140 24.28 -7.97 -38.05
N ARG B 141 23.02 -8.20 -38.37
CA ARG B 141 22.05 -8.66 -37.39
C ARG B 141 22.16 -10.15 -37.10
N GLN B 142 22.85 -10.90 -37.94
CA GLN B 142 23.23 -12.26 -37.57
C GLN B 142 24.48 -12.27 -36.69
N GLN B 143 25.16 -11.15 -36.58
CA GLN B 143 26.31 -11.04 -35.69
C GLN B 143 25.92 -10.50 -34.32
N ILE B 144 24.97 -9.56 -34.27
CA ILE B 144 24.56 -9.02 -32.98
C ILE B 144 23.39 -9.77 -32.35
N TYR B 145 22.73 -10.65 -33.10
CA TYR B 145 21.74 -11.56 -32.52
C TYR B 145 22.21 -12.97 -32.80
N CYS B 146 22.53 -13.70 -31.74
CA CYS B 146 23.06 -15.05 -31.89
C CYS B 146 22.22 -16.00 -31.08
N TRP B 147 22.01 -17.19 -31.63
CA TRP B 147 21.34 -18.25 -30.90
C TRP B 147 22.25 -18.79 -29.82
N ALA B 148 21.68 -19.08 -28.66
CA ALA B 148 22.42 -19.74 -27.61
C ALA B 148 21.55 -20.83 -27.02
N THR B 149 22.13 -21.99 -26.81
CA THR B 149 21.41 -23.04 -26.13
C THR B 149 21.49 -22.79 -24.64
N TRP B 150 20.34 -22.73 -23.98
CA TRP B 150 20.34 -22.57 -22.55
C TRP B 150 20.42 -23.93 -21.88
N LYS B 151 19.44 -24.78 -22.15
CA LYS B 151 19.48 -26.17 -21.78
C LYS B 151 19.23 -26.97 -23.04
N GLU B 152 19.83 -28.16 -23.11
CA GLU B 152 19.64 -29.01 -24.27
C GLU B 152 18.21 -29.56 -24.29
N GLY B 153 17.63 -29.64 -25.48
CA GLY B 153 16.27 -30.09 -25.65
C GLY B 153 15.23 -29.00 -25.58
N LEU B 154 15.56 -27.85 -25.05
CA LEU B 154 14.73 -26.66 -25.02
C LEU B 154 14.96 -25.86 -26.28
N PRO B 155 14.02 -24.99 -26.65
CA PRO B 155 14.28 -24.06 -27.75
C PRO B 155 15.41 -23.10 -27.43
N LEU B 156 16.13 -22.70 -28.48
CA LEU B 156 17.30 -21.87 -28.33
C LEU B 156 16.90 -20.45 -27.96
N THR B 157 17.82 -19.76 -27.30
CA THR B 157 17.58 -18.43 -26.77
C THR B 157 18.51 -17.43 -27.45
N ILE B 158 18.33 -16.16 -27.09
CA ILE B 158 19.29 -15.14 -27.50
C ILE B 158 20.57 -15.35 -26.70
N ALA B 159 21.70 -15.01 -27.30
CA ALA B 159 22.96 -15.06 -26.57
C ALA B 159 22.97 -13.98 -25.51
N ALA B 160 23.44 -14.35 -24.32
CA ALA B 160 23.45 -13.43 -23.18
C ALA B 160 24.63 -12.48 -23.20
N ASP B 161 25.54 -12.61 -24.17
CA ASP B 161 26.69 -11.72 -24.27
C ASP B 161 26.28 -10.34 -24.77
N LYS B 176 12.83 -3.03 -15.84
CA LYS B 176 12.28 -2.27 -14.73
C LYS B 176 11.19 -3.06 -14.01
N ARG B 177 10.58 -4.01 -14.70
CA ARG B 177 9.57 -4.87 -14.12
C ARG B 177 10.13 -6.19 -13.60
N LEU B 178 11.30 -6.61 -14.08
CA LEU B 178 12.03 -7.73 -13.49
C LEU B 178 13.48 -7.35 -13.20
N ASP B 179 13.81 -6.06 -13.24
CA ASP B 179 15.20 -5.62 -13.16
C ASP B 179 15.59 -5.53 -11.69
N PHE B 180 16.20 -6.60 -11.20
CA PHE B 180 16.80 -6.61 -9.87
C PHE B 180 17.97 -7.58 -9.91
N GLU B 181 18.44 -8.01 -8.75
CA GLU B 181 19.46 -9.04 -8.65
C GLU B 181 18.99 -10.08 -7.66
N TRP B 182 18.83 -11.31 -8.11
CA TRP B 182 18.29 -12.36 -7.24
C TRP B 182 19.29 -12.78 -6.18
N THR B 183 20.59 -12.74 -6.48
CA THR B 183 21.58 -13.09 -5.47
C THR B 183 21.64 -12.05 -4.36
N LEU B 184 21.47 -10.77 -4.71
CA LEU B 184 21.46 -9.73 -3.69
C LEU B 184 20.16 -9.73 -2.91
N LYS B 185 19.03 -9.89 -3.59
CA LYS B 185 17.73 -9.82 -2.94
C LYS B 185 17.34 -11.12 -2.23
N ALA B 186 18.02 -12.22 -2.52
CA ALA B 186 17.60 -13.53 -2.00
C ALA B 186 17.83 -13.65 -0.50
N GLY B 187 18.96 -13.16 0.00
CA GLY B 187 19.21 -13.20 1.44
C GLY B 187 18.27 -12.32 2.23
N ALA B 188 18.01 -11.11 1.72
CA ALA B 188 17.07 -10.20 2.37
C ALA B 188 15.66 -10.76 2.32
N LEU B 189 15.30 -11.42 1.22
CA LEU B 189 13.99 -12.04 1.10
C LEU B 189 13.85 -13.22 2.04
N GLU B 190 14.93 -13.99 2.24
CA GLU B 190 14.90 -15.08 3.21
C GLU B 190 14.76 -14.55 4.62
N MET B 191 15.43 -13.43 4.94
CA MET B 191 15.27 -12.84 6.27
C MET B 191 13.88 -12.27 6.48
N ALA B 192 13.28 -11.69 5.43
CA ALA B 192 11.92 -11.16 5.53
C ALA B 192 10.90 -12.30 5.71
N LEU B 193 11.08 -13.38 4.98
CA LEU B 193 10.20 -14.54 5.15
C LEU B 193 10.43 -15.20 6.51
N LYS B 194 11.67 -15.15 7.02
CA LYS B 194 11.94 -15.68 8.35
C LYS B 194 11.29 -14.84 9.43
N ARG B 195 11.25 -13.52 9.26
CA ARG B 195 10.53 -12.69 10.24
C ARG B 195 9.03 -12.92 10.16
N VAL B 196 8.48 -13.15 8.96
CA VAL B 196 7.06 -13.53 8.85
C VAL B 196 6.81 -14.87 9.55
N TYR B 197 7.76 -15.81 9.42
CA TYR B 197 7.69 -17.08 10.15
C TYR B 197 7.76 -16.87 11.66
N THR B 198 8.59 -15.93 12.10
CA THR B 198 8.79 -15.74 13.53
C THR B 198 7.57 -15.08 14.18
N LEU B 199 7.03 -14.04 13.55
CA LEU B 199 5.91 -13.35 14.17
C LEU B 199 4.57 -14.04 13.91
N LEU B 200 4.54 -15.10 13.10
CA LEU B 200 3.30 -15.75 12.71
C LEU B 200 3.52 -17.25 12.65
N SER B 201 3.15 -17.96 13.71
CA SER B 201 3.37 -19.40 13.77
C SER B 201 2.15 -20.12 14.35
N SER B 202 0.95 -19.59 14.11
CA SER B 202 -0.28 -20.18 14.60
C SER B 202 -1.00 -20.98 13.51
N TRP B 203 -0.24 -21.58 12.60
CA TRP B 203 -0.73 -22.21 11.37
C TRP B 203 -1.27 -23.61 11.62
N ASN B 204 -2.59 -23.71 11.69
CA ASN B 204 -3.30 -24.98 11.79
C ASN B 204 -4.53 -25.10 10.91
N CYS B 205 -5.14 -24.01 10.49
CA CYS B 205 -6.42 -24.08 9.79
C CYS B 205 -6.30 -23.44 8.42
N LEU B 206 -7.38 -23.59 7.67
CA LEU B 206 -7.40 -23.18 6.28
C LEU B 206 -7.50 -21.67 6.14
N GLU B 207 -8.04 -21.00 7.15
CA GLU B 207 -8.25 -19.56 7.10
C GLU B 207 -7.00 -18.78 7.44
N ASP B 208 -5.93 -19.47 7.81
CA ASP B 208 -4.70 -18.82 8.22
C ASP B 208 -3.91 -18.27 7.04
N PHE B 209 -4.31 -18.58 5.82
CA PHE B 209 -3.77 -17.87 4.67
C PHE B 209 -4.36 -16.47 4.56
N ASP B 210 -5.35 -16.14 5.38
CA ASP B 210 -5.99 -14.83 5.32
C ASP B 210 -5.07 -13.73 5.81
N GLN B 211 -4.32 -13.98 6.88
CA GLN B 211 -3.47 -12.91 7.41
C GLN B 211 -2.26 -12.60 6.55
N ILE B 212 -1.95 -13.41 5.54
CA ILE B 212 -0.95 -13.04 4.56
C ILE B 212 -1.57 -12.56 3.25
N PHE B 213 -2.90 -12.54 3.16
CA PHE B 213 -3.62 -12.17 1.95
C PHE B 213 -3.78 -10.65 1.88
N TRP B 214 -2.66 -9.98 1.64
CA TRP B 214 -2.59 -8.53 1.51
C TRP B 214 -2.20 -8.14 0.08
N GLY B 215 -2.74 -7.02 -0.41
CA GLY B 215 -2.37 -6.53 -1.72
C GLY B 215 -3.57 -5.96 -2.46
N GLN B 216 -3.38 -5.70 -3.76
CA GLN B 216 -4.45 -5.20 -4.64
C GLN B 216 -5.28 -6.39 -5.15
N LYS B 217 -6.03 -6.98 -4.22
CA LYS B 217 -6.86 -8.11 -4.59
C LYS B 217 -8.07 -7.64 -5.38
N SER B 218 -8.28 -8.27 -6.52
CA SER B 218 -9.36 -7.88 -7.42
C SER B 218 -10.69 -8.36 -6.89
N ALA B 219 -11.76 -7.99 -7.58
CA ALA B 219 -13.07 -8.54 -7.24
C ALA B 219 -13.10 -10.03 -7.49
N LEU B 220 -12.45 -10.47 -8.57
CA LEU B 220 -12.33 -11.90 -8.83
C LEU B 220 -11.44 -12.57 -7.80
N ALA B 221 -10.37 -11.92 -7.35
CA ALA B 221 -9.50 -12.51 -6.33
C ALA B 221 -10.23 -12.69 -5.00
N GLU B 222 -11.07 -11.72 -4.63
CA GLU B 222 -11.86 -11.88 -3.42
C GLU B 222 -12.97 -12.89 -3.60
N LYS B 223 -13.50 -13.02 -4.82
CA LYS B 223 -14.47 -14.09 -5.08
C LYS B 223 -13.81 -15.46 -5.03
N VAL B 224 -12.54 -15.56 -5.46
CA VAL B 224 -11.78 -16.80 -5.29
C VAL B 224 -11.57 -17.09 -3.82
N ARG B 225 -11.24 -16.07 -3.03
CA ARG B 225 -11.10 -16.22 -1.59
C ARG B 225 -12.40 -16.71 -0.95
N GLN B 226 -13.54 -16.19 -1.39
CA GLN B 226 -14.81 -16.63 -0.81
C GLN B 226 -15.17 -18.03 -1.26
N CYS B 227 -14.93 -18.36 -2.53
CA CYS B 227 -15.55 -19.55 -3.12
C CYS B 227 -14.54 -20.45 -3.81
N TRP B 228 -13.35 -20.63 -3.26
CA TRP B 228 -12.41 -21.55 -3.91
C TRP B 228 -12.75 -23.01 -3.65
N GLN B 229 -13.34 -23.32 -2.50
CA GLN B 229 -13.58 -24.71 -2.16
C GLN B 229 -14.73 -25.34 -2.93
N ASP B 230 -15.65 -24.55 -3.48
CA ASP B 230 -16.75 -25.19 -4.18
C ASP B 230 -16.27 -25.76 -5.51
N ASP B 231 -16.86 -26.90 -5.86
CA ASP B 231 -16.37 -27.70 -6.97
C ASP B 231 -16.54 -27.01 -8.31
N GLU B 232 -17.53 -26.12 -8.43
CA GLU B 232 -17.79 -25.49 -9.71
C GLU B 232 -16.74 -24.43 -10.03
N LEU B 233 -16.15 -23.77 -9.03
CA LEU B 233 -15.04 -22.86 -9.34
C LEU B 233 -13.79 -23.63 -9.71
N PHE B 234 -13.56 -24.77 -9.04
CA PHE B 234 -12.44 -25.64 -9.36
C PHE B 234 -12.54 -26.13 -10.79
N SER B 235 -13.75 -26.47 -11.22
CA SER B 235 -14.00 -26.89 -12.60
C SER B 235 -13.97 -25.72 -13.56
N TYR B 236 -14.35 -24.53 -13.10
CA TYR B 236 -14.35 -23.34 -13.95
C TYR B 236 -12.95 -22.93 -14.30
N GLN B 237 -11.98 -23.24 -13.44
CA GLN B 237 -10.60 -22.86 -13.69
C GLN B 237 -9.98 -23.59 -14.87
N PHE B 238 -10.46 -24.78 -15.22
CA PHE B 238 -9.92 -25.48 -16.37
C PHE B 238 -10.39 -24.88 -17.68
N LEU B 239 -11.51 -24.16 -17.67
CA LEU B 239 -12.07 -23.53 -18.86
C LEU B 239 -11.69 -22.07 -18.97
N ASN B 240 -11.85 -21.31 -17.89
CA ASN B 240 -11.73 -19.86 -17.91
C ASN B 240 -10.86 -19.36 -16.76
N GLY B 241 -9.96 -20.18 -16.26
CA GLY B 241 -9.08 -19.80 -15.19
C GLY B 241 -7.78 -19.22 -15.69
N ALA B 242 -6.74 -19.38 -14.90
CA ALA B 242 -5.43 -18.88 -15.31
C ALA B 242 -4.82 -19.77 -16.38
N ASN B 243 -5.14 -21.06 -16.36
CA ASN B 243 -4.60 -22.03 -17.30
C ASN B 243 -5.75 -22.74 -17.99
N PRO B 244 -6.26 -22.17 -19.08
CA PRO B 244 -7.32 -22.83 -19.84
C PRO B 244 -6.80 -23.76 -20.93
N MET B 245 -5.52 -24.09 -20.91
CA MET B 245 -4.85 -24.78 -22.01
C MET B 245 -4.74 -26.28 -21.82
N LEU B 246 -5.26 -26.85 -20.74
CA LEU B 246 -5.09 -28.26 -20.50
C LEU B 246 -6.36 -29.07 -20.64
N LEU B 247 -7.52 -28.46 -20.44
CA LEU B 247 -8.77 -29.20 -20.45
C LEU B 247 -9.16 -29.61 -21.86
N ARG B 248 -9.35 -30.90 -22.07
CA ARG B 248 -9.77 -31.42 -23.36
C ARG B 248 -10.96 -32.34 -23.18
N ARG B 249 -11.81 -32.38 -24.20
CA ARG B 249 -12.95 -33.28 -24.20
C ARG B 249 -12.46 -34.70 -24.40
N SER B 250 -12.96 -35.62 -23.58
CA SER B 250 -12.54 -37.00 -23.67
C SER B 250 -13.26 -37.67 -24.82
N THR B 251 -12.49 -38.14 -25.80
CA THR B 251 -13.03 -39.02 -26.82
C THR B 251 -13.08 -40.46 -26.33
N SER B 252 -12.34 -40.76 -25.27
CA SER B 252 -12.35 -42.07 -24.64
C SER B 252 -11.88 -41.90 -23.21
N LEU B 253 -12.11 -42.92 -22.40
CA LEU B 253 -11.60 -42.92 -21.04
C LEU B 253 -10.09 -43.09 -21.06
N PRO B 254 -9.36 -42.37 -20.20
CA PRO B 254 -7.90 -42.46 -20.23
C PRO B 254 -7.38 -43.80 -19.77
N SER B 255 -6.21 -44.17 -20.29
CA SER B 255 -5.61 -45.44 -19.93
C SER B 255 -5.09 -45.45 -18.50
N ARG B 256 -4.74 -44.27 -17.99
CA ARG B 256 -4.30 -44.12 -16.62
C ARG B 256 -5.45 -44.10 -15.64
N LEU B 257 -6.68 -43.94 -16.11
CA LEU B 257 -7.85 -43.94 -15.24
C LEU B 257 -8.24 -45.38 -14.99
N VAL B 258 -7.65 -45.96 -13.95
CA VAL B 258 -7.93 -47.33 -13.55
C VAL B 258 -8.87 -47.27 -12.36
N LEU B 259 -10.06 -47.84 -12.52
CA LEU B 259 -11.05 -47.84 -11.46
C LEU B 259 -10.98 -49.15 -10.70
N PRO B 260 -10.77 -49.13 -9.39
CA PRO B 260 -10.76 -50.39 -8.64
C PRO B 260 -12.14 -50.98 -8.46
N SER B 261 -12.22 -52.16 -7.85
CA SER B 261 -13.50 -52.82 -7.67
C SER B 261 -14.35 -52.10 -6.65
N GLY B 262 -15.66 -52.21 -6.79
CA GLY B 262 -16.56 -51.52 -5.90
C GLY B 262 -16.86 -50.09 -6.30
N MET B 263 -16.38 -49.65 -7.44
CA MET B 263 -16.59 -48.29 -7.93
C MET B 263 -17.15 -48.35 -9.34
N GLU B 264 -18.16 -49.22 -9.52
CA GLU B 264 -18.80 -49.37 -10.81
C GLU B 264 -19.79 -48.25 -11.11
N GLU B 265 -20.27 -47.54 -10.08
CA GLU B 265 -21.16 -46.42 -10.32
C GLU B 265 -20.43 -45.27 -10.98
N LEU B 266 -19.19 -45.02 -10.57
CA LEU B 266 -18.36 -44.02 -11.25
C LEU B 266 -18.06 -44.43 -12.67
N GLN B 267 -17.85 -45.73 -12.91
CA GLN B 267 -17.63 -46.22 -14.26
C GLN B 267 -18.85 -46.01 -15.14
N ALA B 268 -20.04 -46.25 -14.59
CA ALA B 268 -21.28 -46.00 -15.34
C ALA B 268 -21.47 -44.52 -15.63
N GLN B 269 -21.18 -43.65 -14.66
CA GLN B 269 -21.28 -42.22 -14.87
C GLN B 269 -20.25 -41.71 -15.86
N LEU B 270 -19.03 -42.24 -15.81
CA LEU B 270 -17.99 -41.85 -16.75
C LEU B 270 -18.33 -42.28 -18.16
N GLU B 271 -18.86 -43.49 -18.33
CA GLU B 271 -19.28 -43.94 -19.65
C GLU B 271 -20.50 -43.17 -20.14
N LYS B 272 -21.40 -42.78 -19.24
CA LYS B 272 -22.56 -41.98 -19.62
C LYS B 272 -22.15 -40.60 -20.09
N GLU B 273 -21.20 -39.97 -19.39
CA GLU B 273 -20.72 -38.66 -19.82
C GLU B 273 -19.82 -38.77 -21.04
N LEU B 274 -19.18 -39.92 -21.24
CA LEU B 274 -18.41 -40.15 -22.46
C LEU B 274 -19.31 -40.29 -23.67
N GLN B 275 -20.42 -41.05 -23.53
CA GLN B 275 -21.32 -41.25 -24.65
C GLN B 275 -22.11 -39.98 -24.97
N ASN B 276 -22.38 -39.16 -23.97
CA ASN B 276 -23.07 -37.89 -24.20
C ASN B 276 -22.16 -36.83 -24.78
N GLY B 277 -20.84 -37.04 -24.78
CA GLY B 277 -19.91 -36.03 -25.22
C GLY B 277 -19.65 -34.94 -24.21
N SER B 278 -20.15 -35.09 -23.00
CA SER B 278 -20.00 -34.11 -21.95
C SER B 278 -18.90 -34.45 -20.97
N LEU B 279 -18.05 -35.43 -21.30
CA LEU B 279 -16.93 -35.80 -20.46
C LEU B 279 -15.70 -35.03 -20.89
N PHE B 280 -15.02 -34.44 -19.93
CA PHE B 280 -13.82 -33.66 -20.16
C PHE B 280 -12.72 -34.16 -19.24
N GLU B 281 -11.48 -33.96 -19.64
CA GLU B 281 -10.37 -34.39 -18.84
C GLU B 281 -9.32 -33.29 -18.79
N ALA B 282 -8.61 -33.24 -17.67
CA ALA B 282 -7.38 -32.47 -17.57
C ALA B 282 -6.34 -33.42 -17.00
N ASP B 283 -5.39 -33.79 -17.84
CA ASP B 283 -4.37 -34.78 -17.51
C ASP B 283 -3.06 -34.03 -17.31
N PHE B 284 -2.49 -34.16 -16.13
CA PHE B 284 -1.23 -33.54 -15.79
C PHE B 284 -0.06 -34.51 -15.92
N ILE B 285 -0.16 -35.44 -16.87
CA ILE B 285 0.79 -36.53 -17.03
C ILE B 285 2.18 -36.09 -17.43
N LEU B 286 2.34 -34.82 -17.85
CA LEU B 286 3.65 -34.32 -18.20
C LEU B 286 4.54 -34.15 -16.97
N LEU B 287 3.93 -34.08 -15.78
CA LEU B 287 4.63 -33.91 -14.52
C LEU B 287 5.00 -35.22 -13.86
N ASP B 288 4.75 -36.35 -14.51
CA ASP B 288 5.03 -37.64 -13.90
C ASP B 288 6.52 -37.93 -13.96
N GLY B 289 7.12 -38.16 -12.79
CA GLY B 289 8.54 -38.45 -12.74
C GLY B 289 9.43 -37.24 -12.66
N ILE B 290 8.86 -36.05 -12.64
CA ILE B 290 9.66 -34.83 -12.47
C ILE B 290 10.17 -34.79 -11.03
N PRO B 291 11.48 -34.66 -10.81
CA PRO B 291 11.98 -34.58 -9.44
C PRO B 291 11.57 -33.27 -8.79
N ALA B 292 11.15 -33.36 -7.55
CA ALA B 292 10.62 -32.19 -6.88
C ALA B 292 11.74 -31.39 -6.23
N ASN B 293 11.39 -30.16 -5.87
CA ASN B 293 12.35 -29.22 -5.32
C ASN B 293 12.69 -29.59 -3.88
N VAL B 294 13.81 -29.07 -3.41
CA VAL B 294 14.20 -29.11 -2.01
C VAL B 294 14.26 -27.67 -1.55
N ILE B 295 13.18 -27.19 -0.96
CA ILE B 295 13.04 -25.78 -0.61
C ILE B 295 13.34 -25.66 0.88
N ARG B 296 14.45 -24.96 1.20
CA ARG B 296 14.90 -24.69 2.57
C ARG B 296 15.13 -25.98 3.36
N GLY B 297 15.65 -27.00 2.68
CA GLY B 297 15.99 -28.22 3.37
C GLY B 297 14.94 -29.31 3.24
N GLU B 298 13.66 -28.95 3.35
CA GLU B 298 12.61 -29.95 3.25
C GLU B 298 12.30 -30.27 1.80
N LYS B 299 12.13 -31.56 1.53
CA LYS B 299 11.86 -32.04 0.18
C LYS B 299 10.41 -31.79 -0.19
N GLN B 300 10.19 -31.10 -1.30
CA GLN B 300 8.84 -30.87 -1.79
C GLN B 300 8.33 -32.11 -2.51
N TYR B 301 7.07 -32.07 -2.92
CA TYR B 301 6.47 -33.23 -3.54
C TYR B 301 5.65 -32.80 -4.74
N LEU B 302 5.57 -33.69 -5.71
CA LEU B 302 4.88 -33.44 -6.97
C LEU B 302 3.97 -34.60 -7.29
N ALA B 303 2.99 -34.33 -8.15
CA ALA B 303 2.09 -35.35 -8.61
C ALA B 303 1.66 -35.01 -10.02
N ALA B 304 1.10 -36.00 -10.70
CA ALA B 304 0.60 -35.85 -12.06
C ALA B 304 -0.85 -36.30 -12.09
N PRO B 305 -1.78 -35.47 -11.63
CA PRO B 305 -3.18 -35.90 -11.53
C PRO B 305 -3.88 -35.93 -12.88
N LEU B 306 -5.08 -36.47 -12.82
CA LEU B 306 -6.04 -36.45 -13.91
C LEU B 306 -7.36 -36.12 -13.27
N VAL B 307 -7.98 -35.02 -13.66
CA VAL B 307 -9.32 -34.73 -13.18
C VAL B 307 -10.28 -34.97 -14.33
N MET B 308 -11.28 -35.79 -14.08
CA MET B 308 -12.34 -36.06 -15.03
C MET B 308 -13.50 -35.19 -14.60
N LEU B 309 -14.05 -34.45 -15.56
CA LEU B 309 -15.11 -33.47 -15.34
C LEU B 309 -16.28 -33.75 -16.26
N LYS B 310 -17.48 -33.40 -15.82
CA LYS B 310 -18.67 -33.55 -16.64
C LYS B 310 -19.20 -32.17 -16.97
N MET B 311 -19.73 -32.00 -18.18
CA MET B 311 -20.36 -30.75 -18.57
C MET B 311 -21.86 -30.89 -18.35
N GLU B 312 -22.35 -30.29 -17.27
CA GLU B 312 -23.78 -30.29 -16.97
C GLU B 312 -24.55 -29.50 -18.03
N PRO B 313 -25.81 -29.87 -18.27
CA PRO B 313 -26.60 -29.18 -19.32
C PRO B 313 -26.79 -27.67 -19.11
N ASN B 314 -26.54 -27.14 -17.91
CA ASN B 314 -26.65 -25.71 -17.68
C ASN B 314 -25.43 -24.94 -18.19
N GLY B 315 -24.40 -25.63 -18.66
CA GLY B 315 -23.23 -24.96 -19.18
C GLY B 315 -22.05 -24.89 -18.23
N LYS B 316 -22.09 -25.59 -17.10
CA LYS B 316 -21.07 -25.48 -16.07
C LYS B 316 -20.43 -26.83 -15.86
N LEU B 317 -19.11 -26.86 -15.85
CA LEU B 317 -18.39 -28.10 -15.62
C LEU B 317 -18.48 -28.51 -14.16
N GLN B 318 -18.52 -29.81 -13.92
CA GLN B 318 -18.53 -30.34 -12.57
C GLN B 318 -17.50 -31.46 -12.51
N PRO B 319 -16.78 -31.61 -11.39
CA PRO B 319 -15.71 -32.61 -11.35
C PRO B 319 -16.28 -33.98 -11.09
N MET B 320 -15.83 -34.96 -11.87
CA MET B 320 -16.28 -36.32 -11.62
C MET B 320 -15.32 -37.04 -10.69
N VAL B 321 -14.02 -37.00 -10.99
CA VAL B 321 -13.06 -37.78 -10.20
C VAL B 321 -11.68 -37.13 -10.35
N ILE B 322 -10.83 -37.32 -9.34
CA ILE B 322 -9.45 -36.87 -9.35
C ILE B 322 -8.55 -38.05 -9.07
N GLN B 323 -7.56 -38.26 -9.91
CA GLN B 323 -6.54 -39.27 -9.71
C GLN B 323 -5.23 -38.52 -9.52
N ILE B 324 -4.75 -38.42 -8.29
CA ILE B 324 -3.60 -37.58 -8.02
C ILE B 324 -2.33 -38.19 -8.59
N GLN B 325 -2.19 -39.48 -8.48
CA GLN B 325 -1.01 -40.07 -9.06
C GLN B 325 -1.38 -40.98 -10.22
N PRO B 326 -0.53 -41.07 -11.23
CA PRO B 326 -0.74 -42.06 -12.28
C PRO B 326 -0.48 -43.45 -11.76
N PRO B 327 -0.96 -44.49 -12.44
CA PRO B 327 -0.59 -45.86 -12.05
C PRO B 327 0.89 -46.09 -12.28
N SER B 328 1.45 -46.95 -11.44
CA SER B 328 2.86 -47.28 -11.43
C SER B 328 2.99 -48.77 -11.18
N PRO B 329 4.15 -49.39 -11.42
CA PRO B 329 4.34 -50.78 -10.97
C PRO B 329 4.20 -50.97 -9.47
N SER B 330 4.56 -49.99 -8.65
CA SER B 330 4.37 -50.12 -7.21
C SER B 330 2.90 -50.01 -6.83
N SER B 331 2.19 -49.06 -7.41
CA SER B 331 0.77 -48.86 -7.14
C SER B 331 0.01 -49.04 -8.44
N PRO B 332 -0.52 -50.24 -8.72
CA PRO B 332 -1.20 -50.47 -10.01
C PRO B 332 -2.50 -49.69 -10.15
N THR B 333 -3.26 -49.55 -9.07
CA THR B 333 -4.44 -48.69 -9.09
C THR B 333 -4.29 -47.61 -8.02
N PRO B 334 -4.23 -46.35 -8.40
CA PRO B 334 -4.15 -45.28 -7.40
C PRO B 334 -5.54 -44.93 -6.87
N THR B 335 -5.54 -44.11 -5.82
CA THR B 335 -6.77 -43.71 -5.18
C THR B 335 -7.50 -42.69 -6.04
N LEU B 336 -8.78 -42.93 -6.28
CA LEU B 336 -9.64 -42.03 -7.04
C LEU B 336 -10.48 -41.25 -6.05
N PHE B 337 -10.26 -39.95 -5.99
CA PHE B 337 -10.95 -39.07 -5.08
C PHE B 337 -12.18 -38.50 -5.75
N LEU B 338 -13.31 -38.59 -5.07
CA LEU B 338 -14.61 -38.20 -5.59
C LEU B 338 -15.10 -36.94 -4.90
N PRO B 339 -15.92 -36.11 -5.55
CA PRO B 339 -16.60 -35.02 -4.82
C PRO B 339 -17.61 -35.44 -3.76
N SER B 340 -17.79 -36.74 -3.54
CA SER B 340 -18.67 -37.34 -2.55
C SER B 340 -17.87 -38.29 -1.68
N ASP B 341 -16.74 -37.78 -1.22
CA ASP B 341 -15.70 -38.41 -0.40
C ASP B 341 -15.63 -37.57 0.86
N PRO B 342 -14.92 -37.99 1.91
CA PRO B 342 -14.57 -37.06 3.01
C PRO B 342 -14.09 -35.73 2.47
N PRO B 343 -14.76 -34.63 2.85
CA PRO B 343 -14.55 -33.33 2.18
C PRO B 343 -13.13 -32.79 2.23
N LEU B 344 -12.30 -33.29 3.14
CA LEU B 344 -10.93 -32.83 3.27
C LEU B 344 -10.00 -33.60 2.36
N ALA B 345 -10.26 -34.90 2.18
CA ALA B 345 -9.60 -35.66 1.13
C ALA B 345 -9.90 -35.11 -0.25
N TRP B 346 -11.16 -34.74 -0.49
CA TRP B 346 -11.52 -34.12 -1.75
C TRP B 346 -10.87 -32.75 -1.90
N LEU B 347 -10.80 -31.98 -0.81
CA LEU B 347 -10.12 -30.70 -0.85
C LEU B 347 -8.64 -30.84 -1.15
N LEU B 348 -7.99 -31.83 -0.54
CA LEU B 348 -6.59 -32.07 -0.77
C LEU B 348 -6.33 -32.56 -2.20
N ALA B 349 -7.25 -33.37 -2.74
CA ALA B 349 -7.13 -33.82 -4.12
C ALA B 349 -7.27 -32.66 -5.09
N LYS B 350 -8.25 -31.77 -4.83
CA LYS B 350 -8.40 -30.57 -5.65
C LYS B 350 -7.20 -29.66 -5.54
N SER B 351 -6.63 -29.55 -4.34
CA SER B 351 -5.44 -28.74 -4.12
C SER B 351 -4.23 -29.31 -4.82
N TRP B 352 -4.13 -30.64 -4.90
CA TRP B 352 -3.05 -31.28 -5.64
C TRP B 352 -3.19 -31.03 -7.13
N VAL B 353 -4.43 -31.08 -7.64
CA VAL B 353 -4.68 -30.75 -9.03
C VAL B 353 -4.33 -29.30 -9.29
N ARG B 354 -4.64 -28.42 -8.36
CA ARG B 354 -4.35 -27.00 -8.50
C ARG B 354 -2.87 -26.71 -8.43
N ASN B 355 -2.14 -27.45 -7.59
CA ASN B 355 -0.69 -27.34 -7.54
C ASN B 355 -0.06 -27.77 -8.85
N SER B 356 -0.55 -28.87 -9.40
CA SER B 356 -0.04 -29.32 -10.69
C SER B 356 -0.45 -28.42 -11.84
N ASP B 357 -1.59 -27.74 -11.71
CA ASP B 357 -1.98 -26.74 -12.70
C ASP B 357 -1.07 -25.54 -12.62
N PHE B 358 -0.63 -25.18 -11.42
CA PHE B 358 0.39 -24.15 -11.26
C PHE B 358 1.70 -24.59 -11.91
N GLN B 359 2.09 -25.85 -11.73
CA GLN B 359 3.35 -26.36 -12.30
C GLN B 359 3.31 -26.35 -13.81
N LEU B 360 2.24 -26.88 -14.40
CA LEU B 360 2.14 -26.95 -15.85
C LEU B 360 1.73 -25.64 -16.46
N HIS B 361 1.28 -24.70 -15.66
CA HIS B 361 0.95 -23.38 -16.16
C HIS B 361 2.18 -22.50 -16.23
N GLU B 362 2.95 -22.43 -15.15
CA GLU B 362 4.10 -21.54 -15.12
C GLU B 362 5.29 -22.06 -15.89
N ILE B 363 5.26 -23.30 -16.36
CA ILE B 363 6.39 -23.86 -17.08
C ILE B 363 6.01 -24.16 -18.52
N GLN B 364 4.95 -24.93 -18.72
CA GLN B 364 4.64 -25.34 -20.08
C GLN B 364 3.91 -24.25 -20.84
N TYR B 365 2.86 -23.69 -20.26
CA TYR B 365 1.96 -22.86 -21.03
C TYR B 365 2.27 -21.38 -20.94
N HIS B 366 2.95 -20.94 -19.90
CA HIS B 366 3.37 -19.54 -19.83
C HIS B 366 4.83 -19.35 -20.15
N LEU B 367 5.71 -20.21 -19.64
CA LEU B 367 7.13 -20.05 -19.90
C LEU B 367 7.52 -20.63 -21.24
N LEU B 368 7.05 -21.82 -21.55
CA LEU B 368 7.46 -22.39 -22.83
C LEU B 368 6.58 -21.92 -23.97
N ASN B 369 5.26 -22.11 -23.84
CA ASN B 369 4.37 -21.91 -24.97
C ASN B 369 4.22 -20.45 -25.35
N THR B 370 4.52 -19.53 -24.46
CA THR B 370 4.42 -18.12 -24.80
C THR B 370 5.73 -17.38 -24.72
N HIS B 371 6.56 -17.60 -23.70
CA HIS B 371 7.78 -16.82 -23.58
C HIS B 371 8.87 -17.32 -24.49
N LEU B 372 9.16 -18.63 -24.44
CA LEU B 372 10.27 -19.17 -25.21
C LEU B 372 9.93 -19.23 -26.69
N VAL B 373 8.67 -19.49 -27.03
CA VAL B 373 8.24 -19.45 -28.43
C VAL B 373 8.37 -18.05 -28.99
N ALA B 374 7.95 -17.04 -28.22
CA ALA B 374 8.10 -15.66 -28.66
C ALA B 374 9.55 -15.23 -28.73
N GLU B 375 10.41 -15.77 -27.87
CA GLU B 375 11.83 -15.46 -27.96
C GLU B 375 12.45 -16.08 -29.20
N VAL B 376 12.04 -17.30 -29.56
CA VAL B 376 12.50 -17.91 -30.80
C VAL B 376 12.04 -17.10 -32.00
N ILE B 377 10.78 -16.66 -31.99
CA ILE B 377 10.23 -15.81 -33.04
C ILE B 377 10.97 -14.49 -33.12
N ALA B 378 11.30 -13.91 -31.95
CA ALA B 378 12.00 -12.63 -31.89
C ALA B 378 13.41 -12.73 -32.43
N VAL B 379 14.16 -13.76 -32.01
CA VAL B 379 15.55 -13.90 -32.44
C VAL B 379 15.61 -14.23 -33.91
N ALA B 380 14.70 -15.07 -34.40
CA ALA B 380 14.69 -15.38 -35.82
C ALA B 380 14.23 -14.21 -36.67
N THR B 381 13.32 -13.39 -36.16
CA THR B 381 12.89 -12.19 -36.87
C THR B 381 14.03 -11.19 -36.95
N MET B 382 14.81 -11.05 -35.89
CA MET B 382 15.96 -10.15 -35.92
C MET B 382 17.07 -10.71 -36.79
N ARG B 383 17.21 -12.02 -36.87
CA ARG B 383 18.33 -12.60 -37.58
C ARG B 383 18.09 -12.68 -39.08
N CYS B 384 16.89 -13.09 -39.48
CA CYS B 384 16.66 -13.45 -40.87
C CYS B 384 15.76 -12.50 -41.65
N LEU B 385 15.04 -11.62 -40.96
CA LEU B 385 14.20 -10.65 -41.65
C LEU B 385 14.83 -9.29 -41.51
N PRO B 386 15.24 -8.62 -42.58
CA PRO B 386 15.88 -7.31 -42.47
C PRO B 386 14.85 -6.24 -42.18
N GLY B 387 15.32 -5.01 -42.02
CA GLY B 387 14.44 -3.92 -41.67
C GLY B 387 13.44 -3.57 -42.74
N LEU B 388 13.80 -3.78 -44.01
CA LEU B 388 12.91 -3.51 -45.13
C LEU B 388 11.81 -4.52 -45.30
N HIS B 389 11.92 -5.66 -44.68
CA HIS B 389 11.02 -6.74 -44.97
C HIS B 389 9.66 -6.48 -44.30
N PRO B 390 8.56 -6.71 -45.02
CA PRO B 390 7.24 -6.43 -44.44
C PRO B 390 6.88 -7.32 -43.28
N ILE B 391 7.37 -8.56 -43.26
CA ILE B 391 7.08 -9.43 -42.13
C ILE B 391 7.83 -8.98 -40.89
N PHE B 392 9.04 -8.42 -41.07
CA PHE B 392 9.75 -7.84 -39.94
C PHE B 392 9.00 -6.63 -39.39
N LYS B 393 8.56 -5.74 -40.28
CA LYS B 393 7.81 -4.55 -39.86
C LYS B 393 6.49 -4.92 -39.25
N PHE B 394 5.95 -6.06 -39.65
CA PHE B 394 4.74 -6.59 -39.05
C PHE B 394 5.00 -7.17 -37.67
N LEU B 395 6.16 -7.80 -37.47
CA LEU B 395 6.44 -8.55 -36.26
C LEU B 395 7.25 -7.82 -35.21
N ILE B 396 8.00 -6.79 -35.59
CA ILE B 396 8.79 -6.02 -34.64
C ILE B 396 7.96 -5.30 -33.56
N PRO B 397 6.67 -4.91 -33.72
CA PRO B 397 5.96 -4.45 -32.52
C PRO B 397 5.61 -5.54 -31.54
N HIS B 398 5.54 -6.78 -31.98
CA HIS B 398 5.09 -7.89 -31.16
C HIS B 398 6.23 -8.66 -30.52
N ILE B 399 7.47 -8.29 -30.79
CA ILE B 399 8.61 -8.98 -30.20
C ILE B 399 9.45 -8.02 -29.35
N ARG B 400 8.86 -6.90 -28.96
CA ARG B 400 9.59 -5.89 -28.21
C ARG B 400 9.75 -6.32 -26.76
N TYR B 401 10.98 -6.15 -26.23
CA TYR B 401 11.42 -6.54 -24.90
C TYR B 401 11.28 -8.03 -24.61
N THR B 402 11.13 -8.88 -25.63
CA THR B 402 10.97 -10.31 -25.38
C THR B 402 12.27 -10.96 -24.97
N MET B 403 13.36 -10.63 -25.67
CA MET B 403 14.66 -11.19 -25.31
C MET B 403 15.15 -10.64 -23.98
N GLU B 404 14.79 -9.39 -23.67
CA GLU B 404 15.17 -8.79 -22.40
C GLU B 404 14.47 -9.49 -21.23
N ILE B 405 13.16 -9.69 -21.34
CA ILE B 405 12.44 -10.35 -20.25
C ILE B 405 12.80 -11.84 -20.18
N ASN B 406 13.12 -12.46 -21.31
CA ASN B 406 13.51 -13.86 -21.28
C ASN B 406 14.90 -14.03 -20.70
N THR B 407 15.82 -13.11 -20.99
CA THR B 407 17.14 -13.14 -20.39
C THR B 407 17.07 -12.86 -18.89
N ARG B 408 16.20 -11.94 -18.48
CA ARG B 408 16.02 -11.70 -17.05
C ARG B 408 15.37 -12.89 -16.37
N ALA B 409 14.51 -13.62 -17.08
CA ALA B 409 13.94 -14.83 -16.52
C ALA B 409 14.97 -15.93 -16.39
N ARG B 410 15.81 -16.12 -17.41
CA ARG B 410 16.85 -17.13 -17.36
C ARG B 410 17.97 -16.75 -16.41
N THR B 411 18.11 -15.47 -16.08
CA THR B 411 19.11 -15.02 -15.12
C THR B 411 18.59 -15.09 -13.69
N GLN B 412 17.32 -14.81 -13.47
CA GLN B 412 16.79 -14.72 -12.13
C GLN B 412 15.65 -15.69 -11.86
N LEU B 413 14.71 -15.83 -12.78
CA LEU B 413 13.48 -16.58 -12.48
C LEU B 413 13.70 -18.07 -12.55
N ILE B 414 14.30 -18.57 -13.63
CA ILE B 414 14.46 -20.00 -13.85
C ILE B 414 15.92 -20.42 -13.88
N SER B 415 16.81 -19.63 -13.28
CA SER B 415 18.21 -19.98 -13.24
C SER B 415 18.45 -21.02 -12.15
N ASP B 416 19.69 -21.50 -12.09
CA ASP B 416 20.08 -22.42 -11.03
C ASP B 416 20.18 -21.65 -9.72
N GLY B 417 19.41 -22.06 -8.72
CA GLY B 417 19.28 -21.28 -7.51
C GLY B 417 18.56 -19.97 -7.75
N GLY B 418 17.59 -19.97 -8.64
CA GLY B 418 16.86 -18.77 -9.00
C GLY B 418 15.59 -18.63 -8.21
N ILE B 419 14.62 -17.96 -8.80
CA ILE B 419 13.33 -17.76 -8.14
C ILE B 419 12.54 -19.06 -8.07
N PHE B 420 12.59 -19.87 -9.14
CA PHE B 420 11.84 -21.11 -9.17
C PHE B 420 12.49 -22.17 -8.30
N ASP B 421 13.80 -22.10 -8.12
CA ASP B 421 14.45 -23.06 -7.23
C ASP B 421 14.14 -22.79 -5.78
N LYS B 422 13.76 -21.57 -5.44
CA LYS B 422 13.43 -21.24 -4.06
C LYS B 422 11.94 -21.16 -3.79
N ALA B 423 11.10 -21.21 -4.82
CA ALA B 423 9.67 -21.06 -4.59
C ALA B 423 8.82 -22.23 -5.05
N VAL B 424 9.14 -22.84 -6.18
CA VAL B 424 8.24 -23.72 -6.91
C VAL B 424 8.73 -25.16 -6.81
N SER B 425 7.81 -26.11 -6.63
CA SER B 425 8.17 -27.51 -6.42
C SER B 425 8.81 -28.15 -7.64
N THR B 426 8.56 -27.63 -8.84
CA THR B 426 9.29 -28.14 -10.00
C THR B 426 10.67 -27.52 -10.15
N GLY B 427 11.01 -26.54 -9.32
CA GLY B 427 12.31 -25.92 -9.40
C GLY B 427 13.42 -26.81 -8.89
N GLY B 428 14.63 -26.30 -8.99
CA GLY B 428 15.79 -27.05 -8.58
C GLY B 428 16.32 -28.03 -9.59
N GLY B 429 15.76 -28.04 -10.80
CA GLY B 429 16.25 -28.93 -11.83
C GLY B 429 15.15 -29.64 -12.58
N GLY B 430 14.04 -29.90 -11.87
CA GLY B 430 12.93 -30.59 -12.50
C GLY B 430 12.17 -29.74 -13.46
N HIS B 431 12.25 -28.41 -13.33
CA HIS B 431 11.58 -27.53 -14.28
C HIS B 431 12.25 -27.57 -15.64
N VAL B 432 13.56 -27.83 -15.67
CA VAL B 432 14.26 -28.04 -16.93
C VAL B 432 13.77 -29.31 -17.61
N GLN B 433 13.60 -30.37 -16.84
CA GLN B 433 13.07 -31.62 -17.39
C GLN B 433 11.63 -31.46 -17.85
N LEU B 434 10.85 -30.67 -17.11
CA LEU B 434 9.48 -30.37 -17.53
C LEU B 434 9.46 -29.53 -18.79
N LEU B 435 10.40 -28.61 -18.93
CA LEU B 435 10.53 -27.82 -20.15
C LEU B 435 10.93 -28.69 -21.33
N ARG B 436 11.82 -29.66 -21.10
CA ARG B 436 12.18 -30.60 -22.15
C ARG B 436 10.99 -31.44 -22.59
N ARG B 437 10.22 -31.93 -21.63
CA ARG B 437 9.04 -32.73 -21.94
C ARG B 437 7.95 -31.90 -22.60
N ALA B 438 7.83 -30.63 -22.22
CA ALA B 438 6.84 -29.76 -22.81
C ALA B 438 7.23 -29.33 -24.22
N ALA B 439 8.52 -29.11 -24.45
CA ALA B 439 9.01 -28.82 -25.79
C ALA B 439 8.99 -30.05 -26.68
N ALA B 440 8.97 -31.24 -26.09
CA ALA B 440 8.73 -32.44 -26.87
C ALA B 440 7.32 -32.45 -27.46
N GLN B 441 6.34 -31.97 -26.69
CA GLN B 441 4.96 -31.93 -27.14
C GLN B 441 4.50 -30.53 -27.54
N LEU B 442 5.43 -29.59 -27.67
CA LEU B 442 5.09 -28.26 -28.17
C LEU B 442 4.80 -28.38 -29.65
N THR B 443 3.52 -28.40 -30.01
CA THR B 443 3.17 -28.57 -31.40
C THR B 443 2.66 -27.26 -31.96
N TYR B 444 2.75 -27.15 -33.29
CA TYR B 444 2.18 -26.00 -33.97
C TYR B 444 0.66 -26.00 -33.90
N CYS B 445 0.06 -27.17 -33.76
CA CYS B 445 -1.37 -27.27 -33.51
C CYS B 445 -1.76 -26.64 -32.18
N SER B 446 -0.91 -26.82 -31.16
CA SER B 446 -1.23 -26.35 -29.82
C SER B 446 -1.15 -24.84 -29.69
N LEU B 447 -0.40 -24.18 -30.54
CA LEU B 447 -0.25 -22.72 -30.48
C LEU B 447 -1.31 -21.99 -31.28
N CYS B 448 -2.16 -22.70 -31.99
CA CYS B 448 -3.23 -22.10 -32.77
C CYS B 448 -4.58 -22.50 -32.18
N PRO B 449 -5.35 -21.55 -31.64
CA PRO B 449 -6.65 -21.89 -31.02
C PRO B 449 -7.68 -22.53 -31.94
N PRO B 450 -7.80 -22.20 -33.23
CA PRO B 450 -8.71 -23.00 -34.06
C PRO B 450 -8.26 -24.43 -34.26
N ASP B 451 -6.99 -24.73 -34.03
CA ASP B 451 -6.48 -26.09 -34.04
C ASP B 451 -6.41 -26.67 -32.64
N ASP B 452 -6.02 -25.87 -31.64
CA ASP B 452 -5.87 -26.37 -30.29
C ASP B 452 -7.23 -26.66 -29.66
N LEU B 453 -8.17 -25.73 -29.80
CA LEU B 453 -9.49 -25.91 -29.21
C LEU B 453 -10.31 -26.94 -29.96
N ALA B 454 -10.05 -27.13 -31.24
CA ALA B 454 -10.72 -28.19 -31.98
C ALA B 454 -10.11 -29.55 -31.65
N ASP B 455 -8.79 -29.60 -31.43
CA ASP B 455 -8.16 -30.84 -30.99
C ASP B 455 -8.58 -31.21 -29.57
N ARG B 456 -8.75 -30.21 -28.72
CA ARG B 456 -9.22 -30.43 -27.36
C ARG B 456 -10.73 -30.53 -27.27
N GLY B 457 -11.43 -30.28 -28.37
CA GLY B 457 -12.88 -30.36 -28.39
C GLY B 457 -13.56 -29.29 -27.58
N LEU B 458 -12.99 -28.08 -27.55
CA LEU B 458 -13.60 -26.97 -26.85
C LEU B 458 -14.33 -26.02 -27.78
N LEU B 459 -14.43 -26.38 -29.07
CA LEU B 459 -15.25 -25.62 -30.01
C LEU B 459 -16.72 -25.78 -29.70
N GLY B 460 -17.45 -24.68 -29.79
CA GLY B 460 -18.89 -24.71 -29.58
C GLY B 460 -19.31 -24.80 -28.14
N LEU B 461 -18.36 -24.78 -27.21
CA LEU B 461 -18.68 -24.87 -25.80
C LEU B 461 -19.14 -23.49 -25.35
N PRO B 462 -20.36 -23.35 -24.81
CA PRO B 462 -20.85 -22.00 -24.47
C PRO B 462 -20.16 -21.39 -23.26
N GLY B 463 -19.87 -22.18 -22.25
CA GLY B 463 -19.21 -21.65 -21.08
C GLY B 463 -17.73 -21.40 -21.23
N ALA B 464 -17.14 -21.88 -22.32
CA ALA B 464 -15.72 -21.70 -22.58
C ALA B 464 -15.51 -20.29 -23.11
N LEU B 465 -15.39 -19.35 -22.16
CA LEU B 465 -15.19 -17.96 -22.53
C LEU B 465 -13.80 -17.70 -23.05
N TYR B 466 -12.79 -18.41 -22.53
CA TYR B 466 -11.45 -18.30 -23.12
C TYR B 466 -11.46 -18.76 -24.55
N ALA B 467 -12.12 -19.87 -24.83
CA ALA B 467 -12.13 -20.43 -26.16
C ALA B 467 -12.86 -19.51 -27.13
N HIS B 468 -13.97 -18.93 -26.69
CA HIS B 468 -14.71 -18.00 -27.53
C HIS B 468 -13.89 -16.75 -27.82
N ASP B 469 -13.27 -16.19 -26.78
CA ASP B 469 -12.45 -14.98 -26.95
C ASP B 469 -11.21 -15.24 -27.77
N ALA B 470 -10.60 -16.41 -27.59
CA ALA B 470 -9.38 -16.75 -28.32
C ALA B 470 -9.66 -17.02 -29.78
N LEU B 471 -10.81 -17.63 -30.07
CA LEU B 471 -11.22 -17.82 -31.46
C LEU B 471 -11.56 -16.50 -32.13
N ARG B 472 -12.24 -15.60 -31.42
CA ARG B 472 -12.55 -14.28 -31.96
C ARG B 472 -11.27 -13.48 -32.21
N LEU B 473 -10.31 -13.58 -31.28
CA LEU B 473 -9.01 -12.95 -31.45
C LEU B 473 -8.25 -13.57 -32.60
N TRP B 474 -8.38 -14.87 -32.81
CA TRP B 474 -7.73 -15.49 -33.94
C TRP B 474 -8.30 -14.99 -35.24
N GLU B 475 -9.62 -14.80 -35.31
CA GLU B 475 -10.22 -14.22 -36.51
C GLU B 475 -9.72 -12.81 -36.76
N ILE B 476 -9.63 -12.00 -35.70
CA ILE B 476 -9.21 -10.61 -35.85
C ILE B 476 -7.73 -10.52 -36.20
N ILE B 477 -6.89 -11.29 -35.52
CA ILE B 477 -5.46 -11.30 -35.77
C ILE B 477 -5.18 -11.91 -37.14
N ALA B 478 -5.97 -12.90 -37.55
CA ALA B 478 -5.83 -13.47 -38.88
C ALA B 478 -6.26 -12.50 -39.96
N ARG B 479 -7.27 -11.68 -39.69
CA ARG B 479 -7.63 -10.61 -40.61
C ARG B 479 -6.50 -9.59 -40.74
N TYR B 480 -5.86 -9.25 -39.61
CA TYR B 480 -4.70 -8.37 -39.61
C TYR B 480 -3.53 -8.96 -40.39
N VAL B 481 -3.27 -10.25 -40.19
CA VAL B 481 -2.15 -10.92 -40.84
C VAL B 481 -2.40 -11.04 -42.33
N GLU B 482 -3.61 -11.46 -42.72
CA GLU B 482 -3.96 -11.58 -44.13
C GLU B 482 -3.95 -10.23 -44.81
N GLY B 483 -4.43 -9.19 -44.13
CA GLY B 483 -4.40 -7.86 -44.68
C GLY B 483 -2.99 -7.36 -44.92
N ILE B 484 -2.07 -7.66 -44.00
CA ILE B 484 -0.67 -7.28 -44.22
C ILE B 484 -0.04 -8.11 -45.32
N VAL B 485 -0.27 -9.43 -45.29
CA VAL B 485 0.45 -10.35 -46.16
C VAL B 485 0.01 -10.19 -47.61
N HIS B 486 -1.30 -10.00 -47.85
CA HIS B 486 -1.79 -9.93 -49.22
C HIS B 486 -1.39 -8.64 -49.92
N LEU B 487 -0.97 -7.62 -49.17
CA LEU B 487 -0.39 -6.44 -49.81
C LEU B 487 0.97 -6.73 -50.40
N PHE B 488 1.78 -7.54 -49.73
CA PHE B 488 3.14 -7.79 -50.15
C PHE B 488 3.36 -9.15 -50.80
N TYR B 489 2.54 -10.13 -50.46
CA TYR B 489 2.56 -11.44 -51.10
C TYR B 489 1.22 -11.59 -51.80
N GLN B 490 1.17 -11.32 -53.10
CA GLN B 490 -0.08 -11.46 -53.83
C GLN B 490 -0.29 -12.85 -54.40
N ARG B 491 0.77 -13.65 -54.50
CA ARG B 491 0.68 -14.98 -55.06
C ARG B 491 1.49 -15.92 -54.20
N ASP B 492 1.30 -17.23 -54.44
CA ASP B 492 2.01 -18.23 -53.65
C ASP B 492 3.48 -18.33 -54.03
N ASP B 493 3.82 -18.11 -55.31
CA ASP B 493 5.23 -18.17 -55.71
C ASP B 493 6.02 -16.98 -55.21
N ILE B 494 5.36 -15.87 -54.87
CA ILE B 494 6.03 -14.78 -54.19
C ILE B 494 6.41 -15.20 -52.77
N VAL B 495 5.55 -16.00 -52.12
CA VAL B 495 5.86 -16.54 -50.81
C VAL B 495 6.96 -17.59 -50.91
N LYS B 496 6.92 -18.43 -51.94
CA LYS B 496 7.96 -19.43 -52.15
C LYS B 496 9.30 -18.81 -52.51
N GLY B 497 9.28 -17.76 -53.33
CA GLY B 497 10.47 -17.14 -53.85
C GLY B 497 11.12 -16.13 -52.95
N ASP B 498 10.63 -15.96 -51.74
CA ASP B 498 11.18 -15.03 -50.76
C ASP B 498 12.21 -15.78 -49.91
N PRO B 499 13.50 -15.58 -50.14
CA PRO B 499 14.50 -16.37 -49.41
C PRO B 499 14.65 -15.97 -47.96
N GLU B 500 14.43 -14.69 -47.64
CA GLU B 500 14.50 -14.27 -46.26
C GLU B 500 13.33 -14.81 -45.45
N LEU B 501 12.17 -14.93 -46.07
CA LEU B 501 11.02 -15.53 -45.41
C LEU B 501 11.24 -17.02 -45.13
N GLN B 502 11.80 -17.75 -46.10
CA GLN B 502 12.07 -19.17 -45.87
C GLN B 502 13.21 -19.36 -44.88
N ALA B 503 14.20 -18.45 -44.88
CA ALA B 503 15.26 -18.50 -43.90
C ALA B 503 14.73 -18.22 -42.51
N TRP B 504 13.80 -17.29 -42.39
CA TRP B 504 13.17 -17.00 -41.12
C TRP B 504 12.33 -18.18 -40.65
N CYS B 505 11.68 -18.86 -41.58
CA CYS B 505 10.88 -20.03 -41.26
C CYS B 505 11.76 -21.18 -40.75
N ARG B 506 12.87 -21.45 -41.42
CA ARG B 506 13.76 -22.51 -40.93
C ARG B 506 14.49 -22.10 -39.67
N GLU B 507 14.75 -20.81 -39.48
CA GLU B 507 15.38 -20.33 -38.26
C GLU B 507 14.44 -20.47 -37.08
N ILE B 508 13.13 -20.38 -37.31
CA ILE B 508 12.18 -20.69 -36.25
C ILE B 508 12.12 -22.19 -36.04
N THR B 509 11.88 -22.94 -37.11
CA THR B 509 11.59 -24.37 -36.98
C THR B 509 12.85 -25.19 -36.75
N GLU B 510 13.78 -25.16 -37.69
CA GLU B 510 14.93 -26.05 -37.61
C GLU B 510 15.94 -25.58 -36.58
N VAL B 511 16.10 -24.28 -36.39
CA VAL B 511 17.16 -23.78 -35.52
C VAL B 511 16.60 -23.38 -34.16
N GLY B 512 15.66 -22.45 -34.16
CA GLY B 512 15.19 -21.89 -32.90
C GLY B 512 14.40 -22.85 -32.06
N LEU B 513 13.50 -23.63 -32.67
CA LEU B 513 12.69 -24.59 -31.95
C LEU B 513 13.28 -25.98 -31.98
N CYS B 514 14.53 -26.10 -32.46
CA CYS B 514 15.33 -27.33 -32.46
C CYS B 514 14.62 -28.46 -33.22
N GLN B 515 14.50 -28.22 -34.53
CA GLN B 515 13.98 -29.17 -35.52
C GLN B 515 12.55 -29.59 -35.17
N ALA B 516 11.66 -28.60 -35.17
CA ALA B 516 10.28 -28.80 -34.79
C ALA B 516 9.37 -29.17 -35.95
N GLN B 517 9.94 -29.57 -37.10
CA GLN B 517 9.11 -29.99 -38.22
C GLN B 517 8.38 -31.30 -37.94
N ASP B 518 8.91 -32.13 -37.03
CA ASP B 518 8.17 -33.30 -36.57
C ASP B 518 7.07 -32.94 -35.58
N ARG B 519 7.04 -31.70 -35.10
CA ARG B 519 6.00 -31.21 -34.22
C ARG B 519 5.03 -30.29 -34.93
N GLY B 520 4.92 -30.42 -36.25
CA GLY B 520 3.93 -29.69 -37.00
C GLY B 520 4.35 -28.30 -37.46
N PHE B 521 5.48 -27.81 -37.02
CA PHE B 521 5.95 -26.50 -37.46
C PHE B 521 6.46 -26.59 -38.89
N PRO B 522 6.15 -25.59 -39.73
CA PRO B 522 6.55 -25.68 -41.14
C PRO B 522 8.03 -25.44 -41.32
N VAL B 523 8.62 -26.22 -42.23
CA VAL B 523 10.01 -26.00 -42.60
C VAL B 523 10.10 -24.83 -43.59
N SER B 524 9.13 -24.72 -44.49
CA SER B 524 9.10 -23.66 -45.48
C SER B 524 7.65 -23.22 -45.68
N PHE B 525 7.49 -22.06 -46.30
CA PHE B 525 6.19 -21.53 -46.64
C PHE B 525 5.94 -21.76 -48.11
N GLN B 526 4.82 -22.40 -48.44
CA GLN B 526 4.52 -22.74 -49.81
C GLN B 526 3.28 -22.04 -50.34
N SER B 527 2.61 -21.23 -49.51
CA SER B 527 1.40 -20.56 -49.93
C SER B 527 1.23 -19.31 -49.10
N GLN B 528 0.29 -18.47 -49.53
CA GLN B 528 -0.09 -17.30 -48.75
C GLN B 528 -0.72 -17.73 -47.44
N SER B 529 -1.59 -18.74 -47.46
CA SER B 529 -2.37 -19.11 -46.29
C SER B 529 -1.51 -19.79 -45.24
N GLN B 530 -0.47 -20.52 -45.65
CA GLN B 530 0.44 -21.13 -44.69
C GLN B 530 1.21 -20.07 -43.92
N LEU B 531 1.73 -19.07 -44.63
CA LEU B 531 2.41 -17.96 -43.99
C LEU B 531 1.45 -17.15 -43.14
N CYS B 532 0.21 -16.99 -43.60
CA CYS B 532 -0.79 -16.25 -42.82
C CYS B 532 -1.13 -16.97 -41.53
N HIS B 533 -1.27 -18.30 -41.59
CA HIS B 533 -1.52 -19.08 -40.40
C HIS B 533 -0.35 -19.03 -39.43
N PHE B 534 0.87 -19.10 -39.96
CA PHE B 534 2.06 -19.03 -39.12
C PHE B 534 2.20 -17.68 -38.44
N LEU B 535 1.98 -16.60 -39.18
CA LEU B 535 2.10 -15.28 -38.60
C LEU B 535 0.96 -14.98 -37.64
N THR B 536 -0.22 -15.53 -37.89
CA THR B 536 -1.31 -15.44 -36.93
C THR B 536 -0.96 -16.19 -35.66
N MET B 537 -0.30 -17.34 -35.78
CA MET B 537 0.18 -18.07 -34.61
C MET B 537 1.21 -17.25 -33.86
N CYS B 538 2.11 -16.58 -34.59
CA CYS B 538 3.16 -15.79 -33.97
C CYS B 538 2.59 -14.61 -33.21
N VAL B 539 1.67 -13.87 -33.83
CA VAL B 539 1.08 -12.71 -33.18
C VAL B 539 0.18 -13.14 -32.01
N PHE B 540 -0.55 -14.25 -32.18
CA PHE B 540 -1.38 -14.74 -31.09
C PHE B 540 -0.55 -15.22 -29.90
N THR B 541 0.57 -15.90 -30.16
CA THR B 541 1.46 -16.33 -29.11
C THR B 541 2.10 -15.15 -28.41
N CYS B 542 2.52 -14.15 -29.16
CA CYS B 542 3.22 -13.01 -28.59
C CYS B 542 2.27 -12.09 -27.85
N THR B 543 1.00 -12.01 -28.26
CA THR B 543 0.09 -11.05 -27.67
C THR B 543 -1.05 -11.69 -26.91
N ALA B 544 -1.87 -12.50 -27.59
CA ALA B 544 -3.14 -12.90 -26.99
C ALA B 544 -2.97 -14.09 -26.07
N GLN B 545 -2.21 -15.09 -26.49
CA GLN B 545 -2.00 -16.26 -25.67
C GLN B 545 -1.21 -15.92 -24.41
N HIS B 546 -0.24 -15.02 -24.54
CA HIS B 546 0.50 -14.58 -23.37
C HIS B 546 -0.39 -13.82 -22.41
N ALA B 547 -1.32 -13.00 -22.93
CA ALA B 547 -2.26 -12.29 -22.07
C ALA B 547 -3.18 -13.25 -21.33
N ALA B 548 -3.70 -14.26 -22.04
CA ALA B 548 -4.57 -15.24 -21.43
C ALA B 548 -3.85 -16.10 -20.40
N ILE B 549 -2.55 -16.35 -20.61
CA ILE B 549 -1.80 -17.19 -19.71
C ILE B 549 -1.13 -16.37 -18.62
N ASN B 550 -1.09 -15.05 -18.74
CA ASN B 550 -0.37 -14.19 -17.84
C ASN B 550 -1.27 -13.36 -16.92
N GLN B 551 -2.46 -12.98 -17.35
CA GLN B 551 -3.27 -12.19 -16.46
C GLN B 551 -3.97 -13.01 -15.38
N GLY B 552 -3.86 -14.33 -15.43
CA GLY B 552 -4.50 -15.18 -14.44
C GLY B 552 -3.85 -15.21 -13.07
N GLN B 553 -2.58 -14.86 -12.94
CA GLN B 553 -1.94 -14.96 -11.63
C GLN B 553 -2.26 -13.80 -10.71
N LEU B 554 -2.98 -12.79 -11.20
CA LEU B 554 -3.33 -11.68 -10.33
C LEU B 554 -4.44 -12.06 -9.38
N ASP B 555 -5.43 -12.79 -9.88
CA ASP B 555 -6.62 -13.14 -9.11
C ASP B 555 -6.77 -14.61 -8.79
N TRP B 556 -6.51 -15.52 -9.73
CA TRP B 556 -6.65 -16.94 -9.40
C TRP B 556 -5.52 -17.44 -8.53
N TYR B 557 -4.34 -16.88 -8.66
CA TYR B 557 -3.19 -17.41 -7.96
C TYR B 557 -2.80 -16.56 -6.77
N ALA B 558 -3.52 -15.46 -6.53
CA ALA B 558 -3.27 -14.67 -5.34
C ALA B 558 -3.67 -15.41 -4.08
N TRP B 559 -4.65 -16.28 -4.19
CA TRP B 559 -5.02 -17.16 -3.10
C TRP B 559 -4.18 -18.43 -3.23
N VAL B 560 -3.28 -18.64 -2.27
CA VAL B 560 -2.38 -19.80 -2.33
C VAL B 560 -3.10 -21.14 -2.29
N PRO B 561 -4.14 -21.37 -1.47
CA PRO B 561 -4.87 -22.65 -1.61
C PRO B 561 -5.57 -22.84 -2.95
N ASN B 562 -5.83 -21.78 -3.71
CA ASN B 562 -6.40 -21.95 -5.04
C ASN B 562 -5.38 -22.50 -6.01
N ALA B 563 -4.09 -22.25 -5.79
CA ALA B 563 -3.03 -22.83 -6.60
C ALA B 563 -1.73 -22.82 -5.83
N PRO B 564 -1.40 -23.91 -5.13
CA PRO B 564 -0.15 -23.94 -4.37
C PRO B 564 1.05 -24.01 -5.30
N CYS B 565 2.10 -23.27 -4.94
CA CYS B 565 3.32 -23.31 -5.72
C CYS B 565 4.08 -24.60 -5.47
N THR B 566 3.88 -25.19 -4.30
CA THR B 566 4.57 -26.39 -3.91
C THR B 566 3.68 -27.16 -2.95
N MET B 567 4.05 -28.42 -2.73
CA MET B 567 3.40 -29.23 -1.71
C MET B 567 4.46 -29.89 -0.85
N ARG B 568 4.32 -29.78 0.46
CA ARG B 568 5.33 -30.25 1.38
C ARG B 568 5.13 -31.68 1.86
N MET B 569 4.05 -32.32 1.49
CA MET B 569 3.75 -33.68 1.91
C MET B 569 3.49 -34.49 0.66
N PRO B 570 3.67 -35.81 0.72
CA PRO B 570 3.33 -36.66 -0.42
C PRO B 570 1.83 -36.63 -0.68
N PRO B 571 1.40 -36.95 -1.90
CA PRO B 571 -0.03 -36.98 -2.19
C PRO B 571 -0.71 -38.08 -1.38
N PRO B 572 -1.96 -37.86 -0.98
CA PRO B 572 -2.64 -38.85 -0.15
C PRO B 572 -2.99 -40.10 -0.92
N THR B 573 -2.99 -41.22 -0.19
CA THR B 573 -3.39 -42.49 -0.75
C THR B 573 -4.67 -43.04 -0.14
N THR B 574 -4.99 -42.65 1.09
CA THR B 574 -6.23 -43.04 1.76
C THR B 574 -7.02 -41.78 2.09
N LYS B 575 -8.32 -41.84 1.87
CA LYS B 575 -9.17 -40.66 2.04
C LYS B 575 -9.47 -40.38 3.51
N GLU B 576 -9.64 -41.42 4.31
CA GLU B 576 -10.09 -41.23 5.69
C GLU B 576 -9.01 -40.67 6.60
N ASP B 577 -7.74 -40.84 6.23
CA ASP B 577 -6.63 -40.32 7.02
C ASP B 577 -6.34 -38.85 6.74
N VAL B 578 -7.05 -38.24 5.80
CA VAL B 578 -6.85 -36.83 5.49
C VAL B 578 -7.60 -35.99 6.51
N THR B 579 -6.86 -35.24 7.30
CA THR B 579 -7.41 -34.30 8.26
C THR B 579 -6.99 -32.89 7.85
N MET B 580 -7.29 -31.91 8.70
CA MET B 580 -6.85 -30.55 8.41
C MET B 580 -5.35 -30.42 8.58
N ALA B 581 -4.76 -31.27 9.42
CA ALA B 581 -3.31 -31.27 9.58
C ALA B 581 -2.63 -31.76 8.31
N THR B 582 -3.22 -32.76 7.65
CA THR B 582 -2.68 -33.24 6.38
C THR B 582 -2.80 -32.20 5.28
N VAL B 583 -3.97 -31.55 5.20
CA VAL B 583 -4.21 -30.50 4.20
C VAL B 583 -3.28 -29.32 4.45
N MET B 584 -3.13 -28.91 5.70
CA MET B 584 -2.28 -27.78 6.03
C MET B 584 -0.80 -28.11 5.90
N GLY B 585 -0.42 -29.37 6.14
CA GLY B 585 0.96 -29.77 5.95
C GLY B 585 1.32 -29.92 4.49
N SER B 586 0.36 -30.34 3.67
CA SER B 586 0.61 -30.39 2.23
C SER B 586 0.63 -29.00 1.63
N LEU B 587 -0.24 -28.11 2.09
CA LEU B 587 -0.24 -26.74 1.62
C LEU B 587 1.04 -26.03 2.06
N PRO B 588 1.53 -25.04 1.30
CA PRO B 588 2.81 -24.41 1.62
C PRO B 588 2.79 -23.64 2.94
N ASP B 589 3.97 -23.50 3.54
CA ASP B 589 4.11 -22.78 4.80
C ASP B 589 4.12 -21.28 4.53
N VAL B 590 4.47 -20.47 5.55
CA VAL B 590 4.40 -19.02 5.42
C VAL B 590 5.43 -18.51 4.42
N ARG B 591 6.61 -19.13 4.38
CA ARG B 591 7.66 -18.65 3.51
C ARG B 591 7.33 -18.95 2.05
N GLN B 592 6.88 -20.17 1.78
CA GLN B 592 6.55 -20.55 0.41
C GLN B 592 5.30 -19.83 -0.08
N ALA B 593 4.27 -19.70 0.77
CA ALA B 593 3.04 -19.03 0.36
C ALA B 593 3.25 -17.53 0.19
N CYS B 594 3.96 -16.89 1.12
CA CYS B 594 4.23 -15.46 0.97
C CYS B 594 5.16 -15.20 -0.19
N LEU B 595 6.12 -16.10 -0.44
CA LEU B 595 6.97 -15.97 -1.62
C LEU B 595 6.17 -16.11 -2.89
N GLN B 596 5.23 -17.06 -2.93
CA GLN B 596 4.39 -17.24 -4.11
C GLN B 596 3.51 -16.03 -4.36
N MET B 597 2.92 -15.47 -3.31
CA MET B 597 2.13 -14.26 -3.47
C MET B 597 2.99 -13.06 -3.86
N ALA B 598 4.22 -13.00 -3.36
CA ALA B 598 5.14 -11.92 -3.71
C ALA B 598 5.50 -11.96 -5.18
N ILE B 599 5.80 -13.16 -5.69
CA ILE B 599 6.12 -13.34 -7.10
C ILE B 599 4.90 -13.12 -7.98
N SER B 600 3.73 -13.61 -7.56
CA SER B 600 2.51 -13.44 -8.34
C SER B 600 2.06 -11.98 -8.38
N TRP B 601 2.34 -11.24 -7.31
CA TRP B 601 2.04 -9.82 -7.26
C TRP B 601 3.07 -9.00 -8.04
N HIS B 602 4.32 -9.44 -8.05
CA HIS B 602 5.37 -8.70 -8.72
C HIS B 602 5.32 -8.92 -10.22
N LEU B 603 4.88 -10.09 -10.67
CA LEU B 603 4.82 -10.40 -12.09
C LEU B 603 3.54 -9.94 -12.76
N SER B 604 2.41 -9.96 -12.07
CA SER B 604 1.13 -9.66 -12.69
C SER B 604 0.67 -8.23 -12.46
N ARG B 605 1.52 -7.38 -11.90
CA ARG B 605 1.16 -5.97 -11.72
C ARG B 605 1.17 -5.24 -13.06
N ARG B 606 0.37 -4.18 -13.14
CA ARG B 606 0.24 -3.41 -14.37
C ARG B 606 1.38 -2.39 -14.47
N GLN B 607 2.24 -2.58 -15.46
CA GLN B 607 3.33 -1.66 -15.71
C GLN B 607 2.81 -0.40 -16.40
N PRO B 608 3.43 0.77 -16.13
CA PRO B 608 2.96 2.01 -16.76
C PRO B 608 3.27 2.12 -18.25
N ASP B 609 4.23 1.38 -18.77
CA ASP B 609 4.59 1.43 -20.19
C ASP B 609 3.90 0.35 -21.01
N MET B 610 2.68 -0.03 -20.63
CA MET B 610 1.94 -1.07 -21.32
C MET B 610 1.38 -0.57 -22.63
N VAL B 611 1.68 -1.28 -23.71
CA VAL B 611 1.14 -1.00 -25.04
C VAL B 611 0.06 -2.03 -25.32
N PRO B 612 -1.18 -1.63 -25.59
CA PRO B 612 -2.22 -2.61 -25.93
C PRO B 612 -1.98 -3.21 -27.29
N LEU B 613 -2.72 -4.28 -27.57
CA LEU B 613 -2.56 -4.99 -28.83
C LEU B 613 -3.01 -4.13 -30.00
N GLY B 614 -2.15 -4.00 -31.00
CA GLY B 614 -2.43 -3.22 -32.17
C GLY B 614 -2.26 -1.72 -32.01
N HIS B 615 -1.85 -1.26 -30.83
CA HIS B 615 -1.75 0.17 -30.56
C HIS B 615 -0.31 0.62 -30.37
N HIS B 616 0.62 -0.01 -31.07
CA HIS B 616 1.99 0.45 -31.06
C HIS B 616 2.11 1.75 -31.83
N LYS B 617 2.86 2.69 -31.28
CA LYS B 617 3.05 3.99 -31.89
C LYS B 617 4.18 4.02 -32.89
N GLU B 618 4.88 2.91 -33.06
CA GLU B 618 5.95 2.81 -34.03
C GLU B 618 5.37 2.67 -35.43
N LYS B 619 5.74 3.57 -36.32
CA LYS B 619 5.29 3.55 -37.71
C LYS B 619 6.42 2.96 -38.54
N TYR B 620 6.45 1.63 -38.62
CA TYR B 620 7.46 0.97 -39.47
C TYR B 620 7.03 0.98 -40.93
N PHE B 621 5.78 0.61 -41.19
CA PHE B 621 5.24 0.70 -42.53
C PHE B 621 5.00 2.15 -42.90
N SER B 622 5.19 2.46 -44.17
CA SER B 622 4.97 3.81 -44.67
C SER B 622 3.82 3.90 -45.66
N GLY B 623 3.40 2.80 -46.24
CA GLY B 623 2.26 2.81 -47.14
C GLY B 623 0.97 3.01 -46.39
N PRO B 624 -0.01 3.65 -47.04
CA PRO B 624 -1.31 3.85 -46.39
C PRO B 624 -2.11 2.58 -46.22
N LYS B 625 -1.85 1.56 -47.01
CA LYS B 625 -2.63 0.33 -46.96
C LYS B 625 -2.24 -0.60 -45.80
N PRO B 626 -0.94 -0.79 -45.45
CA PRO B 626 -0.67 -1.44 -44.16
C PRO B 626 -1.17 -0.67 -42.96
N LYS B 627 -1.18 0.67 -43.03
CA LYS B 627 -1.75 1.45 -41.95
C LYS B 627 -3.26 1.29 -41.87
N ALA B 628 -3.93 1.14 -43.03
CA ALA B 628 -5.35 0.87 -43.04
C ALA B 628 -5.67 -0.51 -42.49
N VAL B 629 -4.79 -1.48 -42.75
CA VAL B 629 -4.95 -2.81 -42.17
C VAL B 629 -4.81 -2.74 -40.65
N LEU B 630 -3.85 -1.94 -40.17
CA LEU B 630 -3.67 -1.77 -38.73
C LEU B 630 -4.87 -1.05 -38.10
N ASN B 631 -5.46 -0.08 -38.80
CA ASN B 631 -6.63 0.60 -38.29
C ASN B 631 -7.85 -0.32 -38.25
N GLN B 632 -8.00 -1.18 -39.25
CA GLN B 632 -9.06 -2.17 -39.22
C GLN B 632 -8.84 -3.18 -38.10
N PHE B 633 -7.59 -3.52 -37.82
CA PHE B 633 -7.26 -4.37 -36.69
C PHE B 633 -7.68 -3.72 -35.38
N ARG B 634 -7.41 -2.42 -35.24
CA ARG B 634 -7.82 -1.68 -34.04
C ARG B 634 -9.33 -1.58 -33.94
N THR B 635 -10.03 -1.37 -35.06
CA THR B 635 -11.49 -1.30 -35.04
C THR B 635 -12.12 -2.64 -34.67
N ASP B 636 -11.57 -3.73 -35.19
CA ASP B 636 -12.07 -5.06 -34.84
C ASP B 636 -11.78 -5.40 -33.39
N LEU B 637 -10.62 -4.97 -32.88
CA LEU B 637 -10.31 -5.20 -31.47
C LEU B 637 -11.22 -4.37 -30.57
N GLU B 638 -11.58 -3.16 -30.99
CA GLU B 638 -12.53 -2.36 -30.23
C GLU B 638 -13.91 -2.99 -30.23
N LYS B 639 -14.33 -3.54 -31.37
CA LYS B 639 -15.61 -4.25 -31.43
C LYS B 639 -15.59 -5.49 -30.56
N LEU B 640 -14.47 -6.22 -30.55
CA LEU B 640 -14.34 -7.39 -29.69
C LEU B 640 -14.34 -7.01 -28.22
N GLU B 641 -13.69 -5.92 -27.86
CA GLU B 641 -13.69 -5.47 -26.48
C GLU B 641 -15.09 -5.06 -26.03
N LYS B 642 -15.84 -4.39 -26.91
CA LYS B 642 -17.23 -4.08 -26.60
C LYS B 642 -18.07 -5.34 -26.43
N GLU B 643 -17.84 -6.35 -27.27
CA GLU B 643 -18.60 -7.59 -27.18
C GLU B 643 -18.27 -8.36 -25.91
N ILE B 644 -16.99 -8.42 -25.55
CA ILE B 644 -16.58 -9.11 -24.33
C ILE B 644 -17.08 -8.38 -23.09
N THR B 645 -17.04 -7.04 -23.11
CA THR B 645 -17.55 -6.25 -22.00
C THR B 645 -19.06 -6.40 -21.85
N ALA B 646 -19.79 -6.42 -22.97
CA ALA B 646 -21.24 -6.61 -22.91
C ALA B 646 -21.60 -8.02 -22.49
N ARG B 647 -20.77 -9.00 -22.83
CA ARG B 647 -20.98 -10.36 -22.36
C ARG B 647 -20.71 -10.47 -20.86
N ASN B 648 -19.70 -9.75 -20.37
CA ASN B 648 -19.22 -9.95 -19.01
C ASN B 648 -20.12 -9.33 -17.95
N GLU B 649 -21.04 -8.43 -18.31
CA GLU B 649 -21.96 -7.90 -17.32
C GLU B 649 -22.97 -8.95 -16.87
N GLN B 650 -23.36 -9.84 -17.77
CA GLN B 650 -24.32 -10.87 -17.43
C GLN B 650 -23.70 -12.05 -16.69
N LEU B 651 -22.38 -12.06 -16.55
CA LEU B 651 -21.66 -13.19 -15.96
C LEU B 651 -21.13 -12.78 -14.60
N ASP B 652 -21.39 -13.62 -13.60
CA ASP B 652 -20.85 -13.38 -12.27
C ASP B 652 -19.37 -13.72 -12.18
N TRP B 653 -18.86 -14.50 -13.14
CA TRP B 653 -17.45 -14.86 -13.22
C TRP B 653 -16.97 -14.45 -14.60
N PRO B 654 -16.66 -13.17 -14.80
CA PRO B 654 -16.31 -12.69 -16.14
C PRO B 654 -14.93 -13.14 -16.56
N TYR B 655 -14.76 -13.28 -17.87
CA TYR B 655 -13.45 -13.57 -18.45
C TYR B 655 -12.95 -12.31 -19.12
N GLU B 656 -12.04 -11.62 -18.44
CA GLU B 656 -11.50 -10.36 -18.91
C GLU B 656 -10.07 -10.49 -19.40
N TYR B 657 -9.57 -11.70 -19.58
CA TYR B 657 -8.15 -11.89 -19.89
C TYR B 657 -7.85 -11.70 -21.36
N LEU B 658 -8.86 -11.68 -22.21
CA LEU B 658 -8.66 -11.50 -23.63
C LEU B 658 -9.40 -10.27 -24.14
N LYS B 659 -9.69 -9.33 -23.26
CA LYS B 659 -10.08 -8.01 -23.70
C LYS B 659 -8.87 -7.36 -24.35
N PRO B 660 -8.99 -6.84 -25.57
CA PRO B 660 -7.82 -6.30 -26.27
C PRO B 660 -7.16 -5.10 -25.60
N SER B 661 -7.86 -4.39 -24.72
CA SER B 661 -7.20 -3.37 -23.93
C SER B 661 -6.27 -3.98 -22.90
N CYS B 662 -6.61 -5.16 -22.39
CA CYS B 662 -5.77 -5.86 -21.45
C CYS B 662 -4.72 -6.71 -22.14
N ILE B 663 -4.84 -6.94 -23.44
CA ILE B 663 -3.84 -7.73 -24.15
C ILE B 663 -2.66 -6.83 -24.47
N GLU B 664 -1.50 -7.20 -23.97
CA GLU B 664 -0.30 -6.43 -24.22
C GLU B 664 0.20 -6.75 -25.63
N ASN B 665 0.86 -5.78 -26.25
CA ASN B 665 1.29 -5.92 -27.64
C ASN B 665 2.46 -6.86 -27.83
N SER B 666 3.13 -7.28 -26.76
CA SER B 666 4.26 -8.20 -26.85
C SER B 666 4.43 -8.89 -25.51
N VAL B 667 5.22 -9.96 -25.51
CA VAL B 667 5.57 -10.67 -24.29
C VAL B 667 6.65 -9.85 -23.60
N THR B 668 6.26 -9.00 -22.65
CA THR B 668 7.22 -8.23 -21.88
C THR B 668 7.29 -8.65 -20.42
N ILE B 669 6.46 -9.58 -19.99
CA ILE B 669 6.47 -9.99 -18.59
C ILE B 669 6.04 -11.45 -18.45
FE FE2 C . -1.72 10.98 20.39
FE FE2 D . 4.54 -13.88 -19.58
#